data_7TPK
# 
_entry.id   7TPK 
# 
_audit_conform.dict_name       mmcif_pdbx.dic 
_audit_conform.dict_version    5.398 
_audit_conform.dict_location   http://mmcif.pdb.org/dictionaries/ascii/mmcif_pdbx.dic 
# 
loop_
_database_2.database_id 
_database_2.database_code 
_database_2.pdbx_database_accession 
_database_2.pdbx_DOI 
PDB   7TPK         pdb_00007tpk 10.2210/pdb7tpk/pdb 
WWPDB D_1000262714 ?            ?                   
EMDB  EMD-26058    ?            ?                   
# 
loop_
_pdbx_audit_revision_history.ordinal 
_pdbx_audit_revision_history.data_content_type 
_pdbx_audit_revision_history.major_revision 
_pdbx_audit_revision_history.minor_revision 
_pdbx_audit_revision_history.revision_date 
1 'Structure model' 1 0 2023-02-08 
2 'Structure model' 2 0 2024-10-02 
3 'Structure model' 2 1 2024-11-06 
# 
loop_
_pdbx_audit_revision_details.ordinal 
_pdbx_audit_revision_details.revision_ordinal 
_pdbx_audit_revision_details.data_content_type 
_pdbx_audit_revision_details.provider 
_pdbx_audit_revision_details.type 
_pdbx_audit_revision_details.description 
_pdbx_audit_revision_details.details 
1 1 'Structure model' repository 'Initial release'        ?                    ? 
2 2 'Structure model' author     'Coordinate replacement' 'Model completeness' ? 
# 
loop_
_pdbx_audit_revision_group.ordinal 
_pdbx_audit_revision_group.revision_ordinal 
_pdbx_audit_revision_group.data_content_type 
_pdbx_audit_revision_group.group 
1 2 'Structure model' Advisory                     
2 2 'Structure model' 'Atomic model'               
3 2 'Structure model' 'Author supporting evidence' 
4 2 'Structure model' 'Data collection'            
5 2 'Structure model' 'Derived calculations'       
6 2 'Structure model' 'Structure summary'          
7 3 'Structure model' 'Data collection'            
8 3 'Structure model' 'Structure summary'          
# 
loop_
_pdbx_audit_revision_category.ordinal 
_pdbx_audit_revision_category.revision_ordinal 
_pdbx_audit_revision_category.data_content_type 
_pdbx_audit_revision_category.category 
1  2 'Structure model' atom_site                    
2  2 'Structure model' chem_comp_atom               
3  2 'Structure model' chem_comp_bond               
4  2 'Structure model' em_admin                     
5  2 'Structure model' em_software                  
6  2 'Structure model' pdbx_contact_author          
7  2 'Structure model' pdbx_entity_instance_feature 
8  2 'Structure model' pdbx_entry_details           
9  2 'Structure model' pdbx_struct_sheet_hbond      
10 2 'Structure model' pdbx_unobs_or_zero_occ_atoms 
11 2 'Structure model' pdbx_validate_close_contact  
12 2 'Structure model' pdbx_validate_planes         
13 2 'Structure model' pdbx_validate_rmsd_angle     
14 2 'Structure model' pdbx_validate_torsion        
15 2 'Structure model' struct_conf                  
16 2 'Structure model' struct_conn                  
17 2 'Structure model' struct_sheet_range           
18 3 'Structure model' em_admin                     
19 3 'Structure model' pdbx_entry_details           
20 3 'Structure model' pdbx_modification_feature    
# 
loop_
_pdbx_audit_revision_item.ordinal 
_pdbx_audit_revision_item.revision_ordinal 
_pdbx_audit_revision_item.data_content_type 
_pdbx_audit_revision_item.item 
1  2 'Structure model' '_em_admin.last_update'                          
2  2 'Structure model' '_pdbx_entry_details.has_ligand_of_interest'     
3  2 'Structure model' '_pdbx_struct_sheet_hbond.range_1_auth_comp_id'  
4  2 'Structure model' '_pdbx_struct_sheet_hbond.range_1_auth_seq_id'   
5  2 'Structure model' '_pdbx_struct_sheet_hbond.range_1_label_comp_id' 
6  2 'Structure model' '_pdbx_struct_sheet_hbond.range_1_label_seq_id'  
7  2 'Structure model' '_pdbx_struct_sheet_hbond.range_2_auth_comp_id'  
8  2 'Structure model' '_pdbx_struct_sheet_hbond.range_2_auth_seq_id'   
9  2 'Structure model' '_pdbx_struct_sheet_hbond.range_2_label_comp_id' 
10 2 'Structure model' '_pdbx_struct_sheet_hbond.range_2_label_seq_id'  
11 2 'Structure model' '_struct_conn.pdbx_dist_value'                   
12 2 'Structure model' '_struct_sheet_range.beg_auth_comp_id'           
13 2 'Structure model' '_struct_sheet_range.beg_auth_seq_id'            
14 2 'Structure model' '_struct_sheet_range.beg_label_comp_id'          
15 2 'Structure model' '_struct_sheet_range.beg_label_seq_id'           
16 2 'Structure model' '_struct_sheet_range.end_auth_comp_id'           
17 2 'Structure model' '_struct_sheet_range.end_auth_seq_id'            
18 2 'Structure model' '_struct_sheet_range.end_label_comp_id'          
19 2 'Structure model' '_struct_sheet_range.end_label_seq_id'           
20 3 'Structure model' '_em_admin.last_update'                          
21 3 'Structure model' '_pdbx_entry_details.has_protein_modification'   
# 
_pdbx_database_status.status_code                     REL 
_pdbx_database_status.status_code_sf                  ? 
_pdbx_database_status.status_code_mr                  ? 
_pdbx_database_status.entry_id                        7TPK 
_pdbx_database_status.recvd_initial_deposition_date   2022-01-25 
_pdbx_database_status.SG_entry                        N 
_pdbx_database_status.deposit_site                    RCSB 
_pdbx_database_status.process_site                    RCSB 
_pdbx_database_status.status_code_cs                  ? 
_pdbx_database_status.status_code_nmr_data            ? 
_pdbx_database_status.methods_development_category    ? 
_pdbx_database_status.pdb_format_compatible           Y 
# 
_pdbx_database_related.db_name        EMDB 
_pdbx_database_related.details        'SARS-CoV-2 E406W mutant RBD - Local Refinement' 
_pdbx_database_related.db_id          EMD-26058 
_pdbx_database_related.content_type   'associated EM volume' 
# 
_pdbx_contact_author.id                 2 
_pdbx_contact_author.email              dveesler@uw.edu 
_pdbx_contact_author.name_first         David 
_pdbx_contact_author.name_last          Veesler 
_pdbx_contact_author.name_mi            ? 
_pdbx_contact_author.role               'principal investigator/group leader' 
_pdbx_contact_author.identifier_ORCID   0000-0002-6019-8675 
# 
loop_
_audit_author.name 
_audit_author.pdbx_ordinal 
_audit_author.identifier_ORCID 
'Addetia, A.' 1 ? 
'Veesler, D.' 2 ? 
# 
_citation.abstract                  ? 
_citation.abstract_id_CAS           ? 
_citation.book_id_ISBN              ? 
_citation.book_publisher            ? 
_citation.book_publisher_city       ? 
_citation.book_title                ? 
_citation.coordinate_linkage        ? 
_citation.country                   ? 
_citation.database_id_Medline       ? 
_citation.details                   ? 
_citation.id                        primary 
_citation.journal_abbrev            'To Be Published' 
_citation.journal_id_ASTM           ? 
_citation.journal_id_CSD            0353 
_citation.journal_id_ISSN           ? 
_citation.journal_full              ? 
_citation.journal_issue             ? 
_citation.journal_volume            ? 
_citation.language                  ? 
_citation.page_first                ? 
_citation.page_last                 ? 
_citation.title                     'SARS-CoV-2 E406W mutant RBD - Local Refinement' 
_citation.year                      ? 
_citation.database_id_CSD           ? 
_citation.pdbx_database_id_DOI      ? 
_citation.pdbx_database_id_PubMed   ? 
_citation.pdbx_database_id_patent   ? 
_citation.unpublished_flag          ? 
# 
loop_
_citation_author.citation_id 
_citation_author.name 
_citation_author.ordinal 
_citation_author.identifier_ORCID 
primary 'Addetia, A.' 1 ? 
primary 'Veesler, D.' 2 ? 
# 
loop_
_entity.id 
_entity.type 
_entity.src_method 
_entity.pdbx_description 
_entity.formula_weight 
_entity.pdbx_number_of_molecules 
_entity.pdbx_ec 
_entity.pdbx_mutation 
_entity.pdbx_fragment 
_entity.details 
1 polymer     man 'Spike protein S1'                       21833.477 1 ? E406W 'Receptor-binding domain' ? 
2 non-polymer syn 2-acetamido-2-deoxy-beta-D-glucopyranose 221.208   1 ? ?     ?                         ? 
# 
_entity_poly.entity_id                      1 
_entity_poly.type                           'polypeptide(L)' 
_entity_poly.nstd_linkage                   no 
_entity_poly.nstd_monomer                   no 
_entity_poly.pdbx_seq_one_letter_code       
;TNLCPFGEVFNATRFASVYAWNRKRISNCVADYSVLYNSASFSTFKCYGVSPTKLNDLCFTNVYADSFVIRGDWVRQIAP
GQTGKIADYNYKLPDDFTGCVIAWNSNNLDSKVGGNYNYLYRLFRKSNLKPFERDISTEIYQAGSTPCNGVEGFNCYFPL
QSYGFQPTNGVGYQPYRVVVLSFELLHAPATVCG
;
_entity_poly.pdbx_seq_one_letter_code_can   
;TNLCPFGEVFNATRFASVYAWNRKRISNCVADYSVLYNSASFSTFKCYGVSPTKLNDLCFTNVYADSFVIRGDWVRQIAP
GQTGKIADYNYKLPDDFTGCVIAWNSNNLDSKVGGNYNYLYRLFRKSNLKPFERDISTEIYQAGSTPCNGVEGFNCYFPL
QSYGFQPTNGVGYQPYRVVVLSFELLHAPATVCG
;
_entity_poly.pdbx_strand_id                 E 
_entity_poly.pdbx_target_identifier         ? 
# 
_pdbx_entity_nonpoly.entity_id   2 
_pdbx_entity_nonpoly.name        2-acetamido-2-deoxy-beta-D-glucopyranose 
_pdbx_entity_nonpoly.comp_id     NAG 
# 
loop_
_entity_poly_seq.entity_id 
_entity_poly_seq.num 
_entity_poly_seq.mon_id 
_entity_poly_seq.hetero 
1 1   THR n 
1 2   ASN n 
1 3   LEU n 
1 4   CYS n 
1 5   PRO n 
1 6   PHE n 
1 7   GLY n 
1 8   GLU n 
1 9   VAL n 
1 10  PHE n 
1 11  ASN n 
1 12  ALA n 
1 13  THR n 
1 14  ARG n 
1 15  PHE n 
1 16  ALA n 
1 17  SER n 
1 18  VAL n 
1 19  TYR n 
1 20  ALA n 
1 21  TRP n 
1 22  ASN n 
1 23  ARG n 
1 24  LYS n 
1 25  ARG n 
1 26  ILE n 
1 27  SER n 
1 28  ASN n 
1 29  CYS n 
1 30  VAL n 
1 31  ALA n 
1 32  ASP n 
1 33  TYR n 
1 34  SER n 
1 35  VAL n 
1 36  LEU n 
1 37  TYR n 
1 38  ASN n 
1 39  SER n 
1 40  ALA n 
1 41  SER n 
1 42  PHE n 
1 43  SER n 
1 44  THR n 
1 45  PHE n 
1 46  LYS n 
1 47  CYS n 
1 48  TYR n 
1 49  GLY n 
1 50  VAL n 
1 51  SER n 
1 52  PRO n 
1 53  THR n 
1 54  LYS n 
1 55  LEU n 
1 56  ASN n 
1 57  ASP n 
1 58  LEU n 
1 59  CYS n 
1 60  PHE n 
1 61  THR n 
1 62  ASN n 
1 63  VAL n 
1 64  TYR n 
1 65  ALA n 
1 66  ASP n 
1 67  SER n 
1 68  PHE n 
1 69  VAL n 
1 70  ILE n 
1 71  ARG n 
1 72  GLY n 
1 73  ASP n 
1 74  TRP n 
1 75  VAL n 
1 76  ARG n 
1 77  GLN n 
1 78  ILE n 
1 79  ALA n 
1 80  PRO n 
1 81  GLY n 
1 82  GLN n 
1 83  THR n 
1 84  GLY n 
1 85  LYS n 
1 86  ILE n 
1 87  ALA n 
1 88  ASP n 
1 89  TYR n 
1 90  ASN n 
1 91  TYR n 
1 92  LYS n 
1 93  LEU n 
1 94  PRO n 
1 95  ASP n 
1 96  ASP n 
1 97  PHE n 
1 98  THR n 
1 99  GLY n 
1 100 CYS n 
1 101 VAL n 
1 102 ILE n 
1 103 ALA n 
1 104 TRP n 
1 105 ASN n 
1 106 SER n 
1 107 ASN n 
1 108 ASN n 
1 109 LEU n 
1 110 ASP n 
1 111 SER n 
1 112 LYS n 
1 113 VAL n 
1 114 GLY n 
1 115 GLY n 
1 116 ASN n 
1 117 TYR n 
1 118 ASN n 
1 119 TYR n 
1 120 LEU n 
1 121 TYR n 
1 122 ARG n 
1 123 LEU n 
1 124 PHE n 
1 125 ARG n 
1 126 LYS n 
1 127 SER n 
1 128 ASN n 
1 129 LEU n 
1 130 LYS n 
1 131 PRO n 
1 132 PHE n 
1 133 GLU n 
1 134 ARG n 
1 135 ASP n 
1 136 ILE n 
1 137 SER n 
1 138 THR n 
1 139 GLU n 
1 140 ILE n 
1 141 TYR n 
1 142 GLN n 
1 143 ALA n 
1 144 GLY n 
1 145 SER n 
1 146 THR n 
1 147 PRO n 
1 148 CYS n 
1 149 ASN n 
1 150 GLY n 
1 151 VAL n 
1 152 GLU n 
1 153 GLY n 
1 154 PHE n 
1 155 ASN n 
1 156 CYS n 
1 157 TYR n 
1 158 PHE n 
1 159 PRO n 
1 160 LEU n 
1 161 GLN n 
1 162 SER n 
1 163 TYR n 
1 164 GLY n 
1 165 PHE n 
1 166 GLN n 
1 167 PRO n 
1 168 THR n 
1 169 ASN n 
1 170 GLY n 
1 171 VAL n 
1 172 GLY n 
1 173 TYR n 
1 174 GLN n 
1 175 PRO n 
1 176 TYR n 
1 177 ARG n 
1 178 VAL n 
1 179 VAL n 
1 180 VAL n 
1 181 LEU n 
1 182 SER n 
1 183 PHE n 
1 184 GLU n 
1 185 LEU n 
1 186 LEU n 
1 187 HIS n 
1 188 ALA n 
1 189 PRO n 
1 190 ALA n 
1 191 THR n 
1 192 VAL n 
1 193 CYS n 
1 194 GLY n 
# 
_entity_src_gen.entity_id                          1 
_entity_src_gen.pdbx_src_id                        1 
_entity_src_gen.pdbx_alt_source_flag               sample 
_entity_src_gen.pdbx_seq_type                      'Biological sequence' 
_entity_src_gen.pdbx_beg_seq_num                   1 
_entity_src_gen.pdbx_end_seq_num                   194 
_entity_src_gen.gene_src_common_name               ? 
_entity_src_gen.gene_src_genus                     ? 
_entity_src_gen.pdbx_gene_src_gene                 'S, 2' 
_entity_src_gen.gene_src_species                   ? 
_entity_src_gen.gene_src_strain                    ? 
_entity_src_gen.gene_src_tissue                    ? 
_entity_src_gen.gene_src_tissue_fraction           ? 
_entity_src_gen.gene_src_details                   ? 
_entity_src_gen.pdbx_gene_src_fragment             ? 
_entity_src_gen.pdbx_gene_src_scientific_name      'Severe acute respiratory syndrome coronavirus 2' 
_entity_src_gen.pdbx_gene_src_ncbi_taxonomy_id     2697049 
_entity_src_gen.pdbx_gene_src_variant              ? 
_entity_src_gen.pdbx_gene_src_cell_line            ? 
_entity_src_gen.pdbx_gene_src_atcc                 ? 
_entity_src_gen.pdbx_gene_src_organ                ? 
_entity_src_gen.pdbx_gene_src_organelle            ? 
_entity_src_gen.pdbx_gene_src_cell                 ? 
_entity_src_gen.pdbx_gene_src_cellular_location    ? 
_entity_src_gen.host_org_common_name               ? 
_entity_src_gen.pdbx_host_org_scientific_name      'Homo sapiens' 
_entity_src_gen.pdbx_host_org_ncbi_taxonomy_id     9606 
_entity_src_gen.host_org_genus                     ? 
_entity_src_gen.pdbx_host_org_gene                 ? 
_entity_src_gen.pdbx_host_org_organ                ? 
_entity_src_gen.host_org_species                   ? 
_entity_src_gen.pdbx_host_org_tissue               ? 
_entity_src_gen.pdbx_host_org_tissue_fraction      ? 
_entity_src_gen.pdbx_host_org_strain               ? 
_entity_src_gen.pdbx_host_org_variant              ? 
_entity_src_gen.pdbx_host_org_cell_line            ? 
_entity_src_gen.pdbx_host_org_atcc                 ? 
_entity_src_gen.pdbx_host_org_culture_collection   ? 
_entity_src_gen.pdbx_host_org_cell                 ? 
_entity_src_gen.pdbx_host_org_organelle            ? 
_entity_src_gen.pdbx_host_org_cellular_location    ? 
_entity_src_gen.pdbx_host_org_vector_type          ? 
_entity_src_gen.pdbx_host_org_vector               ? 
_entity_src_gen.host_org_details                   ? 
_entity_src_gen.expression_system_id               ? 
_entity_src_gen.plasmid_name                       ? 
_entity_src_gen.plasmid_details                    ? 
_entity_src_gen.pdbx_description                   ? 
# 
loop_
_chem_comp.id 
_chem_comp.type 
_chem_comp.mon_nstd_flag 
_chem_comp.name 
_chem_comp.pdbx_synonyms 
_chem_comp.formula 
_chem_comp.formula_weight 
ALA 'L-peptide linking'          y ALANINE                                  ? 'C3 H7 N O2'     89.093  
ARG 'L-peptide linking'          y ARGININE                                 ? 'C6 H15 N4 O2 1' 175.209 
ASN 'L-peptide linking'          y ASPARAGINE                               ? 'C4 H8 N2 O3'    132.118 
ASP 'L-peptide linking'          y 'ASPARTIC ACID'                          ? 'C4 H7 N O4'     133.103 
CYS 'L-peptide linking'          y CYSTEINE                                 ? 'C3 H7 N O2 S'   121.158 
GLN 'L-peptide linking'          y GLUTAMINE                                ? 'C5 H10 N2 O3'   146.144 
GLU 'L-peptide linking'          y 'GLUTAMIC ACID'                          ? 'C5 H9 N O4'     147.129 
GLY 'peptide linking'            y GLYCINE                                  ? 'C2 H5 N O2'     75.067  
HIS 'L-peptide linking'          y HISTIDINE                                ? 'C6 H10 N3 O2 1' 156.162 
ILE 'L-peptide linking'          y ISOLEUCINE                               ? 'C6 H13 N O2'    131.173 
LEU 'L-peptide linking'          y LEUCINE                                  ? 'C6 H13 N O2'    131.173 
LYS 'L-peptide linking'          y LYSINE                                   ? 'C6 H15 N2 O2 1' 147.195 
NAG 'D-saccharide, beta linking' . 2-acetamido-2-deoxy-beta-D-glucopyranose 
;N-acetyl-beta-D-glucosamine; 2-acetamido-2-deoxy-beta-D-glucose; 2-acetamido-2-deoxy-D-glucose; 2-acetamido-2-deoxy-glucose; N-ACETYL-D-GLUCOSAMINE
;
'C8 H15 N O6'    221.208 
PHE 'L-peptide linking'          y PHENYLALANINE                            ? 'C9 H11 N O2'    165.189 
PRO 'L-peptide linking'          y PROLINE                                  ? 'C5 H9 N O2'     115.130 
SER 'L-peptide linking'          y SERINE                                   ? 'C3 H7 N O3'     105.093 
THR 'L-peptide linking'          y THREONINE                                ? 'C4 H9 N O3'     119.119 
TRP 'L-peptide linking'          y TRYPTOPHAN                               ? 'C11 H12 N2 O2'  204.225 
TYR 'L-peptide linking'          y TYROSINE                                 ? 'C9 H11 N O3'    181.189 
VAL 'L-peptide linking'          y VALINE                                   ? 'C5 H11 N O2'    117.146 
# 
loop_
_pdbx_chem_comp_identifier.comp_id 
_pdbx_chem_comp_identifier.type 
_pdbx_chem_comp_identifier.program 
_pdbx_chem_comp_identifier.program_version 
_pdbx_chem_comp_identifier.identifier 
NAG 'CONDENSED IUPAC CARBOHYDRATE SYMBOL' GMML     1.0 DGlcpNAcb                      
NAG 'COMMON NAME'                         GMML     1.0 N-acetyl-b-D-glucopyranosamine 
NAG 'IUPAC CARBOHYDRATE SYMBOL'           PDB-CARE 1.0 b-D-GlcpNAc                    
NAG 'SNFG CARBOHYDRATE SYMBOL'            GMML     1.0 GlcNAc                         
# 
loop_
_pdbx_poly_seq_scheme.asym_id 
_pdbx_poly_seq_scheme.entity_id 
_pdbx_poly_seq_scheme.seq_id 
_pdbx_poly_seq_scheme.mon_id 
_pdbx_poly_seq_scheme.ndb_seq_num 
_pdbx_poly_seq_scheme.pdb_seq_num 
_pdbx_poly_seq_scheme.auth_seq_num 
_pdbx_poly_seq_scheme.pdb_mon_id 
_pdbx_poly_seq_scheme.auth_mon_id 
_pdbx_poly_seq_scheme.pdb_strand_id 
_pdbx_poly_seq_scheme.pdb_ins_code 
_pdbx_poly_seq_scheme.hetero 
A 1 1   THR 1   333 333 THR THR E . n 
A 1 2   ASN 2   334 334 ASN ASN E . n 
A 1 3   LEU 3   335 335 LEU LEU E . n 
A 1 4   CYS 4   336 336 CYS CYS E . n 
A 1 5   PRO 5   337 337 PRO PRO E . n 
A 1 6   PHE 6   338 338 PHE PHE E . n 
A 1 7   GLY 7   339 339 GLY GLY E . n 
A 1 8   GLU 8   340 340 GLU GLU E . n 
A 1 9   VAL 9   341 341 VAL VAL E . n 
A 1 10  PHE 10  342 342 PHE PHE E . n 
A 1 11  ASN 11  343 343 ASN ASN E . n 
A 1 12  ALA 12  344 344 ALA ALA E . n 
A 1 13  THR 13  345 345 THR THR E . n 
A 1 14  ARG 14  346 346 ARG ARG E . n 
A 1 15  PHE 15  347 347 PHE PHE E . n 
A 1 16  ALA 16  348 348 ALA ALA E . n 
A 1 17  SER 17  349 349 SER SER E . n 
A 1 18  VAL 18  350 350 VAL VAL E . n 
A 1 19  TYR 19  351 351 TYR TYR E . n 
A 1 20  ALA 20  352 352 ALA ALA E . n 
A 1 21  TRP 21  353 353 TRP TRP E . n 
A 1 22  ASN 22  354 354 ASN ASN E . n 
A 1 23  ARG 23  355 355 ARG ARG E . n 
A 1 24  LYS 24  356 356 LYS LYS E . n 
A 1 25  ARG 25  357 357 ARG ARG E . n 
A 1 26  ILE 26  358 358 ILE ILE E . n 
A 1 27  SER 27  359 359 SER SER E . n 
A 1 28  ASN 28  360 360 ASN ASN E . n 
A 1 29  CYS 29  361 361 CYS CYS E . n 
A 1 30  VAL 30  362 362 VAL VAL E . n 
A 1 31  ALA 31  363 363 ALA ALA E . n 
A 1 32  ASP 32  364 364 ASP ASP E . n 
A 1 33  TYR 33  365 365 TYR TYR E . n 
A 1 34  SER 34  366 366 SER SER E . n 
A 1 35  VAL 35  367 367 VAL VAL E . n 
A 1 36  LEU 36  368 368 LEU LEU E . n 
A 1 37  TYR 37  369 369 TYR TYR E . n 
A 1 38  ASN 38  370 370 ASN ASN E . n 
A 1 39  SER 39  371 371 SER SER E . n 
A 1 40  ALA 40  372 372 ALA ALA E . n 
A 1 41  SER 41  373 373 SER SER E . n 
A 1 42  PHE 42  374 374 PHE PHE E . n 
A 1 43  SER 43  375 375 SER SER E . n 
A 1 44  THR 44  376 376 THR THR E . n 
A 1 45  PHE 45  377 377 PHE PHE E . n 
A 1 46  LYS 46  378 378 LYS LYS E . n 
A 1 47  CYS 47  379 379 CYS CYS E . n 
A 1 48  TYR 48  380 380 TYR TYR E . n 
A 1 49  GLY 49  381 381 GLY GLY E . n 
A 1 50  VAL 50  382 382 VAL VAL E . n 
A 1 51  SER 51  383 383 SER SER E . n 
A 1 52  PRO 52  384 384 PRO PRO E . n 
A 1 53  THR 53  385 385 THR THR E . n 
A 1 54  LYS 54  386 386 LYS LYS E . n 
A 1 55  LEU 55  387 387 LEU LEU E . n 
A 1 56  ASN 56  388 388 ASN ASN E . n 
A 1 57  ASP 57  389 389 ASP ASP E . n 
A 1 58  LEU 58  390 390 LEU LEU E . n 
A 1 59  CYS 59  391 391 CYS CYS E . n 
A 1 60  PHE 60  392 392 PHE PHE E . n 
A 1 61  THR 61  393 393 THR THR E . n 
A 1 62  ASN 62  394 394 ASN ASN E . n 
A 1 63  VAL 63  395 395 VAL VAL E . n 
A 1 64  TYR 64  396 396 TYR TYR E . n 
A 1 65  ALA 65  397 397 ALA ALA E . n 
A 1 66  ASP 66  398 398 ASP ASP E . n 
A 1 67  SER 67  399 399 SER SER E . n 
A 1 68  PHE 68  400 400 PHE PHE E . n 
A 1 69  VAL 69  401 401 VAL VAL E . n 
A 1 70  ILE 70  402 402 ILE ILE E . n 
A 1 71  ARG 71  403 403 ARG ARG E . n 
A 1 72  GLY 72  404 404 GLY GLY E . n 
A 1 73  ASP 73  405 405 ASP ASP E . n 
A 1 74  TRP 74  406 406 TRP TRP E . n 
A 1 75  VAL 75  407 407 VAL VAL E . n 
A 1 76  ARG 76  408 408 ARG ARG E . n 
A 1 77  GLN 77  409 409 GLN GLN E . n 
A 1 78  ILE 78  410 410 ILE ILE E . n 
A 1 79  ALA 79  411 411 ALA ALA E . n 
A 1 80  PRO 80  412 412 PRO PRO E . n 
A 1 81  GLY 81  413 413 GLY GLY E . n 
A 1 82  GLN 82  414 414 GLN GLN E . n 
A 1 83  THR 83  415 415 THR THR E . n 
A 1 84  GLY 84  416 416 GLY GLY E . n 
A 1 85  LYS 85  417 417 LYS LYS E . n 
A 1 86  ILE 86  418 418 ILE ILE E . n 
A 1 87  ALA 87  419 419 ALA ALA E . n 
A 1 88  ASP 88  420 420 ASP ASP E . n 
A 1 89  TYR 89  421 421 TYR TYR E . n 
A 1 90  ASN 90  422 422 ASN ASN E . n 
A 1 91  TYR 91  423 423 TYR TYR E . n 
A 1 92  LYS 92  424 424 LYS LYS E . n 
A 1 93  LEU 93  425 425 LEU LEU E . n 
A 1 94  PRO 94  426 426 PRO PRO E . n 
A 1 95  ASP 95  427 427 ASP ASP E . n 
A 1 96  ASP 96  428 428 ASP ASP E . n 
A 1 97  PHE 97  429 429 PHE PHE E . n 
A 1 98  THR 98  430 430 THR THR E . n 
A 1 99  GLY 99  431 431 GLY GLY E . n 
A 1 100 CYS 100 432 432 CYS CYS E . n 
A 1 101 VAL 101 433 433 VAL VAL E . n 
A 1 102 ILE 102 434 434 ILE ILE E . n 
A 1 103 ALA 103 435 435 ALA ALA E . n 
A 1 104 TRP 104 436 436 TRP TRP E . n 
A 1 105 ASN 105 437 437 ASN ASN E . n 
A 1 106 SER 106 438 438 SER SER E . n 
A 1 107 ASN 107 439 439 ASN ASN E . n 
A 1 108 ASN 108 440 440 ASN ASN E . n 
A 1 109 LEU 109 441 441 LEU LEU E . n 
A 1 110 ASP 110 442 442 ASP ASP E . n 
A 1 111 SER 111 443 443 SER SER E . n 
A 1 112 LYS 112 444 444 LYS LYS E . n 
A 1 113 VAL 113 445 445 VAL VAL E . n 
A 1 114 GLY 114 446 446 GLY GLY E . n 
A 1 115 GLY 115 447 447 GLY GLY E . n 
A 1 116 ASN 116 448 448 ASN ASN E . n 
A 1 117 TYR 117 449 449 TYR TYR E . n 
A 1 118 ASN 118 450 450 ASN ASN E . n 
A 1 119 TYR 119 451 451 TYR TYR E . n 
A 1 120 LEU 120 452 452 LEU LEU E . n 
A 1 121 TYR 121 453 453 TYR TYR E . n 
A 1 122 ARG 122 454 454 ARG ARG E . n 
A 1 123 LEU 123 455 455 LEU LEU E . n 
A 1 124 PHE 124 456 456 PHE PHE E . n 
A 1 125 ARG 125 457 457 ARG ARG E . n 
A 1 126 LYS 126 458 458 LYS LYS E . n 
A 1 127 SER 127 459 459 SER SER E . n 
A 1 128 ASN 128 460 460 ASN ASN E . n 
A 1 129 LEU 129 461 461 LEU LEU E . n 
A 1 130 LYS 130 462 462 LYS LYS E . n 
A 1 131 PRO 131 463 463 PRO PRO E . n 
A 1 132 PHE 132 464 464 PHE PHE E . n 
A 1 133 GLU 133 465 465 GLU GLU E . n 
A 1 134 ARG 134 466 466 ARG ARG E . n 
A 1 135 ASP 135 467 467 ASP ASP E . n 
A 1 136 ILE 136 468 468 ILE ILE E . n 
A 1 137 SER 137 469 469 SER SER E . n 
A 1 138 THR 138 470 470 THR THR E . n 
A 1 139 GLU 139 471 471 GLU GLU E . n 
A 1 140 ILE 140 472 472 ILE ILE E . n 
A 1 141 TYR 141 473 473 TYR TYR E . n 
A 1 142 GLN 142 474 474 GLN GLN E . n 
A 1 143 ALA 143 475 475 ALA ALA E . n 
A 1 144 GLY 144 476 476 GLY GLY E . n 
A 1 145 SER 145 477 477 SER SER E . n 
A 1 146 THR 146 478 478 THR THR E . n 
A 1 147 PRO 147 479 479 PRO PRO E . n 
A 1 148 CYS 148 480 480 CYS CYS E . n 
A 1 149 ASN 149 481 481 ASN ASN E . n 
A 1 150 GLY 150 482 482 GLY GLY E . n 
A 1 151 VAL 151 483 483 VAL VAL E . n 
A 1 152 GLU 152 484 484 GLU GLU E . n 
A 1 153 GLY 153 485 485 GLY GLY E . n 
A 1 154 PHE 154 486 486 PHE PHE E . n 
A 1 155 ASN 155 487 487 ASN ASN E . n 
A 1 156 CYS 156 488 488 CYS CYS E . n 
A 1 157 TYR 157 489 489 TYR TYR E . n 
A 1 158 PHE 158 490 490 PHE PHE E . n 
A 1 159 PRO 159 491 491 PRO PRO E . n 
A 1 160 LEU 160 492 492 LEU LEU E . n 
A 1 161 GLN 161 493 493 GLN GLN E . n 
A 1 162 SER 162 494 494 SER SER E . n 
A 1 163 TYR 163 495 495 TYR TYR E . n 
A 1 164 GLY 164 496 496 GLY GLY E . n 
A 1 165 PHE 165 497 497 PHE PHE E . n 
A 1 166 GLN 166 498 498 GLN GLN E . n 
A 1 167 PRO 167 499 499 PRO PRO E . n 
A 1 168 THR 168 500 500 THR THR E . n 
A 1 169 ASN 169 501 501 ASN ASN E . n 
A 1 170 GLY 170 502 502 GLY GLY E . n 
A 1 171 VAL 171 503 503 VAL VAL E . n 
A 1 172 GLY 172 504 504 GLY GLY E . n 
A 1 173 TYR 173 505 505 TYR TYR E . n 
A 1 174 GLN 174 506 506 GLN GLN E . n 
A 1 175 PRO 175 507 507 PRO PRO E . n 
A 1 176 TYR 176 508 508 TYR TYR E . n 
A 1 177 ARG 177 509 509 ARG ARG E . n 
A 1 178 VAL 178 510 510 VAL VAL E . n 
A 1 179 VAL 179 511 511 VAL VAL E . n 
A 1 180 VAL 180 512 512 VAL VAL E . n 
A 1 181 LEU 181 513 513 LEU LEU E . n 
A 1 182 SER 182 514 514 SER SER E . n 
A 1 183 PHE 183 515 515 PHE PHE E . n 
A 1 184 GLU 184 516 516 GLU GLU E . n 
A 1 185 LEU 185 517 517 LEU LEU E . n 
A 1 186 LEU 186 518 518 LEU LEU E . n 
A 1 187 HIS 187 519 519 HIS HIS E . n 
A 1 188 ALA 188 520 520 ALA ALA E . n 
A 1 189 PRO 189 521 521 PRO PRO E . n 
A 1 190 ALA 190 522 522 ALA ALA E . n 
A 1 191 THR 191 523 523 THR THR E . n 
A 1 192 VAL 192 524 524 VAL VAL E . n 
A 1 193 CYS 193 525 525 CYS CYS E . n 
A 1 194 GLY 194 526 526 GLY GLY E . n 
# 
_pdbx_nonpoly_scheme.asym_id         B 
_pdbx_nonpoly_scheme.entity_id       2 
_pdbx_nonpoly_scheme.mon_id          NAG 
_pdbx_nonpoly_scheme.ndb_seq_num     1 
_pdbx_nonpoly_scheme.pdb_seq_num     601 
_pdbx_nonpoly_scheme.auth_seq_num    601 
_pdbx_nonpoly_scheme.pdb_mon_id      NAG 
_pdbx_nonpoly_scheme.auth_mon_id     NAG 
_pdbx_nonpoly_scheme.pdb_strand_id   E 
_pdbx_nonpoly_scheme.pdb_ins_code    . 
# 
loop_
_pdbx_unobs_or_zero_occ_atoms.id 
_pdbx_unobs_or_zero_occ_atoms.PDB_model_num 
_pdbx_unobs_or_zero_occ_atoms.polymer_flag 
_pdbx_unobs_or_zero_occ_atoms.occupancy_flag 
_pdbx_unobs_or_zero_occ_atoms.auth_asym_id 
_pdbx_unobs_or_zero_occ_atoms.auth_comp_id 
_pdbx_unobs_or_zero_occ_atoms.auth_seq_id 
_pdbx_unobs_or_zero_occ_atoms.PDB_ins_code 
_pdbx_unobs_or_zero_occ_atoms.auth_atom_id 
_pdbx_unobs_or_zero_occ_atoms.label_alt_id 
_pdbx_unobs_or_zero_occ_atoms.label_asym_id 
_pdbx_unobs_or_zero_occ_atoms.label_comp_id 
_pdbx_unobs_or_zero_occ_atoms.label_seq_id 
_pdbx_unobs_or_zero_occ_atoms.label_atom_id 
1   1 Y 1 E GLU 340 ? CG  ? A GLU 8   CG  
2   1 Y 1 E GLU 340 ? CD  ? A GLU 8   CD  
3   1 Y 1 E GLU 340 ? OE1 ? A GLU 8   OE1 
4   1 Y 1 E GLU 340 ? OE2 ? A GLU 8   OE2 
5   1 Y 1 E SER 359 ? OG  ? A SER 27  OG  
6   1 Y 1 E SER 366 ? OG  ? A SER 34  OG  
7   1 Y 1 E SER 373 ? OG  ? A SER 41  OG  
8   1 Y 1 E SER 375 ? OG  ? A SER 43  OG  
9   1 Y 1 E THR 376 ? OG1 ? A THR 44  OG1 
10  1 Y 1 E THR 376 ? CG2 ? A THR 44  CG2 
11  1 Y 1 E LYS 378 ? CG  ? A LYS 46  CG  
12  1 Y 1 E LYS 378 ? CD  ? A LYS 46  CD  
13  1 Y 1 E LYS 378 ? CE  ? A LYS 46  CE  
14  1 Y 1 E LYS 378 ? NZ  ? A LYS 46  NZ  
15  1 Y 1 E SER 383 ? OG  ? A SER 51  OG  
16  1 Y 1 E THR 385 ? OG1 ? A THR 53  OG1 
17  1 Y 1 E THR 385 ? CG2 ? A THR 53  CG2 
18  1 Y 1 E THR 393 ? OG1 ? A THR 61  OG1 
19  1 Y 1 E THR 393 ? CG2 ? A THR 61  CG2 
20  1 Y 1 E ASN 394 ? CG  ? A ASN 62  CG  
21  1 Y 1 E ASN 394 ? OD1 ? A ASN 62  OD1 
22  1 Y 1 E ASN 394 ? ND2 ? A ASN 62  ND2 
23  1 Y 1 E THR 415 ? OG1 ? A THR 83  OG1 
24  1 Y 1 E THR 415 ? CG2 ? A THR 83  CG2 
25  1 Y 1 E ASP 420 ? CG  ? A ASP 88  CG  
26  1 Y 1 E ASP 420 ? OD1 ? A ASP 88  OD1 
27  1 Y 1 E ASP 420 ? OD2 ? A ASP 88  OD2 
28  1 Y 1 E ASP 427 ? CG  ? A ASP 95  CG  
29  1 Y 1 E ASP 427 ? OD1 ? A ASP 95  OD1 
30  1 Y 1 E ASP 427 ? OD2 ? A ASP 95  OD2 
31  1 Y 1 E ASP 428 ? CG  ? A ASP 96  CG  
32  1 Y 1 E ASP 428 ? OD1 ? A ASP 96  OD1 
33  1 Y 1 E ASP 428 ? OD2 ? A ASP 96  OD2 
34  1 Y 1 E SER 438 ? OG  ? A SER 106 OG  
35  1 Y 1 E ASN 439 ? CG  ? A ASN 107 CG  
36  1 Y 1 E ASN 439 ? OD1 ? A ASN 107 OD1 
37  1 Y 1 E ASN 439 ? ND2 ? A ASN 107 ND2 
38  1 Y 1 E ASN 440 ? CG  ? A ASN 108 CG  
39  1 Y 1 E ASN 440 ? OD1 ? A ASN 108 OD1 
40  1 Y 1 E ASN 440 ? ND2 ? A ASN 108 ND2 
41  1 Y 1 E LEU 441 ? CG  ? A LEU 109 CG  
42  1 Y 1 E LEU 441 ? CD1 ? A LEU 109 CD1 
43  1 Y 1 E LEU 441 ? CD2 ? A LEU 109 CD2 
44  1 Y 1 E ASP 442 ? CG  ? A ASP 110 CG  
45  1 Y 1 E ASP 442 ? OD1 ? A ASP 110 OD1 
46  1 Y 1 E ASP 442 ? OD2 ? A ASP 110 OD2 
47  1 Y 1 E SER 443 ? OG  ? A SER 111 OG  
48  1 Y 1 E LYS 444 ? CG  ? A LYS 112 CG  
49  1 Y 1 E LYS 444 ? CD  ? A LYS 112 CD  
50  1 Y 1 E LYS 444 ? CE  ? A LYS 112 CE  
51  1 Y 1 E LYS 444 ? NZ  ? A LYS 112 NZ  
52  1 Y 1 E VAL 445 ? CG1 ? A VAL 113 CG1 
53  1 Y 1 E VAL 445 ? CG2 ? A VAL 113 CG2 
54  1 Y 1 E ASN 448 ? CG  ? A ASN 116 CG  
55  1 Y 1 E ASN 448 ? OD1 ? A ASN 116 OD1 
56  1 Y 1 E ASN 448 ? ND2 ? A ASN 116 ND2 
57  1 Y 1 E ASN 450 ? CG  ? A ASN 118 CG  
58  1 Y 1 E ASN 450 ? OD1 ? A ASN 118 OD1 
59  1 Y 1 E ASN 450 ? ND2 ? A ASN 118 ND2 
60  1 Y 1 E SER 459 ? OG  ? A SER 127 OG  
61  1 Y 1 E SER 469 ? OG  ? A SER 137 OG  
62  1 Y 1 E SER 477 ? OG  ? A SER 145 OG  
63  1 Y 1 E THR 478 ? OG1 ? A THR 146 OG1 
64  1 Y 1 E THR 478 ? CG2 ? A THR 146 CG2 
65  1 Y 1 E ASN 481 ? CG  ? A ASN 149 CG  
66  1 Y 1 E ASN 481 ? OD1 ? A ASN 149 OD1 
67  1 Y 1 E ASN 481 ? ND2 ? A ASN 149 ND2 
68  1 Y 1 E VAL 483 ? CG1 ? A VAL 151 CG1 
69  1 Y 1 E VAL 483 ? CG2 ? A VAL 151 CG2 
70  1 Y 1 E PHE 486 ? CG  ? A PHE 154 CG  
71  1 Y 1 E PHE 486 ? CD1 ? A PHE 154 CD1 
72  1 Y 1 E PHE 486 ? CD2 ? A PHE 154 CD2 
73  1 Y 1 E PHE 486 ? CE1 ? A PHE 154 CE1 
74  1 Y 1 E PHE 486 ? CE2 ? A PHE 154 CE2 
75  1 Y 1 E PHE 486 ? CZ  ? A PHE 154 CZ  
76  1 Y 1 E ASN 487 ? CG  ? A ASN 155 CG  
77  1 Y 1 E ASN 487 ? OD1 ? A ASN 155 OD1 
78  1 Y 1 E ASN 487 ? ND2 ? A ASN 155 ND2 
79  1 Y 1 E SER 494 ? OG  ? A SER 162 OG  
80  1 Y 1 E GLN 498 ? CG  ? A GLN 166 CG  
81  1 Y 1 E GLN 498 ? CD  ? A GLN 166 CD  
82  1 Y 1 E GLN 498 ? OE1 ? A GLN 166 OE1 
83  1 Y 1 E GLN 498 ? NE2 ? A GLN 166 NE2 
84  1 Y 1 E THR 500 ? OG1 ? A THR 168 OG1 
85  1 Y 1 E THR 500 ? CG2 ? A THR 168 CG2 
86  1 Y 1 E ASN 501 ? CG  ? A ASN 169 CG  
87  1 Y 1 E ASN 501 ? OD1 ? A ASN 169 OD1 
88  1 Y 1 E ASN 501 ? ND2 ? A ASN 169 ND2 
89  1 Y 1 E VAL 503 ? CG1 ? A VAL 171 CG1 
90  1 Y 1 E VAL 503 ? CG2 ? A VAL 171 CG2 
91  1 Y 1 E GLN 506 ? CG  ? A GLN 174 CG  
92  1 Y 1 E GLN 506 ? CD  ? A GLN 174 CD  
93  1 Y 1 E GLN 506 ? OE1 ? A GLN 174 OE1 
94  1 Y 1 E GLN 506 ? NE2 ? A GLN 174 NE2 
95  1 Y 1 E SER 514 ? OG  ? A SER 182 OG  
96  1 Y 1 E GLU 516 ? CG  ? A GLU 184 CG  
97  1 Y 1 E GLU 516 ? CD  ? A GLU 184 CD  
98  1 Y 1 E GLU 516 ? OE1 ? A GLU 184 OE1 
99  1 Y 1 E GLU 516 ? OE2 ? A GLU 184 OE2 
100 1 Y 1 E LEU 518 ? CG  ? A LEU 186 CG  
101 1 Y 1 E LEU 518 ? CD1 ? A LEU 186 CD1 
102 1 Y 1 E LEU 518 ? CD2 ? A LEU 186 CD2 
103 1 Y 1 E HIS 519 ? CG  ? A HIS 187 CG  
104 1 Y 1 E HIS 519 ? ND1 ? A HIS 187 ND1 
105 1 Y 1 E HIS 519 ? CD2 ? A HIS 187 CD2 
106 1 Y 1 E HIS 519 ? CE1 ? A HIS 187 CE1 
107 1 Y 1 E HIS 519 ? NE2 ? A HIS 187 NE2 
108 1 Y 1 E THR 523 ? OG1 ? A THR 191 OG1 
109 1 Y 1 E THR 523 ? CG2 ? A THR 191 CG2 
# 
_cell.angle_alpha                  90.00 
_cell.angle_alpha_esd              ? 
_cell.angle_beta                   90.00 
_cell.angle_beta_esd               ? 
_cell.angle_gamma                  90.00 
_cell.angle_gamma_esd              ? 
_cell.entry_id                     7TPK 
_cell.details                      ? 
_cell.formula_units_Z              ? 
_cell.length_a                     1.00 
_cell.length_a_esd                 ? 
_cell.length_b                     1.00 
_cell.length_b_esd                 ? 
_cell.length_c                     1.00 
_cell.length_c_esd                 ? 
_cell.volume                       ? 
_cell.volume_esd                   ? 
_cell.Z_PDB                        ? 
_cell.reciprocal_angle_alpha       ? 
_cell.reciprocal_angle_beta        ? 
_cell.reciprocal_angle_gamma       ? 
_cell.reciprocal_angle_alpha_esd   ? 
_cell.reciprocal_angle_beta_esd    ? 
_cell.reciprocal_angle_gamma_esd   ? 
_cell.reciprocal_length_a          ? 
_cell.reciprocal_length_b          ? 
_cell.reciprocal_length_c          ? 
_cell.reciprocal_length_a_esd      ? 
_cell.reciprocal_length_b_esd      ? 
_cell.reciprocal_length_c_esd      ? 
_cell.pdbx_unique_axis             ? 
_cell.pdbx_esd_method              ? 
# 
_symmetry.entry_id                         7TPK 
_symmetry.cell_setting                     ? 
_symmetry.Int_Tables_number                1 
_symmetry.space_group_name_Hall            ? 
_symmetry.space_group_name_H-M             'P 1' 
_symmetry.pdbx_full_space_group_name_H-M   ? 
# 
_exptl.absorpt_coefficient_mu     ? 
_exptl.absorpt_correction_T_max   ? 
_exptl.absorpt_correction_T_min   ? 
_exptl.absorpt_correction_type    ? 
_exptl.absorpt_process_details    ? 
_exptl.entry_id                   7TPK 
_exptl.crystals_number            ? 
_exptl.details                    ? 
_exptl.method                     'ELECTRON MICROSCOPY' 
_exptl.method_details             ? 
# 
_struct.entry_id                     7TPK 
_struct.title                        'SARS-CoV-2 E406W mutant RBD - Local Refinement' 
_struct.pdbx_model_details           ? 
_struct.pdbx_formula_weight          ? 
_struct.pdbx_formula_weight_method   ? 
_struct.pdbx_model_type_details      ? 
_struct.pdbx_CASP_flag               N 
# 
_struct_keywords.entry_id        7TPK 
_struct_keywords.text            'viral entry protein, viral glycoprotein, VIRAL PROTEIN' 
_struct_keywords.pdbx_keywords   'VIRAL PROTEIN' 
# 
loop_
_struct_asym.id 
_struct_asym.pdbx_blank_PDB_chainid_flag 
_struct_asym.pdbx_modified 
_struct_asym.entity_id 
_struct_asym.details 
A N N 1 ? 
B N N 2 ? 
# 
_struct_ref.id                         1 
_struct_ref.db_name                    UNP 
_struct_ref.db_code                    SPIKE_SARS2 
_struct_ref.pdbx_db_accession          P0DTC2 
_struct_ref.pdbx_db_isoform            ? 
_struct_ref.entity_id                  1 
_struct_ref.pdbx_seq_one_letter_code   
;TNLCPFGEVFNATRFASVYAWNRKRISNCVADYSVLYNSASFSTFKCYGVSPTKLNDLCFTNVYADSFVIRGDEVRQIAP
GQTGKIADYNYKLPDDFTGCVIAWNSNNLDSKVGGNYNYLYRLFRKSNLKPFERDISTEIYQAGSTPCNGVEGFNCYFPL
QSYGFQPTNGVGYQPYRVVVLSFELLHAPATVCG
;
_struct_ref.pdbx_align_begin           333 
# 
_struct_ref_seq.align_id                      1 
_struct_ref_seq.ref_id                        1 
_struct_ref_seq.pdbx_PDB_id_code              7TPK 
_struct_ref_seq.pdbx_strand_id                E 
_struct_ref_seq.seq_align_beg                 1 
_struct_ref_seq.pdbx_seq_align_beg_ins_code   ? 
_struct_ref_seq.seq_align_end                 194 
_struct_ref_seq.pdbx_seq_align_end_ins_code   ? 
_struct_ref_seq.pdbx_db_accession             P0DTC2 
_struct_ref_seq.db_align_beg                  333 
_struct_ref_seq.pdbx_db_align_beg_ins_code    ? 
_struct_ref_seq.db_align_end                  526 
_struct_ref_seq.pdbx_db_align_end_ins_code    ? 
_struct_ref_seq.pdbx_auth_seq_align_beg       333 
_struct_ref_seq.pdbx_auth_seq_align_end       526 
# 
_struct_ref_seq_dif.align_id                     1 
_struct_ref_seq_dif.pdbx_pdb_id_code             7TPK 
_struct_ref_seq_dif.mon_id                       TRP 
_struct_ref_seq_dif.pdbx_pdb_strand_id           E 
_struct_ref_seq_dif.seq_num                      74 
_struct_ref_seq_dif.pdbx_pdb_ins_code            ? 
_struct_ref_seq_dif.pdbx_seq_db_name             UNP 
_struct_ref_seq_dif.pdbx_seq_db_accession_code   P0DTC2 
_struct_ref_seq_dif.db_mon_id                    GLU 
_struct_ref_seq_dif.pdbx_seq_db_seq_num          406 
_struct_ref_seq_dif.details                      'engineered mutation' 
_struct_ref_seq_dif.pdbx_auth_seq_num            406 
_struct_ref_seq_dif.pdbx_ordinal                 1 
# 
_pdbx_struct_assembly.id                   1 
_pdbx_struct_assembly.details              author_defined_assembly 
_pdbx_struct_assembly.method_details       ? 
_pdbx_struct_assembly.oligomeric_details   monomeric 
_pdbx_struct_assembly.oligomeric_count     1 
# 
_pdbx_struct_assembly_gen.assembly_id       1 
_pdbx_struct_assembly_gen.oper_expression   1 
_pdbx_struct_assembly_gen.asym_id_list      A,B 
# 
_pdbx_struct_assembly_auth_evidence.id                     1 
_pdbx_struct_assembly_auth_evidence.assembly_id            1 
_pdbx_struct_assembly_auth_evidence.experimental_support   microscopy 
_pdbx_struct_assembly_auth_evidence.details                ? 
# 
_pdbx_struct_oper_list.id                   1 
_pdbx_struct_oper_list.type                 'identity operation' 
_pdbx_struct_oper_list.name                 1_555 
_pdbx_struct_oper_list.symmetry_operation   ? 
_pdbx_struct_oper_list.matrix[1][1]         1.0000000000 
_pdbx_struct_oper_list.matrix[1][2]         0.0000000000 
_pdbx_struct_oper_list.matrix[1][3]         0.0000000000 
_pdbx_struct_oper_list.vector[1]            0.0000000000 
_pdbx_struct_oper_list.matrix[2][1]         0.0000000000 
_pdbx_struct_oper_list.matrix[2][2]         1.0000000000 
_pdbx_struct_oper_list.matrix[2][3]         0.0000000000 
_pdbx_struct_oper_list.vector[2]            0.0000000000 
_pdbx_struct_oper_list.matrix[3][1]         0.0000000000 
_pdbx_struct_oper_list.matrix[3][2]         0.0000000000 
_pdbx_struct_oper_list.matrix[3][3]         1.0000000000 
_pdbx_struct_oper_list.vector[3]            0.0000000000 
# 
loop_
_struct_conf.conf_type_id 
_struct_conf.id 
_struct_conf.pdbx_PDB_helix_id 
_struct_conf.beg_label_comp_id 
_struct_conf.beg_label_asym_id 
_struct_conf.beg_label_seq_id 
_struct_conf.pdbx_beg_PDB_ins_code 
_struct_conf.end_label_comp_id 
_struct_conf.end_label_asym_id 
_struct_conf.end_label_seq_id 
_struct_conf.pdbx_end_PDB_ins_code 
_struct_conf.beg_auth_comp_id 
_struct_conf.beg_auth_asym_id 
_struct_conf.beg_auth_seq_id 
_struct_conf.end_auth_comp_id 
_struct_conf.end_auth_asym_id 
_struct_conf.end_auth_seq_id 
_struct_conf.pdbx_PDB_helix_class 
_struct_conf.details 
_struct_conf.pdbx_PDB_helix_length 
HELX_P HELX_P1 AA1 PRO A 5  ? ASN A 11 ? PRO E 337 ASN E 343 1 ? 7 
HELX_P HELX_P2 AA2 TYR A 33 ? ASN A 38 ? TYR E 365 ASN E 370 1 ? 6 
HELX_P HELX_P3 AA3 SER A 51 ? ASP A 57 ? SER E 383 ASP E 389 5 ? 7 
HELX_P HELX_P4 AA4 TRP A 74 ? ILE A 78 ? TRP E 406 ILE E 410 5 ? 5 
HELX_P HELX_P5 AA5 GLY A 84 ? ASN A 90 ? GLY E 416 ASN E 422 1 ? 7 
# 
_struct_conf_type.id          HELX_P 
_struct_conf_type.criteria    ? 
_struct_conf_type.reference   ? 
# 
loop_
_struct_conn.id 
_struct_conn.conn_type_id 
_struct_conn.pdbx_leaving_atom_flag 
_struct_conn.pdbx_PDB_id 
_struct_conn.ptnr1_label_asym_id 
_struct_conn.ptnr1_label_comp_id 
_struct_conn.ptnr1_label_seq_id 
_struct_conn.ptnr1_label_atom_id 
_struct_conn.pdbx_ptnr1_label_alt_id 
_struct_conn.pdbx_ptnr1_PDB_ins_code 
_struct_conn.pdbx_ptnr1_standard_comp_id 
_struct_conn.ptnr1_symmetry 
_struct_conn.ptnr2_label_asym_id 
_struct_conn.ptnr2_label_comp_id 
_struct_conn.ptnr2_label_seq_id 
_struct_conn.ptnr2_label_atom_id 
_struct_conn.pdbx_ptnr2_label_alt_id 
_struct_conn.pdbx_ptnr2_PDB_ins_code 
_struct_conn.ptnr1_auth_asym_id 
_struct_conn.ptnr1_auth_comp_id 
_struct_conn.ptnr1_auth_seq_id 
_struct_conn.ptnr2_auth_asym_id 
_struct_conn.ptnr2_auth_comp_id 
_struct_conn.ptnr2_auth_seq_id 
_struct_conn.ptnr2_symmetry 
_struct_conn.pdbx_ptnr3_label_atom_id 
_struct_conn.pdbx_ptnr3_label_seq_id 
_struct_conn.pdbx_ptnr3_label_comp_id 
_struct_conn.pdbx_ptnr3_label_asym_id 
_struct_conn.pdbx_ptnr3_label_alt_id 
_struct_conn.pdbx_ptnr3_PDB_ins_code 
_struct_conn.details 
_struct_conn.pdbx_dist_value 
_struct_conn.pdbx_value_order 
_struct_conn.pdbx_role 
disulf1 disulf ?   ? A CYS 4   SG  ? ? ? 1_555 A CYS 29  SG ? ? E CYS 336 E CYS 361 1_555 ? ? ? ? ? ? ? 2.033 ? ?               
disulf2 disulf ?   ? A CYS 47  SG  ? ? ? 1_555 A CYS 100 SG ? ? E CYS 379 E CYS 432 1_555 ? ? ? ? ? ? ? 2.038 ? ?               
disulf3 disulf ?   ? A CYS 59  SG  ? ? ? 1_555 A CYS 193 SG ? ? E CYS 391 E CYS 525 1_555 ? ? ? ? ? ? ? 2.043 ? ?               
disulf4 disulf ?   ? A CYS 148 SG  ? ? ? 1_555 A CYS 156 SG ? ? E CYS 480 E CYS 488 1_555 ? ? ? ? ? ? ? 2.029 ? ?               
covale1 covale one ? A ASN 11  ND2 ? ? ? 1_555 B NAG .   C1 ? ? E ASN 343 E NAG 601 1_555 ? ? ? ? ? ? ? 1.454 ? N-Glycosylation 
# 
loop_
_struct_conn_type.id 
_struct_conn_type.criteria 
_struct_conn_type.reference 
disulf ? ? 
covale ? ? 
# 
loop_
_pdbx_modification_feature.ordinal 
_pdbx_modification_feature.label_comp_id 
_pdbx_modification_feature.label_asym_id 
_pdbx_modification_feature.label_seq_id 
_pdbx_modification_feature.label_alt_id 
_pdbx_modification_feature.modified_residue_label_comp_id 
_pdbx_modification_feature.modified_residue_label_asym_id 
_pdbx_modification_feature.modified_residue_label_seq_id 
_pdbx_modification_feature.modified_residue_label_alt_id 
_pdbx_modification_feature.auth_comp_id 
_pdbx_modification_feature.auth_asym_id 
_pdbx_modification_feature.auth_seq_id 
_pdbx_modification_feature.PDB_ins_code 
_pdbx_modification_feature.symmetry 
_pdbx_modification_feature.modified_residue_auth_comp_id 
_pdbx_modification_feature.modified_residue_auth_asym_id 
_pdbx_modification_feature.modified_residue_auth_seq_id 
_pdbx_modification_feature.modified_residue_PDB_ins_code 
_pdbx_modification_feature.modified_residue_symmetry 
_pdbx_modification_feature.comp_id_linking_atom 
_pdbx_modification_feature.modified_residue_id_linking_atom 
_pdbx_modification_feature.modified_residue_id 
_pdbx_modification_feature.ref_pcm_id 
_pdbx_modification_feature.ref_comp_id 
_pdbx_modification_feature.type 
_pdbx_modification_feature.category 
1 NAG B .   ? ASN A 11  ? NAG E 601 ? 1_555 ASN E 343 ? 1_555 C1 ND2 ASN 1 NAG N-Glycosylation Carbohydrate       
2 CYS A 4   ? CYS A 29  ? CYS E 336 ? 1_555 CYS E 361 ? 1_555 SG SG  .   . .   None            'Disulfide bridge' 
3 CYS A 47  ? CYS A 100 ? CYS E 379 ? 1_555 CYS E 432 ? 1_555 SG SG  .   . .   None            'Disulfide bridge' 
4 CYS A 59  ? CYS A 193 ? CYS E 391 ? 1_555 CYS E 525 ? 1_555 SG SG  .   . .   None            'Disulfide bridge' 
5 CYS A 148 ? CYS A 156 ? CYS E 480 ? 1_555 CYS E 488 ? 1_555 SG SG  .   . .   None            'Disulfide bridge' 
# 
loop_
_struct_sheet.id 
_struct_sheet.type 
_struct_sheet.number_strands 
_struct_sheet.details 
AA1 ? 5 ? 
AA2 ? 3 ? 
AA3 ? 2 ? 
AA4 ? 2 ? 
# 
loop_
_struct_sheet_order.sheet_id 
_struct_sheet_order.range_id_1 
_struct_sheet_order.range_id_2 
_struct_sheet_order.offset 
_struct_sheet_order.sense 
AA1 1 2 ? anti-parallel 
AA1 2 3 ? anti-parallel 
AA1 3 4 ? anti-parallel 
AA1 4 5 ? anti-parallel 
AA2 1 2 ? parallel      
AA2 2 3 ? anti-parallel 
AA3 1 2 ? anti-parallel 
AA4 1 2 ? anti-parallel 
# 
loop_
_struct_sheet_range.sheet_id 
_struct_sheet_range.id 
_struct_sheet_range.beg_label_comp_id 
_struct_sheet_range.beg_label_asym_id 
_struct_sheet_range.beg_label_seq_id 
_struct_sheet_range.pdbx_beg_PDB_ins_code 
_struct_sheet_range.end_label_comp_id 
_struct_sheet_range.end_label_asym_id 
_struct_sheet_range.end_label_seq_id 
_struct_sheet_range.pdbx_end_PDB_ins_code 
_struct_sheet_range.beg_auth_comp_id 
_struct_sheet_range.beg_auth_asym_id 
_struct_sheet_range.beg_auth_seq_id 
_struct_sheet_range.end_auth_comp_id 
_struct_sheet_range.end_auth_asym_id 
_struct_sheet_range.end_auth_seq_id 
AA1 1 ASN A 22  ? ILE A 26  ? ASN E 354 ILE E 358 
AA1 2 VAL A 63  ? ARG A 71  ? VAL E 395 ARG E 403 
AA1 3 PRO A 175 ? PHE A 183 ? PRO E 507 PHE E 515 
AA1 4 GLY A 99  ? ASN A 105 ? GLY E 431 ASN E 437 
AA1 5 THR A 44  ? TYR A 48  ? THR E 376 TYR E 380 
AA2 1 CYS A 29  ? VAL A 30  ? CYS E 361 VAL E 362 
AA2 2 VAL A 192 ? CYS A 193 ? VAL E 524 CYS E 525 
AA2 3 CYS A 59  ? PHE A 60  ? CYS E 391 PHE E 392 
AA3 1 LEU A 120 ? ARG A 122 ? LEU E 452 ARG E 454 
AA3 2 LEU A 160 ? SER A 162 ? LEU E 492 SER E 494 
AA4 1 TYR A 141 ? GLN A 142 ? TYR E 473 GLN E 474 
AA4 2 CYS A 156 ? TYR A 157 ? CYS E 488 TYR E 489 
# 
loop_
_pdbx_struct_sheet_hbond.sheet_id 
_pdbx_struct_sheet_hbond.range_id_1 
_pdbx_struct_sheet_hbond.range_id_2 
_pdbx_struct_sheet_hbond.range_1_label_atom_id 
_pdbx_struct_sheet_hbond.range_1_label_comp_id 
_pdbx_struct_sheet_hbond.range_1_label_asym_id 
_pdbx_struct_sheet_hbond.range_1_label_seq_id 
_pdbx_struct_sheet_hbond.range_1_PDB_ins_code 
_pdbx_struct_sheet_hbond.range_1_auth_atom_id 
_pdbx_struct_sheet_hbond.range_1_auth_comp_id 
_pdbx_struct_sheet_hbond.range_1_auth_asym_id 
_pdbx_struct_sheet_hbond.range_1_auth_seq_id 
_pdbx_struct_sheet_hbond.range_2_label_atom_id 
_pdbx_struct_sheet_hbond.range_2_label_comp_id 
_pdbx_struct_sheet_hbond.range_2_label_asym_id 
_pdbx_struct_sheet_hbond.range_2_label_seq_id 
_pdbx_struct_sheet_hbond.range_2_PDB_ins_code 
_pdbx_struct_sheet_hbond.range_2_auth_atom_id 
_pdbx_struct_sheet_hbond.range_2_auth_comp_id 
_pdbx_struct_sheet_hbond.range_2_auth_asym_id 
_pdbx_struct_sheet_hbond.range_2_auth_seq_id 
AA1 1 2 N ILE A 26  ? N ILE E 358 O VAL A 63  ? O VAL E 395 
AA1 2 3 N ILE A 70  ? N ILE E 402 O TYR A 176 ? O TYR E 508 
AA1 3 4 O LEU A 181 ? O LEU E 513 N CYS A 100 ? N CYS E 432 
AA1 4 5 O GLY A 99  ? O GLY E 431 N TYR A 48  ? N TYR E 380 
AA2 1 2 N CYS A 29  ? N CYS E 361 O CYS A 193 ? O CYS E 525 
AA2 2 3 O VAL A 192 ? O VAL E 524 N PHE A 60  ? N PHE E 392 
AA3 1 2 N TYR A 121 ? N TYR E 453 O GLN A 161 ? O GLN E 493 
AA4 1 2 N TYR A 141 ? N TYR E 473 O TYR A 157 ? O TYR E 489 
# 
_pdbx_entry_details.entry_id                   7TPK 
_pdbx_entry_details.nonpolymer_details         ? 
_pdbx_entry_details.sequence_details           ? 
_pdbx_entry_details.compound_details           ? 
_pdbx_entry_details.source_details             ? 
_pdbx_entry_details.has_ligand_of_interest     N 
_pdbx_entry_details.has_protein_modification   Y 
# 
loop_
_pdbx_validate_rmsd_angle.id 
_pdbx_validate_rmsd_angle.PDB_model_num 
_pdbx_validate_rmsd_angle.auth_atom_id_1 
_pdbx_validate_rmsd_angle.auth_asym_id_1 
_pdbx_validate_rmsd_angle.auth_comp_id_1 
_pdbx_validate_rmsd_angle.auth_seq_id_1 
_pdbx_validate_rmsd_angle.PDB_ins_code_1 
_pdbx_validate_rmsd_angle.label_alt_id_1 
_pdbx_validate_rmsd_angle.auth_atom_id_2 
_pdbx_validate_rmsd_angle.auth_asym_id_2 
_pdbx_validate_rmsd_angle.auth_comp_id_2 
_pdbx_validate_rmsd_angle.auth_seq_id_2 
_pdbx_validate_rmsd_angle.PDB_ins_code_2 
_pdbx_validate_rmsd_angle.label_alt_id_2 
_pdbx_validate_rmsd_angle.auth_atom_id_3 
_pdbx_validate_rmsd_angle.auth_asym_id_3 
_pdbx_validate_rmsd_angle.auth_comp_id_3 
_pdbx_validate_rmsd_angle.auth_seq_id_3 
_pdbx_validate_rmsd_angle.PDB_ins_code_3 
_pdbx_validate_rmsd_angle.label_alt_id_3 
_pdbx_validate_rmsd_angle.angle_value 
_pdbx_validate_rmsd_angle.angle_target_value 
_pdbx_validate_rmsd_angle.angle_deviation 
_pdbx_validate_rmsd_angle.angle_standard_deviation 
_pdbx_validate_rmsd_angle.linker_flag 
1 1 NE E ARG 346 ? ? CZ E ARG 346 ? ? NH2 E ARG 346 ? ? 123.55 120.30 3.25 0.50 N 
2 1 NE E ARG 403 ? ? CZ E ARG 403 ? ? NH2 E ARG 403 ? ? 123.58 120.30 3.28 0.50 N 
3 1 NE E ARG 408 ? ? CZ E ARG 408 ? ? NH2 E ARG 408 ? ? 123.38 120.30 3.08 0.50 N 
# 
loop_
_pdbx_validate_torsion.id 
_pdbx_validate_torsion.PDB_model_num 
_pdbx_validate_torsion.auth_comp_id 
_pdbx_validate_torsion.auth_asym_id 
_pdbx_validate_torsion.auth_seq_id 
_pdbx_validate_torsion.PDB_ins_code 
_pdbx_validate_torsion.label_alt_id 
_pdbx_validate_torsion.phi 
_pdbx_validate_torsion.psi 
1 1 PRO E 337 ? ? -75.91  44.00  
2 1 PHE E 464 ? ? 55.33   16.02  
3 1 ALA E 475 ? ? -142.06 42.73  
4 1 THR E 478 ? ? 66.67   146.21 
5 1 VAL E 503 ? ? -158.26 -61.90 
# 
loop_
_pdbx_validate_planes.id 
_pdbx_validate_planes.PDB_model_num 
_pdbx_validate_planes.auth_comp_id 
_pdbx_validate_planes.auth_asym_id 
_pdbx_validate_planes.auth_seq_id 
_pdbx_validate_planes.PDB_ins_code 
_pdbx_validate_planes.label_alt_id 
_pdbx_validate_planes.rmsd 
_pdbx_validate_planes.type 
1 1 PHE E 377 ? ? 0.070 'SIDE CHAIN' 
2 1 TYR E 495 ? ? 0.092 'SIDE CHAIN' 
# 
_em_3d_fitting.id                1 
_em_3d_fitting.entry_id          7TPK 
_em_3d_fitting.method            ? 
_em_3d_fitting.target_criteria   ? 
_em_3d_fitting.details           ? 
_em_3d_fitting.overall_b_value   ? 
_em_3d_fitting.ref_space         ? 
_em_3d_fitting.ref_protocol      ? 
# 
_em_3d_reconstruction.entry_id                    7TPK 
_em_3d_reconstruction.id                          1 
_em_3d_reconstruction.method                      ? 
_em_3d_reconstruction.algorithm                   ? 
_em_3d_reconstruction.citation_id                 ? 
_em_3d_reconstruction.details                     ? 
_em_3d_reconstruction.resolution                  3.4 
_em_3d_reconstruction.resolution_method           'FSC 0.143 CUT-OFF' 
_em_3d_reconstruction.magnification_calibration   ? 
_em_3d_reconstruction.nominal_pixel_size          ? 
_em_3d_reconstruction.actual_pixel_size           ? 
_em_3d_reconstruction.num_particles               113154 
_em_3d_reconstruction.euler_angles_details        ? 
_em_3d_reconstruction.num_class_averages          ? 
_em_3d_reconstruction.refinement_type             ? 
_em_3d_reconstruction.image_processing_id         1 
_em_3d_reconstruction.symmetry_type               POINT 
# 
_em_buffer.id            1 
_em_buffer.specimen_id   1 
_em_buffer.name          ? 
_em_buffer.details       ? 
_em_buffer.pH            8 
# 
_em_entity_assembly.id                   1 
_em_entity_assembly.parent_id            0 
_em_entity_assembly.source               RECOMBINANT 
_em_entity_assembly.type                 COMPLEX 
_em_entity_assembly.name                 'Receptor binding domain of the SARS-CoV-2 spike protein' 
_em_entity_assembly.details              ? 
_em_entity_assembly.synonym              ? 
_em_entity_assembly.oligomeric_details   ? 
_em_entity_assembly.entity_id_list       1 
# 
_em_imaging.entry_id                        7TPK 
_em_imaging.id                              1 
_em_imaging.astigmatism                     ? 
_em_imaging.electron_beam_tilt_params       ? 
_em_imaging.residual_tilt                   ? 
_em_imaging.microscope_model                'FEI TITAN KRIOS' 
_em_imaging.specimen_holder_type            ? 
_em_imaging.specimen_holder_model           ? 
_em_imaging.details                         ? 
_em_imaging.date                            ? 
_em_imaging.accelerating_voltage            300 
_em_imaging.illumination_mode               'FLOOD BEAM' 
_em_imaging.mode                            'BRIGHT FIELD' 
_em_imaging.nominal_cs                      ? 
_em_imaging.nominal_defocus_min             0 
_em_imaging.nominal_defocus_max             2600 
_em_imaging.calibrated_defocus_min          ? 
_em_imaging.calibrated_defocus_max          ? 
_em_imaging.tilt_angle_min                  ? 
_em_imaging.tilt_angle_max                  ? 
_em_imaging.nominal_magnification           ? 
_em_imaging.calibrated_magnification        ? 
_em_imaging.electron_source                 'FIELD EMISSION GUN' 
_em_imaging.citation_id                     ? 
_em_imaging.temperature                     ? 
_em_imaging.detector_distance               ? 
_em_imaging.recording_temperature_minimum   ? 
_em_imaging.recording_temperature_maximum   ? 
_em_imaging.alignment_procedure             ? 
_em_imaging.c2_aperture_diameter            ? 
_em_imaging.specimen_id                     1 
_em_imaging.cryogen                         ? 
# 
_em_vitrification.entry_id              7TPK 
_em_vitrification.id                    1 
_em_vitrification.specimen_id           1 
_em_vitrification.cryogen_name          ETHANE 
_em_vitrification.humidity              ? 
_em_vitrification.temp                  ? 
_em_vitrification.chamber_temperature   ? 
_em_vitrification.instrument            ? 
_em_vitrification.method                ? 
_em_vitrification.time_resolved_state   ? 
_em_vitrification.citation_id           ? 
_em_vitrification.details               ? 
# 
_em_experiment.entry_id                7TPK 
_em_experiment.id                      1 
_em_experiment.reconstruction_method   'SINGLE PARTICLE' 
_em_experiment.aggregation_state       PARTICLE 
_em_experiment.entity_assembly_id      1 
# 
loop_
_chem_comp_atom.comp_id 
_chem_comp_atom.atom_id 
_chem_comp_atom.type_symbol 
_chem_comp_atom.pdbx_aromatic_flag 
_chem_comp_atom.pdbx_stereo_config 
_chem_comp_atom.pdbx_ordinal 
ALA N    N N N 1   
ALA CA   C N S 2   
ALA C    C N N 3   
ALA O    O N N 4   
ALA CB   C N N 5   
ALA OXT  O N N 6   
ALA H    H N N 7   
ALA H2   H N N 8   
ALA HA   H N N 9   
ALA HB1  H N N 10  
ALA HB2  H N N 11  
ALA HB3  H N N 12  
ALA HXT  H N N 13  
ARG N    N N N 14  
ARG CA   C N S 15  
ARG C    C N N 16  
ARG O    O N N 17  
ARG CB   C N N 18  
ARG CG   C N N 19  
ARG CD   C N N 20  
ARG NE   N N N 21  
ARG CZ   C N N 22  
ARG NH1  N N N 23  
ARG NH2  N N N 24  
ARG OXT  O N N 25  
ARG H    H N N 26  
ARG H2   H N N 27  
ARG HA   H N N 28  
ARG HB2  H N N 29  
ARG HB3  H N N 30  
ARG HG2  H N N 31  
ARG HG3  H N N 32  
ARG HD2  H N N 33  
ARG HD3  H N N 34  
ARG HE   H N N 35  
ARG HH11 H N N 36  
ARG HH12 H N N 37  
ARG HH21 H N N 38  
ARG HH22 H N N 39  
ARG HXT  H N N 40  
ASN N    N N N 41  
ASN CA   C N S 42  
ASN C    C N N 43  
ASN O    O N N 44  
ASN CB   C N N 45  
ASN CG   C N N 46  
ASN OD1  O N N 47  
ASN ND2  N N N 48  
ASN OXT  O N N 49  
ASN H    H N N 50  
ASN H2   H N N 51  
ASN HA   H N N 52  
ASN HB2  H N N 53  
ASN HB3  H N N 54  
ASN HD21 H N N 55  
ASN HD22 H N N 56  
ASN HXT  H N N 57  
ASP N    N N N 58  
ASP CA   C N S 59  
ASP C    C N N 60  
ASP O    O N N 61  
ASP CB   C N N 62  
ASP CG   C N N 63  
ASP OD1  O N N 64  
ASP OD2  O N N 65  
ASP OXT  O N N 66  
ASP H    H N N 67  
ASP H2   H N N 68  
ASP HA   H N N 69  
ASP HB2  H N N 70  
ASP HB3  H N N 71  
ASP HD2  H N N 72  
ASP HXT  H N N 73  
CYS N    N N N 74  
CYS CA   C N R 75  
CYS C    C N N 76  
CYS O    O N N 77  
CYS CB   C N N 78  
CYS SG   S N N 79  
CYS OXT  O N N 80  
CYS H    H N N 81  
CYS H2   H N N 82  
CYS HA   H N N 83  
CYS HB2  H N N 84  
CYS HB3  H N N 85  
CYS HG   H N N 86  
CYS HXT  H N N 87  
GLN N    N N N 88  
GLN CA   C N S 89  
GLN C    C N N 90  
GLN O    O N N 91  
GLN CB   C N N 92  
GLN CG   C N N 93  
GLN CD   C N N 94  
GLN OE1  O N N 95  
GLN NE2  N N N 96  
GLN OXT  O N N 97  
GLN H    H N N 98  
GLN H2   H N N 99  
GLN HA   H N N 100 
GLN HB2  H N N 101 
GLN HB3  H N N 102 
GLN HG2  H N N 103 
GLN HG3  H N N 104 
GLN HE21 H N N 105 
GLN HE22 H N N 106 
GLN HXT  H N N 107 
GLU N    N N N 108 
GLU CA   C N S 109 
GLU C    C N N 110 
GLU O    O N N 111 
GLU CB   C N N 112 
GLU CG   C N N 113 
GLU CD   C N N 114 
GLU OE1  O N N 115 
GLU OE2  O N N 116 
GLU OXT  O N N 117 
GLU H    H N N 118 
GLU H2   H N N 119 
GLU HA   H N N 120 
GLU HB2  H N N 121 
GLU HB3  H N N 122 
GLU HG2  H N N 123 
GLU HG3  H N N 124 
GLU HE2  H N N 125 
GLU HXT  H N N 126 
GLY N    N N N 127 
GLY CA   C N N 128 
GLY C    C N N 129 
GLY O    O N N 130 
GLY OXT  O N N 131 
GLY H    H N N 132 
GLY H2   H N N 133 
GLY HA2  H N N 134 
GLY HA3  H N N 135 
GLY HXT  H N N 136 
HIS N    N N N 137 
HIS CA   C N S 138 
HIS C    C N N 139 
HIS O    O N N 140 
HIS CB   C N N 141 
HIS CG   C Y N 142 
HIS ND1  N Y N 143 
HIS CD2  C Y N 144 
HIS CE1  C Y N 145 
HIS NE2  N Y N 146 
HIS OXT  O N N 147 
HIS H    H N N 148 
HIS H2   H N N 149 
HIS HA   H N N 150 
HIS HB2  H N N 151 
HIS HB3  H N N 152 
HIS HD1  H N N 153 
HIS HD2  H N N 154 
HIS HE1  H N N 155 
HIS HE2  H N N 156 
HIS HXT  H N N 157 
ILE N    N N N 158 
ILE CA   C N S 159 
ILE C    C N N 160 
ILE O    O N N 161 
ILE CB   C N S 162 
ILE CG1  C N N 163 
ILE CG2  C N N 164 
ILE CD1  C N N 165 
ILE OXT  O N N 166 
ILE H    H N N 167 
ILE H2   H N N 168 
ILE HA   H N N 169 
ILE HB   H N N 170 
ILE HG12 H N N 171 
ILE HG13 H N N 172 
ILE HG21 H N N 173 
ILE HG22 H N N 174 
ILE HG23 H N N 175 
ILE HD11 H N N 176 
ILE HD12 H N N 177 
ILE HD13 H N N 178 
ILE HXT  H N N 179 
LEU N    N N N 180 
LEU CA   C N S 181 
LEU C    C N N 182 
LEU O    O N N 183 
LEU CB   C N N 184 
LEU CG   C N N 185 
LEU CD1  C N N 186 
LEU CD2  C N N 187 
LEU OXT  O N N 188 
LEU H    H N N 189 
LEU H2   H N N 190 
LEU HA   H N N 191 
LEU HB2  H N N 192 
LEU HB3  H N N 193 
LEU HG   H N N 194 
LEU HD11 H N N 195 
LEU HD12 H N N 196 
LEU HD13 H N N 197 
LEU HD21 H N N 198 
LEU HD22 H N N 199 
LEU HD23 H N N 200 
LEU HXT  H N N 201 
LYS N    N N N 202 
LYS CA   C N S 203 
LYS C    C N N 204 
LYS O    O N N 205 
LYS CB   C N N 206 
LYS CG   C N N 207 
LYS CD   C N N 208 
LYS CE   C N N 209 
LYS NZ   N N N 210 
LYS OXT  O N N 211 
LYS H    H N N 212 
LYS H2   H N N 213 
LYS HA   H N N 214 
LYS HB2  H N N 215 
LYS HB3  H N N 216 
LYS HG2  H N N 217 
LYS HG3  H N N 218 
LYS HD2  H N N 219 
LYS HD3  H N N 220 
LYS HE2  H N N 221 
LYS HE3  H N N 222 
LYS HZ1  H N N 223 
LYS HZ2  H N N 224 
LYS HZ3  H N N 225 
LYS HXT  H N N 226 
NAG C1   C N R 227 
NAG C2   C N R 228 
NAG C3   C N R 229 
NAG C4   C N S 230 
NAG C5   C N R 231 
NAG C6   C N N 232 
NAG C7   C N N 233 
NAG C8   C N N 234 
NAG N2   N N N 235 
NAG O1   O N N 236 
NAG O3   O N N 237 
NAG O4   O N N 238 
NAG O5   O N N 239 
NAG O6   O N N 240 
NAG O7   O N N 241 
NAG H1   H N N 242 
NAG H2   H N N 243 
NAG H3   H N N 244 
NAG H4   H N N 245 
NAG H5   H N N 246 
NAG H61  H N N 247 
NAG H62  H N N 248 
NAG H81  H N N 249 
NAG H82  H N N 250 
NAG H83  H N N 251 
NAG HN2  H N N 252 
NAG HO1  H N N 253 
NAG HO3  H N N 254 
NAG HO4  H N N 255 
NAG HO6  H N N 256 
PHE N    N N N 257 
PHE CA   C N S 258 
PHE C    C N N 259 
PHE O    O N N 260 
PHE CB   C N N 261 
PHE CG   C Y N 262 
PHE CD1  C Y N 263 
PHE CD2  C Y N 264 
PHE CE1  C Y N 265 
PHE CE2  C Y N 266 
PHE CZ   C Y N 267 
PHE OXT  O N N 268 
PHE H    H N N 269 
PHE H2   H N N 270 
PHE HA   H N N 271 
PHE HB2  H N N 272 
PHE HB3  H N N 273 
PHE HD1  H N N 274 
PHE HD2  H N N 275 
PHE HE1  H N N 276 
PHE HE2  H N N 277 
PHE HZ   H N N 278 
PHE HXT  H N N 279 
PRO N    N N N 280 
PRO CA   C N S 281 
PRO C    C N N 282 
PRO O    O N N 283 
PRO CB   C N N 284 
PRO CG   C N N 285 
PRO CD   C N N 286 
PRO OXT  O N N 287 
PRO H    H N N 288 
PRO HA   H N N 289 
PRO HB2  H N N 290 
PRO HB3  H N N 291 
PRO HG2  H N N 292 
PRO HG3  H N N 293 
PRO HD2  H N N 294 
PRO HD3  H N N 295 
PRO HXT  H N N 296 
SER N    N N N 297 
SER CA   C N S 298 
SER C    C N N 299 
SER O    O N N 300 
SER CB   C N N 301 
SER OG   O N N 302 
SER OXT  O N N 303 
SER H    H N N 304 
SER H2   H N N 305 
SER HA   H N N 306 
SER HB2  H N N 307 
SER HB3  H N N 308 
SER HG   H N N 309 
SER HXT  H N N 310 
THR N    N N N 311 
THR CA   C N S 312 
THR C    C N N 313 
THR O    O N N 314 
THR CB   C N R 315 
THR OG1  O N N 316 
THR CG2  C N N 317 
THR OXT  O N N 318 
THR H    H N N 319 
THR H2   H N N 320 
THR HA   H N N 321 
THR HB   H N N 322 
THR HG1  H N N 323 
THR HG21 H N N 324 
THR HG22 H N N 325 
THR HG23 H N N 326 
THR HXT  H N N 327 
TRP N    N N N 328 
TRP CA   C N S 329 
TRP C    C N N 330 
TRP O    O N N 331 
TRP CB   C N N 332 
TRP CG   C Y N 333 
TRP CD1  C Y N 334 
TRP CD2  C Y N 335 
TRP NE1  N Y N 336 
TRP CE2  C Y N 337 
TRP CE3  C Y N 338 
TRP CZ2  C Y N 339 
TRP CZ3  C Y N 340 
TRP CH2  C Y N 341 
TRP OXT  O N N 342 
TRP H    H N N 343 
TRP H2   H N N 344 
TRP HA   H N N 345 
TRP HB2  H N N 346 
TRP HB3  H N N 347 
TRP HD1  H N N 348 
TRP HE1  H N N 349 
TRP HE3  H N N 350 
TRP HZ2  H N N 351 
TRP HZ3  H N N 352 
TRP HH2  H N N 353 
TRP HXT  H N N 354 
TYR N    N N N 355 
TYR CA   C N S 356 
TYR C    C N N 357 
TYR O    O N N 358 
TYR CB   C N N 359 
TYR CG   C Y N 360 
TYR CD1  C Y N 361 
TYR CD2  C Y N 362 
TYR CE1  C Y N 363 
TYR CE2  C Y N 364 
TYR CZ   C Y N 365 
TYR OH   O N N 366 
TYR OXT  O N N 367 
TYR H    H N N 368 
TYR H2   H N N 369 
TYR HA   H N N 370 
TYR HB2  H N N 371 
TYR HB3  H N N 372 
TYR HD1  H N N 373 
TYR HD2  H N N 374 
TYR HE1  H N N 375 
TYR HE2  H N N 376 
TYR HH   H N N 377 
TYR HXT  H N N 378 
VAL N    N N N 379 
VAL CA   C N S 380 
VAL C    C N N 381 
VAL O    O N N 382 
VAL CB   C N N 383 
VAL CG1  C N N 384 
VAL CG2  C N N 385 
VAL OXT  O N N 386 
VAL H    H N N 387 
VAL H2   H N N 388 
VAL HA   H N N 389 
VAL HB   H N N 390 
VAL HG11 H N N 391 
VAL HG12 H N N 392 
VAL HG13 H N N 393 
VAL HG21 H N N 394 
VAL HG22 H N N 395 
VAL HG23 H N N 396 
VAL HXT  H N N 397 
# 
loop_
_chem_comp_bond.comp_id 
_chem_comp_bond.atom_id_1 
_chem_comp_bond.atom_id_2 
_chem_comp_bond.value_order 
_chem_comp_bond.pdbx_aromatic_flag 
_chem_comp_bond.pdbx_stereo_config 
_chem_comp_bond.pdbx_ordinal 
ALA N   CA   sing N N 1   
ALA N   H    sing N N 2   
ALA N   H2   sing N N 3   
ALA CA  C    sing N N 4   
ALA CA  CB   sing N N 5   
ALA CA  HA   sing N N 6   
ALA C   O    doub N N 7   
ALA C   OXT  sing N N 8   
ALA CB  HB1  sing N N 9   
ALA CB  HB2  sing N N 10  
ALA CB  HB3  sing N N 11  
ALA OXT HXT  sing N N 12  
ARG N   CA   sing N N 13  
ARG N   H    sing N N 14  
ARG N   H2   sing N N 15  
ARG CA  C    sing N N 16  
ARG CA  CB   sing N N 17  
ARG CA  HA   sing N N 18  
ARG C   O    doub N N 19  
ARG C   OXT  sing N N 20  
ARG CB  CG   sing N N 21  
ARG CB  HB2  sing N N 22  
ARG CB  HB3  sing N N 23  
ARG CG  CD   sing N N 24  
ARG CG  HG2  sing N N 25  
ARG CG  HG3  sing N N 26  
ARG CD  NE   sing N N 27  
ARG CD  HD2  sing N N 28  
ARG CD  HD3  sing N N 29  
ARG NE  CZ   sing N N 30  
ARG NE  HE   sing N N 31  
ARG CZ  NH1  sing N N 32  
ARG CZ  NH2  doub N N 33  
ARG NH1 HH11 sing N N 34  
ARG NH1 HH12 sing N N 35  
ARG NH2 HH21 sing N N 36  
ARG NH2 HH22 sing N N 37  
ARG OXT HXT  sing N N 38  
ASN N   CA   sing N N 39  
ASN N   H    sing N N 40  
ASN N   H2   sing N N 41  
ASN CA  C    sing N N 42  
ASN CA  CB   sing N N 43  
ASN CA  HA   sing N N 44  
ASN C   O    doub N N 45  
ASN C   OXT  sing N N 46  
ASN CB  CG   sing N N 47  
ASN CB  HB2  sing N N 48  
ASN CB  HB3  sing N N 49  
ASN CG  OD1  doub N N 50  
ASN CG  ND2  sing N N 51  
ASN ND2 HD21 sing N N 52  
ASN ND2 HD22 sing N N 53  
ASN OXT HXT  sing N N 54  
ASP N   CA   sing N N 55  
ASP N   H    sing N N 56  
ASP N   H2   sing N N 57  
ASP CA  C    sing N N 58  
ASP CA  CB   sing N N 59  
ASP CA  HA   sing N N 60  
ASP C   O    doub N N 61  
ASP C   OXT  sing N N 62  
ASP CB  CG   sing N N 63  
ASP CB  HB2  sing N N 64  
ASP CB  HB3  sing N N 65  
ASP CG  OD1  doub N N 66  
ASP CG  OD2  sing N N 67  
ASP OD2 HD2  sing N N 68  
ASP OXT HXT  sing N N 69  
CYS N   CA   sing N N 70  
CYS N   H    sing N N 71  
CYS N   H2   sing N N 72  
CYS CA  C    sing N N 73  
CYS CA  CB   sing N N 74  
CYS CA  HA   sing N N 75  
CYS C   O    doub N N 76  
CYS C   OXT  sing N N 77  
CYS CB  SG   sing N N 78  
CYS CB  HB2  sing N N 79  
CYS CB  HB3  sing N N 80  
CYS SG  HG   sing N N 81  
CYS OXT HXT  sing N N 82  
GLN N   CA   sing N N 83  
GLN N   H    sing N N 84  
GLN N   H2   sing N N 85  
GLN CA  C    sing N N 86  
GLN CA  CB   sing N N 87  
GLN CA  HA   sing N N 88  
GLN C   O    doub N N 89  
GLN C   OXT  sing N N 90  
GLN CB  CG   sing N N 91  
GLN CB  HB2  sing N N 92  
GLN CB  HB3  sing N N 93  
GLN CG  CD   sing N N 94  
GLN CG  HG2  sing N N 95  
GLN CG  HG3  sing N N 96  
GLN CD  OE1  doub N N 97  
GLN CD  NE2  sing N N 98  
GLN NE2 HE21 sing N N 99  
GLN NE2 HE22 sing N N 100 
GLN OXT HXT  sing N N 101 
GLU N   CA   sing N N 102 
GLU N   H    sing N N 103 
GLU N   H2   sing N N 104 
GLU CA  C    sing N N 105 
GLU CA  CB   sing N N 106 
GLU CA  HA   sing N N 107 
GLU C   O    doub N N 108 
GLU C   OXT  sing N N 109 
GLU CB  CG   sing N N 110 
GLU CB  HB2  sing N N 111 
GLU CB  HB3  sing N N 112 
GLU CG  CD   sing N N 113 
GLU CG  HG2  sing N N 114 
GLU CG  HG3  sing N N 115 
GLU CD  OE1  doub N N 116 
GLU CD  OE2  sing N N 117 
GLU OE2 HE2  sing N N 118 
GLU OXT HXT  sing N N 119 
GLY N   CA   sing N N 120 
GLY N   H    sing N N 121 
GLY N   H2   sing N N 122 
GLY CA  C    sing N N 123 
GLY CA  HA2  sing N N 124 
GLY CA  HA3  sing N N 125 
GLY C   O    doub N N 126 
GLY C   OXT  sing N N 127 
GLY OXT HXT  sing N N 128 
HIS N   CA   sing N N 129 
HIS N   H    sing N N 130 
HIS N   H2   sing N N 131 
HIS CA  C    sing N N 132 
HIS CA  CB   sing N N 133 
HIS CA  HA   sing N N 134 
HIS C   O    doub N N 135 
HIS C   OXT  sing N N 136 
HIS CB  CG   sing N N 137 
HIS CB  HB2  sing N N 138 
HIS CB  HB3  sing N N 139 
HIS CG  ND1  sing Y N 140 
HIS CG  CD2  doub Y N 141 
HIS ND1 CE1  doub Y N 142 
HIS ND1 HD1  sing N N 143 
HIS CD2 NE2  sing Y N 144 
HIS CD2 HD2  sing N N 145 
HIS CE1 NE2  sing Y N 146 
HIS CE1 HE1  sing N N 147 
HIS NE2 HE2  sing N N 148 
HIS OXT HXT  sing N N 149 
ILE N   CA   sing N N 150 
ILE N   H    sing N N 151 
ILE N   H2   sing N N 152 
ILE CA  C    sing N N 153 
ILE CA  CB   sing N N 154 
ILE CA  HA   sing N N 155 
ILE C   O    doub N N 156 
ILE C   OXT  sing N N 157 
ILE CB  CG1  sing N N 158 
ILE CB  CG2  sing N N 159 
ILE CB  HB   sing N N 160 
ILE CG1 CD1  sing N N 161 
ILE CG1 HG12 sing N N 162 
ILE CG1 HG13 sing N N 163 
ILE CG2 HG21 sing N N 164 
ILE CG2 HG22 sing N N 165 
ILE CG2 HG23 sing N N 166 
ILE CD1 HD11 sing N N 167 
ILE CD1 HD12 sing N N 168 
ILE CD1 HD13 sing N N 169 
ILE OXT HXT  sing N N 170 
LEU N   CA   sing N N 171 
LEU N   H    sing N N 172 
LEU N   H2   sing N N 173 
LEU CA  C    sing N N 174 
LEU CA  CB   sing N N 175 
LEU CA  HA   sing N N 176 
LEU C   O    doub N N 177 
LEU C   OXT  sing N N 178 
LEU CB  CG   sing N N 179 
LEU CB  HB2  sing N N 180 
LEU CB  HB3  sing N N 181 
LEU CG  CD1  sing N N 182 
LEU CG  CD2  sing N N 183 
LEU CG  HG   sing N N 184 
LEU CD1 HD11 sing N N 185 
LEU CD1 HD12 sing N N 186 
LEU CD1 HD13 sing N N 187 
LEU CD2 HD21 sing N N 188 
LEU CD2 HD22 sing N N 189 
LEU CD2 HD23 sing N N 190 
LEU OXT HXT  sing N N 191 
LYS N   CA   sing N N 192 
LYS N   H    sing N N 193 
LYS N   H2   sing N N 194 
LYS CA  C    sing N N 195 
LYS CA  CB   sing N N 196 
LYS CA  HA   sing N N 197 
LYS C   O    doub N N 198 
LYS C   OXT  sing N N 199 
LYS CB  CG   sing N N 200 
LYS CB  HB2  sing N N 201 
LYS CB  HB3  sing N N 202 
LYS CG  CD   sing N N 203 
LYS CG  HG2  sing N N 204 
LYS CG  HG3  sing N N 205 
LYS CD  CE   sing N N 206 
LYS CD  HD2  sing N N 207 
LYS CD  HD3  sing N N 208 
LYS CE  NZ   sing N N 209 
LYS CE  HE2  sing N N 210 
LYS CE  HE3  sing N N 211 
LYS NZ  HZ1  sing N N 212 
LYS NZ  HZ2  sing N N 213 
LYS NZ  HZ3  sing N N 214 
LYS OXT HXT  sing N N 215 
NAG C1  C2   sing N N 216 
NAG C1  O1   sing N N 217 
NAG C1  O5   sing N N 218 
NAG C1  H1   sing N N 219 
NAG C2  C3   sing N N 220 
NAG C2  N2   sing N N 221 
NAG C2  H2   sing N N 222 
NAG C3  C4   sing N N 223 
NAG C3  O3   sing N N 224 
NAG C3  H3   sing N N 225 
NAG C4  C5   sing N N 226 
NAG C4  O4   sing N N 227 
NAG C4  H4   sing N N 228 
NAG C5  C6   sing N N 229 
NAG C5  O5   sing N N 230 
NAG C5  H5   sing N N 231 
NAG C6  O6   sing N N 232 
NAG C6  H61  sing N N 233 
NAG C6  H62  sing N N 234 
NAG C7  C8   sing N N 235 
NAG C7  N2   sing N N 236 
NAG C7  O7   doub N N 237 
NAG C8  H81  sing N N 238 
NAG C8  H82  sing N N 239 
NAG C8  H83  sing N N 240 
NAG N2  HN2  sing N N 241 
NAG O1  HO1  sing N N 242 
NAG O3  HO3  sing N N 243 
NAG O4  HO4  sing N N 244 
NAG O6  HO6  sing N N 245 
PHE N   CA   sing N N 246 
PHE N   H    sing N N 247 
PHE N   H2   sing N N 248 
PHE CA  C    sing N N 249 
PHE CA  CB   sing N N 250 
PHE CA  HA   sing N N 251 
PHE C   O    doub N N 252 
PHE C   OXT  sing N N 253 
PHE CB  CG   sing N N 254 
PHE CB  HB2  sing N N 255 
PHE CB  HB3  sing N N 256 
PHE CG  CD1  doub Y N 257 
PHE CG  CD2  sing Y N 258 
PHE CD1 CE1  sing Y N 259 
PHE CD1 HD1  sing N N 260 
PHE CD2 CE2  doub Y N 261 
PHE CD2 HD2  sing N N 262 
PHE CE1 CZ   doub Y N 263 
PHE CE1 HE1  sing N N 264 
PHE CE2 CZ   sing Y N 265 
PHE CE2 HE2  sing N N 266 
PHE CZ  HZ   sing N N 267 
PHE OXT HXT  sing N N 268 
PRO N   CA   sing N N 269 
PRO N   CD   sing N N 270 
PRO N   H    sing N N 271 
PRO CA  C    sing N N 272 
PRO CA  CB   sing N N 273 
PRO CA  HA   sing N N 274 
PRO C   O    doub N N 275 
PRO C   OXT  sing N N 276 
PRO CB  CG   sing N N 277 
PRO CB  HB2  sing N N 278 
PRO CB  HB3  sing N N 279 
PRO CG  CD   sing N N 280 
PRO CG  HG2  sing N N 281 
PRO CG  HG3  sing N N 282 
PRO CD  HD2  sing N N 283 
PRO CD  HD3  sing N N 284 
PRO OXT HXT  sing N N 285 
SER N   CA   sing N N 286 
SER N   H    sing N N 287 
SER N   H2   sing N N 288 
SER CA  C    sing N N 289 
SER CA  CB   sing N N 290 
SER CA  HA   sing N N 291 
SER C   O    doub N N 292 
SER C   OXT  sing N N 293 
SER CB  OG   sing N N 294 
SER CB  HB2  sing N N 295 
SER CB  HB3  sing N N 296 
SER OG  HG   sing N N 297 
SER OXT HXT  sing N N 298 
THR N   CA   sing N N 299 
THR N   H    sing N N 300 
THR N   H2   sing N N 301 
THR CA  C    sing N N 302 
THR CA  CB   sing N N 303 
THR CA  HA   sing N N 304 
THR C   O    doub N N 305 
THR C   OXT  sing N N 306 
THR CB  OG1  sing N N 307 
THR CB  CG2  sing N N 308 
THR CB  HB   sing N N 309 
THR OG1 HG1  sing N N 310 
THR CG2 HG21 sing N N 311 
THR CG2 HG22 sing N N 312 
THR CG2 HG23 sing N N 313 
THR OXT HXT  sing N N 314 
TRP N   CA   sing N N 315 
TRP N   H    sing N N 316 
TRP N   H2   sing N N 317 
TRP CA  C    sing N N 318 
TRP CA  CB   sing N N 319 
TRP CA  HA   sing N N 320 
TRP C   O    doub N N 321 
TRP C   OXT  sing N N 322 
TRP CB  CG   sing N N 323 
TRP CB  HB2  sing N N 324 
TRP CB  HB3  sing N N 325 
TRP CG  CD1  doub Y N 326 
TRP CG  CD2  sing Y N 327 
TRP CD1 NE1  sing Y N 328 
TRP CD1 HD1  sing N N 329 
TRP CD2 CE2  doub Y N 330 
TRP CD2 CE3  sing Y N 331 
TRP NE1 CE2  sing Y N 332 
TRP NE1 HE1  sing N N 333 
TRP CE2 CZ2  sing Y N 334 
TRP CE3 CZ3  doub Y N 335 
TRP CE3 HE3  sing N N 336 
TRP CZ2 CH2  doub Y N 337 
TRP CZ2 HZ2  sing N N 338 
TRP CZ3 CH2  sing Y N 339 
TRP CZ3 HZ3  sing N N 340 
TRP CH2 HH2  sing N N 341 
TRP OXT HXT  sing N N 342 
TYR N   CA   sing N N 343 
TYR N   H    sing N N 344 
TYR N   H2   sing N N 345 
TYR CA  C    sing N N 346 
TYR CA  CB   sing N N 347 
TYR CA  HA   sing N N 348 
TYR C   O    doub N N 349 
TYR C   OXT  sing N N 350 
TYR CB  CG   sing N N 351 
TYR CB  HB2  sing N N 352 
TYR CB  HB3  sing N N 353 
TYR CG  CD1  doub Y N 354 
TYR CG  CD2  sing Y N 355 
TYR CD1 CE1  sing Y N 356 
TYR CD1 HD1  sing N N 357 
TYR CD2 CE2  doub Y N 358 
TYR CD2 HD2  sing N N 359 
TYR CE1 CZ   doub Y N 360 
TYR CE1 HE1  sing N N 361 
TYR CE2 CZ   sing Y N 362 
TYR CE2 HE2  sing N N 363 
TYR CZ  OH   sing N N 364 
TYR OH  HH   sing N N 365 
TYR OXT HXT  sing N N 366 
VAL N   CA   sing N N 367 
VAL N   H    sing N N 368 
VAL N   H2   sing N N 369 
VAL CA  C    sing N N 370 
VAL CA  CB   sing N N 371 
VAL CA  HA   sing N N 372 
VAL C   O    doub N N 373 
VAL C   OXT  sing N N 374 
VAL CB  CG1  sing N N 375 
VAL CB  CG2  sing N N 376 
VAL CB  HB   sing N N 377 
VAL CG1 HG11 sing N N 378 
VAL CG1 HG12 sing N N 379 
VAL CG1 HG13 sing N N 380 
VAL CG2 HG21 sing N N 381 
VAL CG2 HG22 sing N N 382 
VAL CG2 HG23 sing N N 383 
VAL OXT HXT  sing N N 384 
# 
_em_admin.current_status     REL 
_em_admin.deposition_date    2022-01-25 
_em_admin.deposition_site    RCSB 
_em_admin.entry_id           7TPK 
_em_admin.last_update        2024-11-06 
_em_admin.map_release_date   2023-02-08 
_em_admin.title              'SARS-CoV-2 E406W mutant RBD - Local Refinement' 
# 
_em_ctf_correction.details                  ? 
_em_ctf_correction.em_image_processing_id   1 
_em_ctf_correction.id                       1 
_em_ctf_correction.type                     'PHASE FLIPPING AND AMPLITUDE CORRECTION' 
# 
_em_entity_assembly_naturalsource.cell                 ? 
_em_entity_assembly_naturalsource.cellular_location    ? 
_em_entity_assembly_naturalsource.entity_assembly_id   1 
_em_entity_assembly_naturalsource.id                   2 
_em_entity_assembly_naturalsource.ncbi_tax_id          2697049 
_em_entity_assembly_naturalsource.organism             'Severe acute respiratory syndrome coronavirus 2' 
_em_entity_assembly_naturalsource.organelle            ? 
_em_entity_assembly_naturalsource.organ                ? 
_em_entity_assembly_naturalsource.strain               ? 
_em_entity_assembly_naturalsource.tissue               ? 
# 
_em_entity_assembly_recombinant.cell                 ? 
_em_entity_assembly_recombinant.entity_assembly_id   1 
_em_entity_assembly_recombinant.id                   2 
_em_entity_assembly_recombinant.ncbi_tax_id          9606 
_em_entity_assembly_recombinant.organism             'Homo sapiens' 
_em_entity_assembly_recombinant.plasmid              ? 
_em_entity_assembly_recombinant.strain               ? 
# 
_em_image_processing.details              ? 
_em_image_processing.id                   1 
_em_image_processing.image_recording_id   1 
# 
_em_image_recording.average_exposure_time               ? 
_em_image_recording.avg_electron_dose_per_subtomogram   ? 
_em_image_recording.avg_electron_dose_per_image         63 
_em_image_recording.details                             ? 
_em_image_recording.detector_mode                       ? 
_em_image_recording.film_or_detector_model              'GATAN K3 (6k x 4k)' 
_em_image_recording.id                                  1 
_em_image_recording.imaging_id                          1 
_em_image_recording.num_diffraction_images              ? 
_em_image_recording.num_grids_imaged                    ? 
_em_image_recording.num_real_images                     ? 
# 
_em_particle_selection.details                  ? 
_em_particle_selection.id                       1 
_em_particle_selection.image_processing_id      1 
_em_particle_selection.method                   ? 
_em_particle_selection.num_particles_selected   1281585 
_em_particle_selection.reference_model          ? 
# 
loop_
_em_software.category 
_em_software.details 
_em_software.id 
_em_software.image_processing_id 
_em_software.fitting_id 
_em_software.imaging_id 
_em_software.name 
_em_software.version 
'SYMMETRY DETERMINATION'        ? 1  1 1 1 ? ? 
'IMAGE ACQUISITION'             ? 2  ? ? 1 ? ? 
MASKING                         ? 3  ? ? ? ? ? 
'CTF CORRECTION'                ? 4  1 ? ? ? ? 
'LAYERLINE INDEXING'            ? 5  ? ? ? ? ? 
'DIFFRACTION INDEXING'          ? 6  ? ? ? ? ? 
'MODEL FITTING'                 ? 7  ? ? ? ? ? 
'MODEL REFINEMENT'              ? 8  ? ? ? ? ? 
OTHER                           ? 9  ? ? ? ? ? 
'INITIAL EULER ASSIGNMENT'      ? 10 1 ? ? ? ? 
'FINAL EULER ASSIGNMENT'        ? 11 1 ? ? ? ? 
CLASSIFICATION                  ? 12 1 ? ? ? ? 
RECONSTRUCTION                  ? 13 1 ? ? ? ? 
'PARTICLE SELECTION'            ? 14 1 1 1 ? ? 
'VOLUME SELECTION'              ? 15 1 1 1 ? ? 
'SERIES ALIGNMENT'              ? 16 1 1 1 ? ? 
'MOLECULAR REPLACEMENT'         ? 17 1 1 1 ? ? 
'LATTICE DISTORTION CORRECTION' ? 18 1 1 1 ? ? 
'CRYSTALLOGRAPHY MERGING'       ? 19 1 1 1 ? ? 
# 
_em_specimen.concentration           ? 
_em_specimen.details                 ? 
_em_specimen.embedding_applied       NO 
_em_specimen.experiment_id           1 
_em_specimen.id                      1 
_em_specimen.shadowing_applied       NO 
_em_specimen.staining_applied        NO 
_em_specimen.vitrification_applied   YES 
# 
_pdbx_audit_support.funding_organization   
'National Institutes of Health/National Institute of General Medical Sciences (NIH/NIGMS)' 
_pdbx_audit_support.country                'United States' 
_pdbx_audit_support.grant_number           ? 
_pdbx_audit_support.ordinal                1 
# 
_atom_sites.entry_id                    7TPK 
_atom_sites.Cartn_transf_matrix[1][1]   ? 
_atom_sites.Cartn_transf_matrix[1][2]   ? 
_atom_sites.Cartn_transf_matrix[1][3]   ? 
_atom_sites.Cartn_transf_matrix[2][1]   ? 
_atom_sites.Cartn_transf_matrix[2][2]   ? 
_atom_sites.Cartn_transf_matrix[2][3]   ? 
_atom_sites.Cartn_transf_matrix[3][1]   ? 
_atom_sites.Cartn_transf_matrix[3][2]   ? 
_atom_sites.Cartn_transf_matrix[3][3]   ? 
_atom_sites.Cartn_transf_vector[1]      ? 
_atom_sites.Cartn_transf_vector[2]      ? 
_atom_sites.Cartn_transf_vector[3]      ? 
_atom_sites.fract_transf_matrix[1][1]   1.000000 
_atom_sites.fract_transf_matrix[1][2]   0.000000 
_atom_sites.fract_transf_matrix[1][3]   0.000000 
_atom_sites.fract_transf_matrix[2][1]   0.000000 
_atom_sites.fract_transf_matrix[2][2]   1.000000 
_atom_sites.fract_transf_matrix[2][3]   0.000000 
_atom_sites.fract_transf_matrix[3][1]   0.000000 
_atom_sites.fract_transf_matrix[3][2]   0.000000 
_atom_sites.fract_transf_matrix[3][3]   1.000000 
_atom_sites.fract_transf_vector[1]      0.00000 
_atom_sites.fract_transf_vector[2]      0.00000 
_atom_sites.fract_transf_vector[3]      0.00000 
_atom_sites.solution_primary            ? 
_atom_sites.solution_secondary          ? 
_atom_sites.solution_hydrogens          ? 
_atom_sites.special_details             ? 
# 
loop_
_atom_type.symbol 
C 
N 
O 
S 
# 
loop_
_atom_site.group_PDB 
_atom_site.id 
_atom_site.type_symbol 
_atom_site.label_atom_id 
_atom_site.label_alt_id 
_atom_site.label_comp_id 
_atom_site.label_asym_id 
_atom_site.label_entity_id 
_atom_site.label_seq_id 
_atom_site.pdbx_PDB_ins_code 
_atom_site.Cartn_x 
_atom_site.Cartn_y 
_atom_site.Cartn_z 
_atom_site.occupancy 
_atom_site.B_iso_or_equiv 
_atom_site.pdbx_formal_charge 
_atom_site.auth_seq_id 
_atom_site.auth_comp_id 
_atom_site.auth_asym_id 
_atom_site.auth_atom_id 
_atom_site.pdbx_PDB_model_num 
ATOM   1    N N   . THR A 1 1   ? -12.540 -24.735 7.248   1.00 21.18  ? 333 THR E N   1 
ATOM   2    C CA  . THR A 1 1   ? -11.935 -25.574 6.179   1.00 20.22  ? 333 THR E CA  1 
ATOM   3    C C   . THR A 1 1   ? -11.366 -24.773 5.019   1.00 20.67  ? 333 THR E C   1 
ATOM   4    O O   . THR A 1 1   ? -10.241 -25.031 4.609   1.00 20.99  ? 333 THR E O   1 
ATOM   5    C CB  . THR A 1 1   ? -12.910 -26.616 5.643   1.00 20.55  ? 333 THR E CB  1 
ATOM   6    O OG1 . THR A 1 1   ? -13.546 -27.274 6.708   1.00 21.12  ? 333 THR E OG1 1 
ATOM   7    C CG2 . THR A 1 1   ? -12.212 -27.689 4.822   1.00 22.53  ? 333 THR E CG2 1 
ATOM   8    N N   . ASN A 1 2   ? -12.127 -23.831 4.448   1.00 20.85  ? 334 ASN E N   1 
ATOM   9    C CA  . ASN A 1 2   ? -11.798 -23.099 3.213   1.00 20.63  ? 334 ASN E CA  1 
ATOM   10   C C   . ASN A 1 2   ? -10.433 -22.394 3.276   1.00 20.33  ? 334 ASN E C   1 
ATOM   11   O O   . ASN A 1 2   ? -10.152 -21.714 4.255   1.00 20.70  ? 334 ASN E O   1 
ATOM   12   C CB  . ASN A 1 2   ? -12.896 -22.040 2.967   1.00 50.00  ? 334 ASN E CB  1 
ATOM   13   C CG  . ASN A 1 2   ? -14.319 -22.516 3.198   1.00 50.00  ? 334 ASN E CG  1 
ATOM   14   O OD1 . ASN A 1 2   ? -15.030 -22.023 4.060   1.00 50.00  ? 334 ASN E OD1 1 
ATOM   15   N ND2 . ASN A 1 2   ? -14.770 -23.522 2.492   1.00 50.00  ? 334 ASN E ND2 1 
ATOM   16   N N   . LEU A 1 3   ? -9.608  -22.465 2.233   1.00 20.34  ? 335 LEU E N   1 
ATOM   17   C CA  . LEU A 1 3   ? -8.395  -21.641 2.142   1.00 20.37  ? 335 LEU E CA  1 
ATOM   18   C C   . LEU A 1 3   ? -8.748  -20.150 1.978   1.00 20.56  ? 335 LEU E C   1 
ATOM   19   O O   . LEU A 1 3   ? -9.688  -19.810 1.260   1.00 20.50  ? 335 LEU E O   1 
ATOM   20   C CB  . LEU A 1 3   ? -7.518  -22.115 0.972   1.00 20.51  ? 335 LEU E CB  1 
ATOM   21   C CG  . LEU A 1 3   ? -6.932  -23.527 1.127   1.00 20.62  ? 335 LEU E CG  1 
ATOM   22   C CD1 . LEU A 1 3   ? -6.291  -23.956 -0.185  1.00 20.61  ? 335 LEU E CD1 1 
ATOM   23   C CD2 . LEU A 1 3   ? -5.866  -23.591 2.216   1.00 20.79  ? 335 LEU E CD2 1 
ATOM   24   N N   . CYS A 1 4   ? -7.994  -19.252 2.616   1.00 20.53  ? 336 CYS E N   1 
ATOM   25   C CA  . CYS A 1 4   ? -8.245  -17.808 2.552   1.00 20.50  ? 336 CYS E CA  1 
ATOM   26   C C   . CYS A 1 4   ? -7.995  -17.208 1.156   1.00 20.72  ? 336 CYS E C   1 
ATOM   27   O O   . CYS A 1 4   ? -7.118  -17.681 0.428   1.00 20.69  ? 336 CYS E O   1 
ATOM   28   C CB  . CYS A 1 4   ? -7.407  -17.063 3.596   1.00 20.37  ? 336 CYS E CB  1 
ATOM   29   S SG  . CYS A 1 4   ? -7.848  -17.369 5.321   1.00 20.76  ? 336 CYS E SG  1 
ATOM   30   N N   . PRO A 1 5   ? -8.716  -16.134 0.780   1.00 20.80  ? 337 PRO E N   1 
ATOM   31   C CA  . PRO A 1 5   ? -8.674  -15.527 -0.555  1.00 20.83  ? 337 PRO E CA  1 
ATOM   32   C C   . PRO A 1 5   ? -7.424  -14.673 -0.853  1.00 20.77  ? 337 PRO E C   1 
ATOM   33   O O   . PRO A 1 5   ? -7.525  -13.606 -1.455  1.00 20.90  ? 337 PRO E O   1 
ATOM   34   C CB  . PRO A 1 5   ? -9.995  -14.748 -0.655  1.00 21.09  ? 337 PRO E CB  1 
ATOM   35   C CG  . PRO A 1 5   ? -10.237 -14.297 0.777   1.00 20.69  ? 337 PRO E CG  1 
ATOM   36   C CD  . PRO A 1 5   ? -9.785  -15.519 1.560   1.00 20.63  ? 337 PRO E CD  1 
ATOM   37   N N   . PHE A 1 6   ? -6.216  -15.122 -0.502  1.00 20.68  ? 338 PHE E N   1 
ATOM   38   C CA  . PHE A 1 6   ? -4.985  -14.412 -0.883  1.00 20.74  ? 338 PHE E CA  1 
ATOM   39   C C   . PHE A 1 6   ? -4.770  -14.356 -2.407  1.00 21.01  ? 338 PHE E C   1 
ATOM   40   O O   . PHE A 1 6   ? -4.223  -13.375 -2.903  1.00 21.13  ? 338 PHE E O   1 
ATOM   41   C CB  . PHE A 1 6   ? -3.758  -15.026 -0.193  1.00 20.68  ? 338 PHE E CB  1 
ATOM   42   C CG  . PHE A 1 6   ? -3.704  -14.892 1.320   1.00 20.45  ? 338 PHE E CG  1 
ATOM   43   C CD1 . PHE A 1 6   ? -3.812  -13.630 1.938   1.00 20.54  ? 338 PHE E CD1 1 
ATOM   44   C CD2 . PHE A 1 6   ? -3.488  -16.031 2.116   1.00 20.07  ? 338 PHE E CD2 1 
ATOM   45   C CE1 . PHE A 1 6   ? -3.738  -13.518 3.336   1.00 20.23  ? 338 PHE E CE1 1 
ATOM   46   C CE2 . PHE A 1 6   ? -3.410  -15.916 3.514   1.00 19.80  ? 338 PHE E CE2 1 
ATOM   47   C CZ  . PHE A 1 6   ? -3.544  -14.660 4.125   1.00 19.92  ? 338 PHE E CZ  1 
ATOM   48   N N   . GLY A 1 7   ? -5.253  -15.327 -3.186  1.00 20.98  ? 339 GLY E N   1 
ATOM   49   C CA  . GLY A 1 7   ? -5.184  -15.268 -4.653  1.00 21.05  ? 339 GLY E CA  1 
ATOM   50   C C   . GLY A 1 7   ? -5.881  -14.043 -5.253  1.00 21.14  ? 339 GLY E C   1 
ATOM   51   O O   . GLY A 1 7   ? -5.383  -13.451 -6.206  1.00 21.42  ? 339 GLY E O   1 
ATOM   52   N N   . GLU A 1 8   ? -6.981  -13.590 -4.649  1.00 21.19  ? 340 GLU E N   1 
ATOM   53   C CA  . GLU A 1 8   ? -7.713  -12.384 -5.061  1.00 21.14  ? 340 GLU E CA  1 
ATOM   54   C C   . GLU A 1 8   ? -6.942  -11.082 -4.782  1.00 21.21  ? 340 GLU E C   1 
ATOM   55   O O   . GLU A 1 8   ? -7.238  -10.052 -5.380  1.00 21.40  ? 340 GLU E O   1 
ATOM   56   C CB  . GLU A 1 8   ? -9.077  -12.320 -4.353  1.00 21.11  ? 340 GLU E CB  1 
ATOM   57   N N   . VAL A 1 9   ? -5.960  -11.118 -3.879  1.00 21.03  ? 341 VAL E N   1 
ATOM   58   C CA  . VAL A 1 9   ? -5.112  -9.980  -3.521  1.00 20.87  ? 341 VAL E CA  1 
ATOM   59   C C   . VAL A 1 9   ? -3.827  -9.980  -4.346  1.00 20.97  ? 341 VAL E C   1 
ATOM   60   O O   . VAL A 1 9   ? -3.562  -9.021  -5.058  1.00 21.15  ? 341 VAL E O   1 
ATOM   61   C CB  . VAL A 1 9   ? -4.815  -9.963  -2.010  1.00 20.64  ? 341 VAL E CB  1 
ATOM   62   C CG1 . VAL A 1 9   ? -4.054  -8.703  -1.610  1.00 20.33  ? 341 VAL E CG1 1 
ATOM   63   C CG2 . VAL A 1 9   ? -6.087  -10.009 -1.171  1.00 20.65  ? 341 VAL E CG2 1 
ATOM   64   N N   . PHE A 1 10  ? -3.028  -11.046 -4.296  1.00 20.85  ? 342 PHE E N   1 
ATOM   65   C CA  . PHE A 1 10  ? -1.683  -11.070 -4.888  1.00 20.77  ? 342 PHE E CA  1 
ATOM   66   C C   . PHE A 1 10  ? -1.659  -11.173 -6.425  1.00 21.22  ? 342 PHE E C   1 
ATOM   67   O O   . PHE A 1 10  ? -0.692  -10.724 -7.031  1.00 21.38  ? 342 PHE E O   1 
ATOM   68   C CB  . PHE A 1 10  ? -0.857  -12.202 -4.256  1.00 20.78  ? 342 PHE E CB  1 
ATOM   69   C CG  . PHE A 1 10  ? -0.402  -11.935 -2.834  1.00 20.47  ? 342 PHE E CG  1 
ATOM   70   C CD1 . PHE A 1 10  ? -1.260  -12.172 -1.752  1.00 20.32  ? 342 PHE E CD1 1 
ATOM   71   C CD2 . PHE A 1 10  ? 0.883   -11.425 -2.588  1.00 20.36  ? 342 PHE E CD2 1 
ATOM   72   C CE1 . PHE A 1 10  ? -0.857  -11.886 -0.445  1.00 20.09  ? 342 PHE E CE1 1 
ATOM   73   C CE2 . PHE A 1 10  ? 1.292   -11.139 -1.280  1.00 20.08  ? 342 PHE E CE2 1 
ATOM   74   C CZ  . PHE A 1 10  ? 0.419   -11.364 -0.210  1.00 19.90  ? 342 PHE E CZ  1 
ATOM   75   N N   . ASN A 1 11  ? -2.686  -11.731 -7.074  1.00 21.39  ? 343 ASN E N   1 
ATOM   76   C CA  . ASN A 1 11  ? -2.693  -12.008 -8.521  1.00 21.54  ? 343 ASN E CA  1 
ATOM   77   C C   . ASN A 1 11  ? -3.737  -11.196 -9.315  1.00 21.76  ? 343 ASN E C   1 
ATOM   78   O O   . ASN A 1 11  ? -4.091  -11.558 -10.437 1.00 22.04  ? 343 ASN E O   1 
ATOM   79   C CB  . ASN A 1 11  ? -2.798  -13.528 -8.749  1.00 21.95  ? 343 ASN E CB  1 
ATOM   80   C CG  . ASN A 1 11  ? -1.576  -14.308 -8.292  1.00 22.71  ? 343 ASN E CG  1 
ATOM   81   O OD1 . ASN A 1 11  ? -0.451  -13.856 -8.470  1.00 22.63  ? 343 ASN E OD1 1 
ATOM   82   N ND2 . ASN A 1 11  ? -1.771  -15.498 -7.739  1.00 22.92  ? 343 ASN E ND2 1 
ATOM   83   N N   . ALA A 1 12  ? -4.240  -10.089 -8.767  1.00 21.66  ? 344 ALA E N   1 
ATOM   84   C CA  . ALA A 1 12  ? -5.168  -9.203  -9.468  1.00 21.75  ? 344 ALA E CA  1 
ATOM   85   C C   . ALA A 1 12  ? -4.548  -8.539  -10.720 1.00 22.13  ? 344 ALA E C   1 
ATOM   86   O O   . ALA A 1 12  ? -3.353  -8.241  -10.754 1.00 22.16  ? 344 ALA E O   1 
ATOM   87   C CB  . ALA A 1 12  ? -5.700  -8.170  -8.478  1.00 21.81  ? 344 ALA E CB  1 
ATOM   88   N N   . THR A 1 13  ? -5.373  -8.275  -11.739 1.00 22.34  ? 345 THR E N   1 
ATOM   89   C CA  . THR A 1 13  ? -4.952  -7.779  -13.065 1.00 22.33  ? 345 THR E CA  1 
ATOM   90   C C   . THR A 1 13  ? -4.226  -6.437  -12.976 1.00 22.42  ? 345 THR E C   1 
ATOM   91   O O   . THR A 1 13  ? -3.110  -6.310  -13.485 1.00 22.54  ? 345 THR E O   1 
ATOM   92   C CB  . THR A 1 13  ? -6.170  -7.689  -14.008 1.00 22.51  ? 345 THR E CB  1 
ATOM   93   O OG1 . THR A 1 13  ? -6.741  -8.965  -14.165 1.00 22.73  ? 345 THR E OG1 1 
ATOM   94   C CG2 . THR A 1 13  ? -5.848  -7.193  -15.410 1.00 22.53  ? 345 THR E CG2 1 
ATOM   95   N N   . ARG A 1 14  ? -4.802  -5.442  -12.285 1.00 22.37  ? 346 ARG E N   1 
ATOM   96   C CA  . ARG A 1 14  ? -4.151  -4.156  -11.957 1.00 22.27  ? 346 ARG E CA  1 
ATOM   97   C C   . ARG A 1 14  ? -4.293  -3.829  -10.471 1.00 22.01  ? 346 ARG E C   1 
ATOM   98   O O   . ARG A 1 14  ? -5.382  -3.914  -9.916  1.00 22.05  ? 346 ARG E O   1 
ATOM   99   C CB  . ARG A 1 14  ? -4.720  -3.000  -12.805 1.00 22.84  ? 346 ARG E CB  1 
ATOM   100  C CG  . ARG A 1 14  ? -4.054  -1.634  -12.591 1.00 23.20  ? 346 ARG E CG  1 
ATOM   101  C CD  . ARG A 1 14  ? -4.642  -0.507  -13.448 1.00 23.70  ? 346 ARG E CD  1 
ATOM   102  N NE  . ARG A 1 14  ? -6.044  -0.229  -13.081 1.00 24.54  ? 346 ARG E NE  1 
ATOM   103  C CZ  . ARG A 1 14  ? -7.133  -0.564  -13.750 1.00 25.34  ? 346 ARG E CZ  1 
ATOM   104  N NH1 . ARG A 1 14  ? -8.306  -0.290  -13.266 1.00 25.20  ? 346 ARG E NH1 1 
ATOM   105  N NH2 . ARG A 1 14  ? -7.112  -1.182  -14.894 1.00 25.40  ? 346 ARG E NH2 1 
ATOM   106  N N   . PHE A 1 15  ? -3.200  -3.428  -9.838  1.00 21.56  ? 347 PHE E N   1 
ATOM   107  C CA  . PHE A 1 15  ? -3.186  -2.904  -8.472  1.00 21.10  ? 347 PHE E CA  1 
ATOM   108  C C   . PHE A 1 15  ? -3.491  -1.404  -8.462  1.00 20.95  ? 347 PHE E C   1 
ATOM   109  O O   . PHE A 1 15  ? -3.166  -0.700  -9.414  1.00 21.34  ? 347 PHE E O   1 
ATOM   110  C CB  . PHE A 1 15  ? -1.832  -3.179  -7.815  1.00 20.74  ? 347 PHE E CB  1 
ATOM   111  C CG  . PHE A 1 15  ? -1.633  -4.537  -7.184  1.00 20.61  ? 347 PHE E CG  1 
ATOM   112  C CD1 . PHE A 1 15  ? -2.254  -5.696  -7.680  1.00 21.22  ? 347 PHE E CD1 1 
ATOM   113  C CD2 . PHE A 1 15  ? -0.783  -4.634  -6.078  1.00 20.28  ? 347 PHE E CD2 1 
ATOM   114  C CE1 . PHE A 1 15  ? -2.033  -6.935  -7.062  1.00 21.07  ? 347 PHE E CE1 1 
ATOM   115  C CE2 . PHE A 1 15  ? -0.566  -5.871  -5.463  1.00 20.14  ? 347 PHE E CE2 1 
ATOM   116  C CZ  . PHE A 1 15  ? -1.194  -7.022  -5.948  1.00 20.55  ? 347 PHE E CZ  1 
ATOM   117  N N   . ALA A 1 16  ? -4.082  -0.915  -7.376  1.00 20.33  ? 348 ALA E N   1 
ATOM   118  C CA  . ALA A 1 16  ? -4.493  0.470   -7.196  1.00 20.06  ? 348 ALA E CA  1 
ATOM   119  C C   . ALA A 1 16  ? -3.336  1.487   -7.147  1.00 20.15  ? 348 ALA E C   1 
ATOM   120  O O   . ALA A 1 16  ? -2.176  1.137   -6.952  1.00 20.17  ? 348 ALA E O   1 
ATOM   121  C CB  . ALA A 1 16  ? -5.308  0.518   -5.907  1.00 20.18  ? 348 ALA E CB  1 
ATOM   122  N N   . SER A 1 17  ? -3.662  2.772   -7.288  1.00 20.22  ? 349 SER E N   1 
ATOM   123  C CA  . SER A 1 17  ? -2.761  3.879   -6.943  1.00 19.78  ? 349 SER E CA  1 
ATOM   124  C C   . SER A 1 17  ? -2.493  3.946   -5.441  1.00 19.77  ? 349 SER E C   1 
ATOM   125  O O   . SER A 1 17  ? -3.128  3.245   -4.660  1.00 19.91  ? 349 SER E O   1 
ATOM   126  C CB  . SER A 1 17  ? -3.360  5.203   -7.394  1.00 20.17  ? 349 SER E CB  1 
ATOM   127  O OG  . SER A 1 17  ? -3.354  5.302   -8.798  1.00 20.73  ? 349 SER E OG  1 
ATOM   128  N N   . VAL A 1 18  ? -1.531  4.767   -5.023  1.00 19.81  ? 350 VAL E N   1 
ATOM   129  C CA  . VAL A 1 18  ? -1.141  4.874   -3.613  1.00 19.63  ? 350 VAL E CA  1 
ATOM   130  C C   . VAL A 1 18  ? -1.976  5.874   -2.818  1.00 19.64  ? 350 VAL E C   1 
ATOM   131  O O   . VAL A 1 18  ? -2.077  5.710   -1.614  1.00 19.71  ? 350 VAL E O   1 
ATOM   132  C CB  . VAL A 1 18  ? 0.367   5.091   -3.473  1.00 19.63  ? 350 VAL E CB  1 
ATOM   133  C CG1 . VAL A 1 18  ? 0.808   6.482   -3.907  1.00 20.06  ? 350 VAL E CG1 1 
ATOM   134  C CG2 . VAL A 1 18  ? 0.864   4.835   -2.059  1.00 19.40  ? 350 VAL E CG2 1 
ATOM   135  N N   . TYR A 1 19  ? -2.619  6.866   -3.439  1.00 19.72  ? 351 TYR E N   1 
ATOM   136  C CA  . TYR A 1 19  ? -3.857  7.432   -2.889  1.00 19.58  ? 351 TYR E CA  1 
ATOM   137  C C   . TYR A 1 19  ? -5.001  6.465   -3.255  1.00 19.75  ? 351 TYR E C   1 
ATOM   138  O O   . TYR A 1 19  ? -4.869  5.770   -4.260  1.00 20.08  ? 351 TYR E O   1 
ATOM   139  C CB  . TYR A 1 19  ? -4.070  8.861   -3.423  1.00 19.84  ? 351 TYR E CB  1 
ATOM   140  C CG  . TYR A 1 19  ? -4.976  8.992   -4.635  1.00 19.85  ? 351 TYR E CG  1 
ATOM   141  C CD1 . TYR A 1 19  ? -4.602  8.424   -5.861  1.00 20.10  ? 351 TYR E CD1 1 
ATOM   142  C CD2 . TYR A 1 19  ? -6.228  9.618   -4.519  1.00 20.08  ? 351 TYR E CD2 1 
ATOM   143  C CE1 . TYR A 1 19  ? -5.499  8.405   -6.941  1.00 20.11  ? 351 TYR E CE1 1 
ATOM   144  C CE2 . TYR A 1 19  ? -7.124  9.622   -5.601  1.00 19.95  ? 351 TYR E CE2 1 
ATOM   145  C CZ  . TYR A 1 19  ? -6.768  8.994   -6.808  1.00 19.95  ? 351 TYR E CZ  1 
ATOM   146  O OH  . TYR A 1 19  ? -7.642  8.942   -7.842  1.00 20.25  ? 351 TYR E OH  1 
ATOM   147  N N   . ALA A 1 20  ? -6.111  6.370   -2.506  1.00 19.80  ? 352 ALA E N   1 
ATOM   148  C CA  . ALA A 1 20  ? -7.211  5.471   -2.900  1.00 19.63  ? 352 ALA E CA  1 
ATOM   149  C C   . ALA A 1 20  ? -6.790  3.992   -3.084  1.00 19.71  ? 352 ALA E C   1 
ATOM   150  O O   . ALA A 1 20  ? -7.255  3.304   -3.989  1.00 19.74  ? 352 ALA E O   1 
ATOM   151  C CB  . ALA A 1 20  ? -7.939  6.033   -4.127  1.00 19.78  ? 352 ALA E CB  1 
ATOM   152  N N   . TRP A 1 21  ? -5.905  3.494   -2.219  1.00 19.69  ? 353 TRP E N   1 
ATOM   153  C CA  . TRP A 1 21  ? -5.470  2.100   -2.155  1.00 19.44  ? 353 TRP E CA  1 
ATOM   154  C C   . TRP A 1 21  ? -6.634  1.162   -1.836  1.00 19.52  ? 353 TRP E C   1 
ATOM   155  O O   . TRP A 1 21  ? -7.599  1.557   -1.179  1.00 19.71  ? 353 TRP E O   1 
ATOM   156  C CB  . TRP A 1 21  ? -4.344  1.965   -1.120  1.00 19.28  ? 353 TRP E CB  1 
ATOM   157  C CG  . TRP A 1 21  ? -4.533  2.714   0.163   1.00 19.26  ? 353 TRP E CG  1 
ATOM   158  C CD1 . TRP A 1 21  ? -4.141  3.987   0.365   1.00 19.37  ? 353 TRP E CD1 1 
ATOM   159  C CD2 . TRP A 1 21  ? -5.168  2.305   1.413   1.00 19.25  ? 353 TRP E CD2 1 
ATOM   160  N NE1 . TRP A 1 21  ? -4.524  4.414   1.610   1.00 19.45  ? 353 TRP E NE1 1 
ATOM   161  C CE2 . TRP A 1 21  ? -5.161  3.414   2.305   1.00 19.28  ? 353 TRP E CE2 1 
ATOM   162  C CE3 . TRP A 1 21  ? -5.716  1.103   1.901   1.00 19.43  ? 353 TRP E CE3 1 
ATOM   163  C CZ2 . TRP A 1 21  ? -5.669  3.340   3.601   1.00 19.40  ? 353 TRP E CZ2 1 
ATOM   164  C CZ3 . TRP A 1 21  ? -6.216  1.016   3.212   1.00 19.35  ? 353 TRP E CZ3 1 
ATOM   165  C CH2 . TRP A 1 21  ? -6.208  2.131   4.056   1.00 19.36  ? 353 TRP E CH2 1 
ATOM   166  N N   . ASN A 1 22  ? -6.570  -0.079  -2.311  1.00 19.47  ? 354 ASN E N   1 
ATOM   167  C CA  . ASN A 1 22  ? -7.582  -1.092  -2.019  1.00 19.44  ? 354 ASN E CA  1 
ATOM   168  C C   . ASN A 1 22  ? -7.342  -1.712  -0.646  1.00 19.34  ? 354 ASN E C   1 
ATOM   169  O O   . ASN A 1 22  ? -6.197  -1.934  -0.280  1.00 19.42  ? 354 ASN E O   1 
ATOM   170  C CB  . ASN A 1 22  ? -7.554  -2.184  -3.098  1.00 19.53  ? 354 ASN E CB  1 
ATOM   171  C CG  . ASN A 1 22  ? -8.177  -1.772  -4.416  1.00 19.82  ? 354 ASN E CG  1 
ATOM   172  O OD1 . ASN A 1 22  ? -9.005  -0.881  -4.501  1.00 19.97  ? 354 ASN E OD1 1 
ATOM   173  N ND2 . ASN A 1 22  ? -7.830  -2.431  -5.490  1.00 19.90  ? 354 ASN E ND2 1 
ATOM   174  N N   . ARG A 1 23  ? -8.413  -2.068  0.064   1.00 19.48  ? 355 ARG E N   1 
ATOM   175  C CA  . ARG A 1 23  ? -8.393  -2.896  1.278   1.00 19.17  ? 355 ARG E CA  1 
ATOM   176  C C   . ARG A 1 23  ? -9.312  -4.098  1.110   1.00 19.41  ? 355 ARG E C   1 
ATOM   177  O O   . ARG A 1 23  ? -10.483 -3.949  0.772   1.00 19.72  ? 355 ARG E O   1 
ATOM   178  C CB  . ARG A 1 23  ? -8.768  -2.038  2.494   1.00 19.22  ? 355 ARG E CB  1 
ATOM   179  C CG  . ARG A 1 23  ? -9.030  -2.860  3.766   1.00 19.54  ? 355 ARG E CG  1 
ATOM   180  C CD  . ARG A 1 23  ? -9.014  -2.011  5.041   1.00 19.51  ? 355 ARG E CD  1 
ATOM   181  N NE  . ARG A 1 23  ? -7.628  -1.737  5.439   1.00 19.40  ? 355 ARG E NE  1 
ATOM   182  C CZ  . ARG A 1 23  ? -7.162  -1.281  6.575   1.00 19.48  ? 355 ARG E CZ  1 
ATOM   183  N NH1 . ARG A 1 23  ? -5.878  -1.208  6.735   1.00 19.68  ? 355 ARG E NH1 1 
ATOM   184  N NH2 . ARG A 1 23  ? -7.932  -0.891  7.548   1.00 19.45  ? 355 ARG E NH2 1 
ATOM   185  N N   . LYS A 1 24  ? -8.788  -5.285  1.381   1.00 19.38  ? 356 LYS E N   1 
ATOM   186  C CA  . LYS A 1 24  ? -9.493  -6.568  1.457   1.00 19.43  ? 356 LYS E CA  1 
ATOM   187  C C   . LYS A 1 24  ? -9.602  -6.964  2.923   1.00 19.41  ? 356 LYS E C   1 
ATOM   188  O O   . LYS A 1 24  ? -8.613  -6.836  3.633   1.00 19.59  ? 356 LYS E O   1 
ATOM   189  C CB  . LYS A 1 24  ? -8.670  -7.594  0.660   1.00 19.76  ? 356 LYS E CB  1 
ATOM   190  C CG  . LYS A 1 24  ? -9.280  -8.997  0.538   1.00 19.96  ? 356 LYS E CG  1 
ATOM   191  C CD  . LYS A 1 24  ? -10.493 -9.043  -0.393  1.00 20.14  ? 356 LYS E CD  1 
ATOM   192  C CE  . LYS A 1 24  ? -10.895 -10.493 -0.663  1.00 20.52  ? 356 LYS E CE  1 
ATOM   193  N NZ  . LYS A 1 24  ? -12.131 -10.572 -1.462  1.00 20.98  ? 356 LYS E NZ  1 
ATOM   194  N N   . ARG A 1 25  ? -10.747 -7.467  3.378   1.00 19.76  ? 357 ARG E N   1 
ATOM   195  C CA  . ARG A 1 25  ? -10.869 -8.102  4.700   1.00 19.63  ? 357 ARG E CA  1 
ATOM   196  C C   . ARG A 1 25  ? -11.049 -9.606  4.584   1.00 19.84  ? 357 ARG E C   1 
ATOM   197  O O   . ARG A 1 25  ? -11.755 -10.086 3.705   1.00 20.06  ? 357 ARG E O   1 
ATOM   198  C CB  . ARG A 1 25  ? -11.912 -7.427  5.593   1.00 19.82  ? 357 ARG E CB  1 
ATOM   199  C CG  . ARG A 1 25  ? -13.372 -7.824  5.344   1.00 20.29  ? 357 ARG E CG  1 
ATOM   200  C CD  . ARG A 1 25  ? -14.304 -7.141  6.356   1.00 20.69  ? 357 ARG E CD  1 
ATOM   201  N NE  . ARG A 1 25  ? -14.017 -7.553  7.747   1.00 20.98  ? 357 ARG E NE  1 
ATOM   202  C CZ  . ARG A 1 25  ? -14.376 -8.674  8.341   1.00 21.43  ? 357 ARG E CZ  1 
ATOM   203  N NH1 . ARG A 1 25  ? -13.955 -8.936  9.539   1.00 21.83  ? 357 ARG E NH1 1 
ATOM   204  N NH2 . ARG A 1 25  ? -15.144 -9.556  7.772   1.00 21.56  ? 357 ARG E NH2 1 
ATOM   205  N N   . ILE A 1 26  ? -10.362 -10.339 5.445   1.00 19.72  ? 358 ILE E N   1 
ATOM   206  C CA  . ILE A 1 26  ? -10.218 -11.791 5.388   1.00 19.68  ? 358 ILE E CA  1 
ATOM   207  C C   . ILE A 1 26  ? -10.774 -12.393 6.688   1.00 19.84  ? 358 ILE E C   1 
ATOM   208  O O   . ILE A 1 26  ? -10.455 -11.940 7.787   1.00 19.97  ? 358 ILE E O   1 
ATOM   209  C CB  . ILE A 1 26  ? -8.742  -12.127 5.088   1.00 19.51  ? 358 ILE E CB  1 
ATOM   210  C CG1 . ILE A 1 26  ? -8.352  -11.588 3.693   1.00 19.54  ? 358 ILE E CG1 1 
ATOM   211  C CG2 . ILE A 1 26  ? -8.482  -13.631 5.191   1.00 19.94  ? 358 ILE E CG2 1 
ATOM   212  C CD1 . ILE A 1 26  ? -6.879  -11.730 3.325   1.00 19.86  ? 358 ILE E CD1 1 
ATOM   213  N N   . SER A 1 27  ? -11.658 -13.380 6.571   1.00 19.95  ? 359 SER E N   1 
ATOM   214  C CA  . SER A 1 27  ? -12.390 -13.990 7.680   1.00 19.93  ? 359 SER E CA  1 
ATOM   215  C C   . SER A 1 27  ? -12.934 -15.377 7.308   1.00 20.38  ? 359 SER E C   1 
ATOM   216  O O   . SER A 1 27  ? -13.073 -15.688 6.126   1.00 20.54  ? 359 SER E O   1 
ATOM   217  C CB  . SER A 1 27  ? -13.553 -13.071 8.045   1.00 20.30  ? 359 SER E CB  1 
ATOM   218  N N   . ASN A 1 28  ? -13.285 -16.194 8.309   1.00 20.32  ? 360 ASN E N   1 
ATOM   219  C CA  . ASN A 1 28  ? -13.882 -17.528 8.160   1.00 20.21  ? 360 ASN E CA  1 
ATOM   220  C C   . ASN A 1 28  ? -13.086 -18.452 7.210   1.00 20.37  ? 360 ASN E C   1 
ATOM   221  O O   . ASN A 1 28  ? -13.644 -19.023 6.274   1.00 20.77  ? 360 ASN E O   1 
ATOM   222  C CB  . ASN A 1 28  ? -15.374 -17.370 7.801   1.00 20.36  ? 360 ASN E CB  1 
ATOM   223  C CG  . ASN A 1 28  ? -16.143 -18.681 7.762   1.00 20.45  ? 360 ASN E CG  1 
ATOM   224  O OD1 . ASN A 1 28  ? -15.825 -19.643 8.443   1.00 20.57  ? 360 ASN E OD1 1 
ATOM   225  N ND2 . ASN A 1 28  ? -17.187 -18.763 6.974   1.00 20.37  ? 360 ASN E ND2 1 
ATOM   226  N N   . CYS A 1 29  ? -11.771 -18.568 7.404   1.00 20.05  ? 361 CYS E N   1 
ATOM   227  C CA  . CYS A 1 29  ? -10.902 -19.336 6.510   1.00 19.79  ? 361 CYS E CA  1 
ATOM   228  C C   . CYS A 1 29  ? -9.587  -19.762 7.169   1.00 19.77  ? 361 CYS E C   1 
ATOM   229  O O   . CYS A 1 29  ? -9.237  -19.293 8.249   1.00 20.08  ? 361 CYS E O   1 
ATOM   230  C CB  . CYS A 1 29  ? -10.662 -18.513 5.242   1.00 20.33  ? 361 CYS E CB  1 
ATOM   231  S SG  . CYS A 1 29  ? -9.827  -16.929 5.478   1.00 20.69  ? 361 CYS E SG  1 
ATOM   232  N N   . VAL A 1 30  ? -8.858  -20.665 6.518   1.00 19.91  ? 362 VAL E N   1 
ATOM   233  C CA  . VAL A 1 30  ? -7.509  -21.105 6.885   1.00 19.79  ? 362 VAL E CA  1 
ATOM   234  C C   . VAL A 1 30  ? -6.485  -20.371 6.027   1.00 19.99  ? 362 VAL E C   1 
ATOM   235  O O   . VAL A 1 30  ? -6.516  -20.452 4.803   1.00 20.31  ? 362 VAL E O   1 
ATOM   236  C CB  . VAL A 1 30  ? -7.367  -22.631 6.740   1.00 19.76  ? 362 VAL E CB  1 
ATOM   237  C CG1 . VAL A 1 30  ? -5.919  -23.122 6.787   1.00 19.92  ? 362 VAL E CG1 1 
ATOM   238  C CG2 . VAL A 1 30  ? -8.114  -23.345 7.869   1.00 20.15  ? 362 VAL E CG2 1 
ATOM   239  N N   . ALA A 1 31  ? -5.567  -19.659 6.667   1.00 20.00  ? 363 ALA E N   1 
ATOM   240  C CA  . ALA A 1 31  ? -4.512  -18.870 6.053   1.00 19.95  ? 363 ALA E CA  1 
ATOM   241  C C   . ALA A 1 31  ? -3.162  -19.591 6.166   1.00 20.11  ? 363 ALA E C   1 
ATOM   242  O O   . ALA A 1 31  ? -2.480  -19.492 7.180   1.00 20.21  ? 363 ALA E O   1 
ATOM   243  C CB  . ALA A 1 31  ? -4.481  -17.509 6.757   1.00 20.02  ? 363 ALA E CB  1 
ATOM   244  N N   . ASP A 1 32  ? -2.748  -20.319 5.128   1.00 20.32  ? 364 ASP E N   1 
ATOM   245  C CA  . ASP A 1 32  ? -1.385  -20.847 5.062   1.00 20.53  ? 364 ASP E CA  1 
ATOM   246  C C   . ASP A 1 32  ? -0.430  -19.771 4.526   1.00 20.67  ? 364 ASP E C   1 
ATOM   247  O O   . ASP A 1 32  ? -0.457  -19.440 3.343   1.00 20.80  ? 364 ASP E O   1 
ATOM   248  C CB  . ASP A 1 32  ? -1.351  -22.131 4.222   1.00 20.65  ? 364 ASP E CB  1 
ATOM   249  C CG  . ASP A 1 32  ? 0.033   -22.798 4.216   1.00 21.06  ? 364 ASP E CG  1 
ATOM   250  O OD1 . ASP A 1 32  ? 0.971   -22.277 4.862   1.00 21.02  ? 364 ASP E OD1 1 
ATOM   251  O OD2 . ASP A 1 32  ? 0.169   -23.867 3.580   1.00 21.18  ? 364 ASP E OD2 1 
ATOM   252  N N   . TYR A 1 33  ? 0.409   -19.215 5.400   1.00 20.60  ? 365 TYR E N   1 
ATOM   253  C CA  . TYR A 1 33  ? 1.417   -18.215 5.055   1.00 20.62  ? 365 TYR E CA  1 
ATOM   254  C C   . TYR A 1 33  ? 2.727   -18.839 4.553   1.00 20.98  ? 365 TYR E C   1 
ATOM   255  O O   . TYR A 1 33  ? 3.603   -18.119 4.075   1.00 21.08  ? 365 TYR E O   1 
ATOM   256  C CB  . TYR A 1 33  ? 1.679   -17.316 6.264   1.00 20.21  ? 365 TYR E CB  1 
ATOM   257  C CG  . TYR A 1 33  ? 0.466   -16.569 6.779   1.00 19.90  ? 365 TYR E CG  1 
ATOM   258  C CD1 . TYR A 1 33  ? -0.367  -17.157 7.746   1.00 19.76  ? 365 TYR E CD1 1 
ATOM   259  C CD2 . TYR A 1 33  ? 0.199   -15.266 6.327   1.00 19.77  ? 365 TYR E CD2 1 
ATOM   260  C CE1 . TYR A 1 33  ? -1.452  -16.438 8.271   1.00 19.56  ? 365 TYR E CE1 1 
ATOM   261  C CE2 . TYR A 1 33  ? -0.883  -14.544 6.858   1.00 19.55  ? 365 TYR E CE2 1 
ATOM   262  C CZ  . TYR A 1 33  ? -1.705  -15.127 7.834   1.00 19.42  ? 365 TYR E CZ  1 
ATOM   263  O OH  . TYR A 1 33  ? -2.727  -14.416 8.367   1.00 19.51  ? 365 TYR E OH  1 
ATOM   264  N N   . SER A 1 34  ? 2.886   -20.166 4.610   1.00 21.06  ? 366 SER E N   1 
ATOM   265  C CA  . SER A 1 34  ? 4.095   -20.836 4.129   1.00 21.30  ? 366 SER E CA  1 
ATOM   266  C C   . SER A 1 34  ? 4.295   -20.650 2.623   1.00 21.43  ? 366 SER E C   1 
ATOM   267  O O   . SER A 1 34  ? 5.410   -20.387 2.177   1.00 21.51  ? 366 SER E O   1 
ATOM   268  C CB  . SER A 1 34  ? 4.026   -22.321 4.468   1.00 21.52  ? 366 SER E CB  1 
ATOM   269  N N   . VAL A 1 35  ? 3.218   -20.681 1.835   1.00 21.39  ? 367 VAL E N   1 
ATOM   270  C CA  . VAL A 1 35  ? 3.271   -20.402 0.389   1.00 21.42  ? 367 VAL E CA  1 
ATOM   271  C C   . VAL A 1 35  ? 3.544   -18.931 0.053   1.00 21.46  ? 367 VAL E C   1 
ATOM   272  O O   . VAL A 1 35  ? 3.892   -18.636 -1.085  1.00 21.66  ? 367 VAL E O   1 
ATOM   273  C CB  . VAL A 1 35  ? 2.012   -20.902 -0.341  1.00 21.66  ? 367 VAL E CB  1 
ATOM   274  C CG1 . VAL A 1 35  ? 1.878   -22.418 -0.196  1.00 21.70  ? 367 VAL E CG1 1 
ATOM   275  C CG2 . VAL A 1 35  ? 0.724   -20.234 0.134   1.00 22.23  ? 367 VAL E CG2 1 
ATOM   276  N N   . LEU A 1 36  ? 3.436   -18.009 1.013   1.00 21.35  ? 368 LEU E N   1 
ATOM   277  C CA  . LEU A 1 36  ? 3.910   -16.633 0.854   1.00 21.22  ? 368 LEU E CA  1 
ATOM   278  C C   . LEU A 1 36  ? 5.415   -16.581 1.126   1.00 21.06  ? 368 LEU E C   1 
ATOM   279  O O   . LEU A 1 36  ? 6.181   -16.237 0.235   1.00 21.28  ? 368 LEU E O   1 
ATOM   280  C CB  . LEU A 1 36  ? 3.118   -15.659 1.749   1.00 21.04  ? 368 LEU E CB  1 
ATOM   281  C CG  . LEU A 1 36  ? 1.842   -15.082 1.113   1.00 20.92  ? 368 LEU E CG  1 
ATOM   282  C CD1 . LEU A 1 36  ? 0.871   -16.144 0.612   1.00 20.52  ? 368 LEU E CD1 1 
ATOM   283  C CD2 . LEU A 1 36  ? 1.109   -14.229 2.141   1.00 21.33  ? 368 LEU E CD2 1 
ATOM   284  N N   . TYR A 1 37  ? 5.880   -16.976 2.313   1.00 21.03  ? 369 TYR E N   1 
ATOM   285  C CA  . TYR A 1 37  ? 7.303   -16.850 2.660   1.00 20.93  ? 369 TYR E CA  1 
ATOM   286  C C   . TYR A 1 37  ? 8.228   -17.677 1.751   1.00 21.36  ? 369 TYR E C   1 
ATOM   287  O O   . TYR A 1 37  ? 9.345   -17.256 1.455   1.00 21.51  ? 369 TYR E O   1 
ATOM   288  C CB  . TYR A 1 37  ? 7.514   -17.207 4.135   1.00 20.86  ? 369 TYR E CB  1 
ATOM   289  C CG  . TYR A 1 37  ? 8.904   -16.891 4.650   1.00 20.58  ? 369 TYR E CG  1 
ATOM   290  C CD1 . TYR A 1 37  ? 9.249   -15.569 4.978   1.00 20.07  ? 369 TYR E CD1 1 
ATOM   291  C CD2 . TYR A 1 37  ? 9.852   -17.919 4.813   1.00 21.19  ? 369 TYR E CD2 1 
ATOM   292  C CE1 . TYR A 1 37  ? 10.522  -15.273 5.496   1.00 20.21  ? 369 TYR E CE1 1 
ATOM   293  C CE2 . TYR A 1 37  ? 11.126  -17.631 5.336   1.00 21.05  ? 369 TYR E CE2 1 
ATOM   294  C CZ  . TYR A 1 37  ? 11.461  -16.309 5.694   1.00 20.85  ? 369 TYR E CZ  1 
ATOM   295  O OH  . TYR A 1 37  ? 12.673  -16.047 6.251   1.00 20.90  ? 369 TYR E OH  1 
ATOM   296  N N   . ASN A 1 38  ? 7.762   -18.829 1.266   1.00 21.40  ? 370 ASN E N   1 
ATOM   297  C CA  . ASN A 1 38  ? 8.516   -19.694 0.360   1.00 21.38  ? 370 ASN E CA  1 
ATOM   298  C C   . ASN A 1 38  ? 8.227   -19.436 -1.134  1.00 21.57  ? 370 ASN E C   1 
ATOM   299  O O   . ASN A 1 38  ? 8.764   -20.143 -1.987  1.00 21.70  ? 370 ASN E O   1 
ATOM   300  C CB  . ASN A 1 38  ? 8.319   -21.157 0.784   1.00 21.50  ? 370 ASN E CB  1 
ATOM   301  C CG  . ASN A 1 38  ? 8.781   -21.385 2.211   1.00 21.62  ? 370 ASN E CG  1 
ATOM   302  O OD1 . ASN A 1 38  ? 9.964   -21.473 2.497   1.00 21.60  ? 370 ASN E OD1 1 
ATOM   303  N ND2 . ASN A 1 38  ? 7.875   -21.463 3.153   1.00 21.88  ? 370 ASN E ND2 1 
ATOM   304  N N   . SER A 1 39  ? 7.422   -18.428 -1.487  1.00 21.43  ? 371 SER E N   1 
ATOM   305  C CA  . SER A 1 39  ? 7.352   -17.939 -2.871  1.00 21.51  ? 371 SER E CA  1 
ATOM   306  C C   . SER A 1 39  ? 8.624   -17.160 -3.221  1.00 21.63  ? 371 SER E C   1 
ATOM   307  O O   . SER A 1 39  ? 9.106   -16.345 -2.433  1.00 21.70  ? 371 SER E O   1 
ATOM   308  C CB  . SER A 1 39  ? 6.116   -17.068 -3.105  1.00 50.00  ? 371 SER E CB  1 
ATOM   309  O OG  . SER A 1 39  ? 6.092   -16.600 -4.440  1.00 50.00  ? 371 SER E OG  1 
ATOM   310  N N   . ALA A 1 40  ? 9.183   -17.400 -4.405  1.00 21.51  ? 372 ALA E N   1 
ATOM   311  C CA  . ALA A 1 40  ? 10.425  -16.773 -4.848  1.00 21.51  ? 372 ALA E CA  1 
ATOM   312  C C   . ALA A 1 40  ? 10.274  -15.298 -5.273  1.00 21.24  ? 372 ALA E C   1 
ATOM   313  O O   . ALA A 1 40  ? 11.275  -14.602 -5.431  1.00 21.56  ? 372 ALA E O   1 
ATOM   314  C CB  . ALA A 1 40  ? 10.981  -17.617 -5.995  1.00 21.65  ? 372 ALA E CB  1 
ATOM   315  N N   . SER A 1 41  ? 9.054   -14.810 -5.504  1.00 20.93  ? 373 SER E N   1 
ATOM   316  C CA  . SER A 1 41  ? 8.836   -13.513 -6.145  1.00 20.77  ? 373 SER E CA  1 
ATOM   317  C C   . SER A 1 41  ? 9.231   -12.297 -5.294  1.00 20.65  ? 373 SER E C   1 
ATOM   318  O O   . SER A 1 41  ? 9.617   -11.264 -5.844  1.00 20.55  ? 373 SER E O   1 
ATOM   319  C CB  . SER A 1 41  ? 7.364   -13.414 -6.526  1.00 21.08  ? 373 SER E CB  1 
ATOM   320  N N   . PHE A 1 42  ? 9.116   -12.377 -3.967  1.00 20.47  ? 374 PHE E N   1 
ATOM   321  C CA  . PHE A 1 42  ? 9.152   -11.200 -3.097  1.00 20.04  ? 374 PHE E CA  1 
ATOM   322  C C   . PHE A 1 42  ? 10.554  -10.622 -2.887  1.00 19.90  ? 374 PHE E C   1 
ATOM   323  O O   . PHE A 1 42  ? 11.473  -11.312 -2.455  1.00 20.04  ? 374 PHE E O   1 
ATOM   324  C CB  . PHE A 1 42  ? 8.425   -11.509 -1.785  1.00 19.77  ? 374 PHE E CB  1 
ATOM   325  C CG  . PHE A 1 42  ? 7.006   -12.011 -1.980  1.00 19.89  ? 374 PHE E CG  1 
ATOM   326  C CD1 . PHE A 1 42  ? 6.128   -11.326 -2.837  1.00 20.27  ? 374 PHE E CD1 1 
ATOM   327  C CD2 . PHE A 1 42  ? 6.552   -13.162 -1.316  1.00 19.94  ? 374 PHE E CD2 1 
ATOM   328  C CE1 . PHE A 1 42  ? 4.822   -11.791 -3.047  1.00 20.44  ? 374 PHE E CE1 1 
ATOM   329  C CE2 . PHE A 1 42  ? 5.237   -13.619 -1.515  1.00 20.07  ? 374 PHE E CE2 1 
ATOM   330  C CZ  . PHE A 1 42  ? 4.374   -12.939 -2.383  1.00 20.43  ? 374 PHE E CZ  1 
ATOM   331  N N   . SER A 1 43  ? 10.710  -9.328  -3.175  1.00 19.88  ? 375 SER E N   1 
ATOM   332  C CA  . SER A 1 43  ? 11.939  -8.562  -2.963  1.00 19.71  ? 375 SER E CA  1 
ATOM   333  C C   . SER A 1 43  ? 12.090  -8.068  -1.521  1.00 19.82  ? 375 SER E C   1 
ATOM   334  O O   . SER A 1 43  ? 13.201  -8.023  -0.992  1.00 19.89  ? 375 SER E O   1 
ATOM   335  C CB  . SER A 1 43  ? 11.933  -7.364  -3.909  1.00 19.84  ? 375 SER E CB  1 
ATOM   336  N N   . THR A 1 44  ? 10.975  -7.740  -0.864  1.00 19.70  ? 376 THR E N   1 
ATOM   337  C CA  . THR A 1 44  ? 10.890  -7.481  0.571   1.00 19.35  ? 376 THR E CA  1 
ATOM   338  C C   . THR A 1 44  ? 9.677   -8.197  1.153   1.00 19.28  ? 376 THR E C   1 
ATOM   339  O O   . THR A 1 44  ? 8.598   -8.131  0.572   1.00 19.42  ? 376 THR E O   1 
ATOM   340  C CB  . THR A 1 44  ? 10.777  -5.980  0.816   1.00 19.33  ? 376 THR E CB  1 
ATOM   341  N N   . PHE A 1 45  ? 9.834   -8.846  2.303   1.00 19.07  ? 377 PHE E N   1 
ATOM   342  C CA  . PHE A 1 45  ? 8.732   -9.326  3.127   1.00 18.72  ? 377 PHE E CA  1 
ATOM   343  C C   . PHE A 1 45  ? 9.101   -9.256  4.596   1.00 18.67  ? 377 PHE E C   1 
ATOM   344  O O   . PHE A 1 45  ? 9.741   -10.153 5.135   1.00 18.92  ? 377 PHE E O   1 
ATOM   345  C CB  . PHE A 1 45  ? 8.193   -10.658 2.606   1.00 19.04  ? 377 PHE E CB  1 
ATOM   346  C CG  . PHE A 1 45  ? 7.316   -11.466 3.541   1.00 19.37  ? 377 PHE E CG  1 
ATOM   347  C CD1 . PHE A 1 45  ? 6.304   -10.859 4.304   1.00 19.36  ? 377 PHE E CD1 1 
ATOM   348  C CD2 . PHE A 1 45  ? 7.253   -12.854 3.344   1.00 19.71  ? 377 PHE E CD2 1 
ATOM   349  C CE1 . PHE A 1 45  ? 5.337   -11.636 4.961   1.00 19.48  ? 377 PHE E CE1 1 
ATOM   350  C CE2 . PHE A 1 45  ? 6.259   -13.622 3.968   1.00 20.00  ? 377 PHE E CE2 1 
ATOM   351  C CZ  . PHE A 1 45  ? 5.311   -13.020 4.794   1.00 19.83  ? 377 PHE E CZ  1 
ATOM   352  N N   . LYS A 1 46  ? 8.742   -8.125  5.207   1.00 18.47  ? 378 LYS E N   1 
ATOM   353  C CA  . LYS A 1 46  ? 9.159   -7.687  6.549   1.00 18.31  ? 378 LYS E CA  1 
ATOM   354  C C   . LYS A 1 46  ? 7.978   -7.738  7.500   1.00 18.28  ? 378 LYS E C   1 
ATOM   355  O O   . LYS A 1 46  ? 6.943   -7.169  7.175   1.00 18.39  ? 378 LYS E O   1 
ATOM   356  C CB  . LYS A 1 46  ? 9.697   -6.249  6.477   1.00 18.28  ? 378 LYS E CB  1 
ATOM   357  N N   . CYS A 1 47  ? 8.131   -8.361  8.661   1.00 18.24  ? 379 CYS E N   1 
ATOM   358  C CA  . CYS A 1 47  ? 7.068   -8.494  9.651   1.00 17.97  ? 379 CYS E CA  1 
ATOM   359  C C   . CYS A 1 47  ? 7.416   -7.813  10.968  1.00 17.96  ? 379 CYS E C   1 
ATOM   360  O O   . CYS A 1 47  ? 8.546   -7.908  11.443  1.00 18.16  ? 379 CYS E O   1 
ATOM   361  C CB  . CYS A 1 47  ? 6.755   -9.960  9.888   1.00 18.25  ? 379 CYS E CB  1 
ATOM   362  S SG  . CYS A 1 47  ? 6.109   -10.856 8.471   1.00 18.88  ? 379 CYS E SG  1 
ATOM   363  N N   . TYR A 1 48  ? 6.428   -7.162  11.572  1.00 17.95  ? 380 TYR E N   1 
ATOM   364  C CA  . TYR A 1 48  ? 6.525   -6.399  12.806  1.00 17.76  ? 380 TYR E CA  1 
ATOM   365  C C   . TYR A 1 48  ? 5.617   -7.023  13.859  1.00 17.75  ? 380 TYR E C   1 
ATOM   366  O O   . TYR A 1 48  ? 4.437   -7.244  13.601  1.00 18.04  ? 380 TYR E O   1 
ATOM   367  C CB  . TYR A 1 48  ? 6.128   -4.945  12.526  1.00 17.85  ? 380 TYR E CB  1 
ATOM   368  C CG  . TYR A 1 48  ? 6.873   -4.302  11.375  1.00 17.91  ? 380 TYR E CG  1 
ATOM   369  C CD1 . TYR A 1 48  ? 8.193   -3.854  11.554  1.00 17.96  ? 380 TYR E CD1 1 
ATOM   370  C CD2 . TYR A 1 48  ? 6.256   -4.177  10.117  1.00 18.10  ? 380 TYR E CD2 1 
ATOM   371  C CE1 . TYR A 1 48  ? 8.900   -3.292  10.476  1.00 18.13  ? 380 TYR E CE1 1 
ATOM   372  C CE2 . TYR A 1 48  ? 6.954   -3.608  9.038   1.00 18.19  ? 380 TYR E CE2 1 
ATOM   373  C CZ  . TYR A 1 48  ? 8.284   -3.173  9.216   1.00 18.31  ? 380 TYR E CZ  1 
ATOM   374  O OH  . TYR A 1 48  ? 8.981   -2.642  8.178   1.00 18.54  ? 380 TYR E OH  1 
ATOM   375  N N   . GLY A 1 49  ? 6.141   -7.338  15.037  1.00 17.59  ? 381 GLY E N   1 
ATOM   376  C CA  . GLY A 1 49  ? 5.362   -7.921  16.132  1.00 17.55  ? 381 GLY E CA  1 
ATOM   377  C C   . GLY A 1 49  ? 4.976   -9.393  15.962  1.00 17.62  ? 381 GLY E C   1 
ATOM   378  O O   . GLY A 1 49  ? 4.498   -10.005 16.913  1.00 17.99  ? 381 GLY E O   1 
ATOM   379  N N   . VAL A 1 50  ? 5.242   -9.990  14.801  1.00 17.76  ? 382 VAL E N   1 
ATOM   380  C CA  . VAL A 1 50  ? 5.130   -11.425 14.485  1.00 17.76  ? 382 VAL E CA  1 
ATOM   381  C C   . VAL A 1 50  ? 6.306   -11.819 13.590  1.00 18.13  ? 382 VAL E C   1 
ATOM   382  O O   . VAL A 1 50  ? 6.782   -10.990 12.825  1.00 18.40  ? 382 VAL E O   1 
ATOM   383  C CB  . VAL A 1 50  ? 3.801   -11.769 13.782  1.00 17.88  ? 382 VAL E CB  1 
ATOM   384  C CG1 . VAL A 1 50  ? 2.619   -11.753 14.748  1.00 18.08  ? 382 VAL E CG1 1 
ATOM   385  C CG2 . VAL A 1 50  ? 3.459   -10.842 12.615  1.00 18.19  ? 382 VAL E CG2 1 
ATOM   386  N N   . SER A 1 51  ? 6.796   -13.053 13.653  1.00 18.20  ? 383 SER E N   1 
ATOM   387  C CA  . SER A 1 51  ? 7.858   -13.542 12.766  1.00 18.42  ? 383 SER E CA  1 
ATOM   388  C C   . SER A 1 51  ? 7.261   -14.487 11.719  1.00 18.89  ? 383 SER E C   1 
ATOM   389  O O   . SER A 1 51  ? 6.434   -15.326 12.082  1.00 18.97  ? 383 SER E O   1 
ATOM   390  C CB  . SER A 1 51  ? 8.945   -14.227 13.582  1.00 18.63  ? 383 SER E CB  1 
ATOM   391  N N   . PRO A 1 52  ? 7.608   -14.386 10.422  1.00 19.03  ? 384 PRO E N   1 
ATOM   392  C CA  . PRO A 1 52  ? 6.866   -15.056 9.353   1.00 19.02  ? 384 PRO E CA  1 
ATOM   393  C C   . PRO A 1 52  ? 6.821   -16.584 9.488   1.00 19.29  ? 384 PRO E C   1 
ATOM   394  O O   . PRO A 1 52  ? 5.769   -17.187 9.291   1.00 19.61  ? 384 PRO E O   1 
ATOM   395  C CB  . PRO A 1 52  ? 7.501   -14.586 8.046   1.00 19.40  ? 384 PRO E CB  1 
ATOM   396  C CG  . PRO A 1 52  ? 8.880   -14.085 8.456   1.00 19.44  ? 384 PRO E CG  1 
ATOM   397  C CD  . PRO A 1 52  ? 8.649   -13.548 9.858   1.00 19.15  ? 384 PRO E CD  1 
ATOM   398  N N   . THR A 1 53  ? 7.907   -17.211 9.943   1.00 19.15  ? 385 THR E N   1 
ATOM   399  C CA  . THR A 1 53  ? 7.972   -18.652 10.206  1.00 19.16  ? 385 THR E CA  1 
ATOM   400  C C   . THR A 1 53  ? 7.054   -19.154 11.342  1.00 18.95  ? 385 THR E C   1 
ATOM   401  O O   . THR A 1 53  ? 6.904   -20.363 11.523  1.00 18.97  ? 385 THR E O   1 
ATOM   402  C CB  . THR A 1 53  ? 9.425   -19.007 10.504  1.00 19.38  ? 385 THR E CB  1 
ATOM   403  N N   . LYS A 1 54  ? 6.422   -18.250 12.103  1.00 18.90  ? 386 LYS E N   1 
ATOM   404  C CA  . LYS A 1 54  ? 5.429   -18.544 13.148  1.00 18.71  ? 386 LYS E CA  1 
ATOM   405  C C   . LYS A 1 54  ? 4.001   -18.143 12.775  1.00 18.83  ? 386 LYS E C   1 
ATOM   406  O O   . LYS A 1 54  ? 3.086   -18.432 13.534  1.00 18.98  ? 386 LYS E O   1 
ATOM   407  C CB  . LYS A 1 54  ? 5.848   -17.891 14.476  1.00 18.46  ? 386 LYS E CB  1 
ATOM   408  C CG  . LYS A 1 54  ? 7.155   -18.476 15.006  1.00 18.20  ? 386 LYS E CG  1 
ATOM   409  C CD  . LYS A 1 54  ? 7.419   -18.033 16.439  1.00 17.32  ? 386 LYS E CD  1 
ATOM   410  C CE  . LYS A 1 54  ? 8.733   -18.654 16.902  1.00 17.70  ? 386 LYS E CE  1 
ATOM   411  N NZ  . LYS A 1 54  ? 9.017   -18.331 18.313  1.00 18.58  ? 386 LYS E NZ  1 
ATOM   412  N N   . LEU A 1 55  ? 3.753   -17.526 11.618  1.00 18.97  ? 387 LEU E N   1 
ATOM   413  C CA  . LEU A 1 55  ? 2.392   -17.121 11.237  1.00 18.94  ? 387 LEU E CA  1 
ATOM   414  C C   . LEU A 1 55  ? 1.448   -18.323 11.096  1.00 19.15  ? 387 LEU E C   1 
ATOM   415  O O   . LEU A 1 55  ? 0.268   -18.206 11.401  1.00 19.27  ? 387 LEU E O   1 
ATOM   416  C CB  . LEU A 1 55  ? 2.415   -16.321 9.932   1.00 19.25  ? 387 LEU E CB  1 
ATOM   417  C CG  . LEU A 1 55  ? 3.078   -14.943 10.022  1.00 18.99  ? 387 LEU E CG  1 
ATOM   418  C CD1 . LEU A 1 55  ? 3.282   -14.375 8.620   1.00 19.24  ? 387 LEU E CD1 1 
ATOM   419  C CD2 . LEU A 1 55  ? 2.214   -13.958 10.792  1.00 18.72  ? 387 LEU E CD2 1 
ATOM   420  N N   . ASN A 1 56  ? 1.967   -19.492 10.715  1.00 19.19  ? 388 ASN E N   1 
ATOM   421  C CA  . ASN A 1 56  ? 1.202   -20.731 10.634  1.00 19.29  ? 388 ASN E CA  1 
ATOM   422  C C   . ASN A 1 56  ? 0.808   -21.323 12.004  1.00 19.42  ? 388 ASN E C   1 
ATOM   423  O O   . ASN A 1 56  ? 0.026   -22.266 12.035  1.00 19.71  ? 388 ASN E O   1 
ATOM   424  C CB  . ASN A 1 56  ? 1.972   -21.740 9.766   1.00 19.36  ? 388 ASN E CB  1 
ATOM   425  C CG  . ASN A 1 56  ? 1.808   -21.485 8.280   1.00 20.33  ? 388 ASN E CG  1 
ATOM   426  O OD1 . ASN A 1 56  ? 1.425   -20.424 7.833   1.00 20.32  ? 388 ASN E OD1 1 
ATOM   427  N ND2 . ASN A 1 56  ? 2.045   -22.465 7.458   1.00 20.83  ? 388 ASN E ND2 1 
ATOM   428  N N   . ASP A 1 57  ? 1.290   -20.811 13.137  1.00 19.15  ? 389 ASP E N   1 
ATOM   429  C CA  . ASP A 1 57  ? 0.856   -21.265 14.465  1.00 18.62  ? 389 ASP E CA  1 
ATOM   430  C C   . ASP A 1 57  ? -0.307  -20.432 15.029  1.00 18.77  ? 389 ASP E C   1 
ATOM   431  O O   . ASP A 1 57  ? -1.012  -20.873 15.934  1.00 19.01  ? 389 ASP E O   1 
ATOM   432  C CB  . ASP A 1 57  ? 2.025   -21.224 15.458  1.00 18.69  ? 389 ASP E CB  1 
ATOM   433  C CG  . ASP A 1 57  ? 3.195   -22.171 15.163  1.00 19.34  ? 389 ASP E CG  1 
ATOM   434  O OD1 . ASP A 1 57  ? 3.331   -22.698 14.039  1.00 19.61  ? 389 ASP E OD1 1 
ATOM   435  O OD2 . ASP A 1 57  ? 3.992   -22.416 16.095  1.00 19.22  ? 389 ASP E OD2 1 
ATOM   436  N N   . LEU A 1 58  ? -0.461  -19.198 14.560  1.00 18.93  ? 390 LEU E N   1 
ATOM   437  C CA  . LEU A 1 58  ? -1.276  -18.160 15.180  1.00 18.74  ? 390 LEU E CA  1 
ATOM   438  C C   . LEU A 1 58  ? -2.710  -18.129 14.632  1.00 18.87  ? 390 LEU E C   1 
ATOM   439  O O   . LEU A 1 58  ? -2.995  -18.584 13.529  1.00 19.38  ? 390 LEU E O   1 
ATOM   440  C CB  . LEU A 1 58  ? -0.556  -16.818 14.975  1.00 19.32  ? 390 LEU E CB  1 
ATOM   441  C CG  . LEU A 1 58  ? 0.778   -16.673 15.732  1.00 19.01  ? 390 LEU E CG  1 
ATOM   442  C CD1 . LEU A 1 58  ? 1.587   -15.490 15.209  1.00 18.76  ? 390 LEU E CD1 1 
ATOM   443  C CD2 . LEU A 1 58  ? 0.526   -16.449 17.217  1.00 18.62  ? 390 LEU E CD2 1 
ATOM   444  N N   . CYS A 1 59  ? -3.618  -17.542 15.402  1.00 19.11  ? 391 CYS E N   1 
ATOM   445  C CA  . CYS A 1 59  ? -4.982  -17.215 15.001  1.00 19.19  ? 391 CYS E CA  1 
ATOM   446  C C   . CYS A 1 59  ? -5.273  -15.751 15.323  1.00 19.40  ? 391 CYS E C   1 
ATOM   447  O O   . CYS A 1 59  ? -4.818  -15.240 16.343  1.00 19.66  ? 391 CYS E O   1 
ATOM   448  C CB  . CYS A 1 59  ? -5.976  -18.100 15.749  1.00 19.41  ? 391 CYS E CB  1 
ATOM   449  S SG  . CYS A 1 59  ? -6.048  -19.854 15.329  1.00 19.96  ? 391 CYS E SG  1 
ATOM   450  N N   . PHE A 1 60  ? -6.055  -15.083 14.481  1.00 19.40  ? 392 PHE E N   1 
ATOM   451  C CA  . PHE A 1 60  ? -6.282  -13.639 14.514  1.00 19.49  ? 392 PHE E CA  1 
ATOM   452  C C   . PHE A 1 60  ? -7.771  -13.314 14.587  1.00 19.81  ? 392 PHE E C   1 
ATOM   453  O O   . PHE A 1 60  ? -8.587  -14.032 14.016  1.00 20.11  ? 392 PHE E O   1 
ATOM   454  C CB  . PHE A 1 60  ? -5.649  -13.027 13.265  1.00 19.63  ? 392 PHE E CB  1 
ATOM   455  C CG  . PHE A 1 60  ? -4.187  -13.374 13.082  1.00 19.31  ? 392 PHE E CG  1 
ATOM   456  C CD1 . PHE A 1 60  ? -3.226  -12.794 13.924  1.00 19.13  ? 392 PHE E CD1 1 
ATOM   457  C CD2 . PHE A 1 60  ? -3.785  -14.294 12.100  1.00 19.40  ? 392 PHE E CD2 1 
ATOM   458  C CE1 . PHE A 1 60  ? -1.867  -13.110 13.778  1.00 19.06  ? 392 PHE E CE1 1 
ATOM   459  C CE2 . PHE A 1 60  ? -2.429  -14.628 11.965  1.00 18.98  ? 392 PHE E CE2 1 
ATOM   460  C CZ  . PHE A 1 60  ? -1.471  -14.029 12.797  1.00 18.98  ? 392 PHE E CZ  1 
ATOM   461  N N   . THR A 1 61  ? -8.153  -12.234 15.268  1.00 19.93  ? 393 THR E N   1 
ATOM   462  C CA  . THR A 1 61  ? -9.559  -11.840 15.366  1.00 20.13  ? 393 THR E CA  1 
ATOM   463  C C   . THR A 1 61  ? -10.142 -11.513 13.989  1.00 20.36  ? 393 THR E C   1 
ATOM   464  O O   . THR A 1 61  ? -11.210 -12.004 13.632  1.00 20.51  ? 393 THR E O   1 
ATOM   465  C CB  . THR A 1 61  ? -9.686  -10.644 16.300  1.00 20.61  ? 393 THR E CB  1 
ATOM   466  N N   . ASN A 1 62  ? -9.400  -10.756 13.183  1.00 20.37  ? 394 ASN E N   1 
ATOM   467  C CA  . ASN A 1 62  ? -9.621  -10.544 11.752  1.00 20.18  ? 394 ASN E CA  1 
ATOM   468  C C   . ASN A 1 62  ? -8.320  -10.116 11.072  1.00 19.92  ? 394 ASN E C   1 
ATOM   469  O O   . ASN A 1 62  ? -7.389  -9.648  11.728  1.00 19.87  ? 394 ASN E O   1 
ATOM   470  C CB  . ASN A 1 62  ? -10.693 -9.481  11.537  1.00 20.41  ? 394 ASN E CB  1 
ATOM   471  N N   . VAL A 1 63  ? -8.246  -10.272 9.756   1.00 19.75  ? 395 VAL E N   1 
ATOM   472  C CA  . VAL A 1 63  ? -7.062  -9.944  8.954   1.00 19.33  ? 395 VAL E CA  1 
ATOM   473  C C   . VAL A 1 63  ? -7.452  -8.964  7.861   1.00 19.47  ? 395 VAL E C   1 
ATOM   474  O O   . VAL A 1 63  ? -8.489  -9.129  7.234   1.00 19.79  ? 395 VAL E O   1 
ATOM   475  C CB  . VAL A 1 63  ? -6.442  -11.226 8.380   1.00 19.43  ? 395 VAL E CB  1 
ATOM   476  C CG1 . VAL A 1 63  ? -5.291  -10.940 7.411   1.00 19.28  ? 395 VAL E CG1 1 
ATOM   477  C CG2 . VAL A 1 63  ? -5.956  -12.150 9.497   1.00 19.46  ? 395 VAL E CG2 1 
ATOM   478  N N   . TYR A 1 64  ? -6.616  -7.971  7.592   1.00 19.25  ? 396 TYR E N   1 
ATOM   479  C CA  . TYR A 1 64  ? -6.777  -7.048  6.469   1.00 19.16  ? 396 TYR E CA  1 
ATOM   480  C C   . TYR A 1 64  ? -5.582  -7.138  5.539   1.00 19.07  ? 396 TYR E C   1 
ATOM   481  O O   . TYR A 1 64  ? -4.465  -7.330  6.005   1.00 19.20  ? 396 TYR E O   1 
ATOM   482  C CB  . TYR A 1 64  ? -6.922  -5.618  6.968   1.00 19.33  ? 396 TYR E CB  1 
ATOM   483  C CG  . TYR A 1 64  ? -8.204  -5.353  7.721   1.00 19.72  ? 396 TYR E CG  1 
ATOM   484  C CD1 . TYR A 1 64  ? -9.389  -5.127  7.003   1.00 20.07  ? 396 TYR E CD1 1 
ATOM   485  C CD2 . TYR A 1 64  ? -8.209  -5.300  9.125   1.00 19.85  ? 396 TYR E CD2 1 
ATOM   486  C CE1 . TYR A 1 64  ? -10.579 -4.820  7.686   1.00 20.41  ? 396 TYR E CE1 1 
ATOM   487  C CE2 . TYR A 1 64  ? -9.398  -5.003  9.811   1.00 20.19  ? 396 TYR E CE2 1 
ATOM   488  C CZ  . TYR A 1 64  ? -10.582 -4.754  9.093   1.00 20.61  ? 396 TYR E CZ  1 
ATOM   489  O OH  . TYR A 1 64  ? -11.724 -4.444  9.758   1.00 20.92  ? 396 TYR E OH  1 
ATOM   490  N N   . ALA A 1 65  ? -5.798  -6.963  4.239   1.00 19.17  ? 397 ALA E N   1 
ATOM   491  C CA  . ALA A 1 65  ? -4.734  -6.817  3.260   1.00 18.87  ? 397 ALA E CA  1 
ATOM   492  C C   . ALA A 1 65  ? -4.956  -5.555  2.429   1.00 18.96  ? 397 ALA E C   1 
ATOM   493  O O   . ALA A 1 65  ? -5.976  -5.440  1.760   1.00 19.35  ? 397 ALA E O   1 
ATOM   494  C CB  . ALA A 1 65  ? -4.655  -8.073  2.399   1.00 19.38  ? 397 ALA E CB  1 
ATOM   495  N N   . ASP A 1 66  ? -4.001  -4.632  2.423   1.00 18.91  ? 398 ASP E N   1 
ATOM   496  C CA  . ASP A 1 66  ? -4.051  -3.385  1.653   1.00 18.85  ? 398 ASP E CA  1 
ATOM   497  C C   . ASP A 1 66  ? -3.122  -3.500  0.450   1.00 18.91  ? 398 ASP E C   1 
ATOM   498  O O   . ASP A 1 66  ? -1.996  -3.951  0.622   1.00 19.06  ? 398 ASP E O   1 
ATOM   499  C CB  . ASP A 1 66  ? -3.646  -2.166  2.495   1.00 18.82  ? 398 ASP E CB  1 
ATOM   500  C CG  . ASP A 1 66  ? -4.357  -2.067  3.850   1.00 19.21  ? 398 ASP E CG  1 
ATOM   501  O OD1 . ASP A 1 66  ? -5.482  -2.579  4.001   1.00 19.44  ? 398 ASP E OD1 1 
ATOM   502  O OD2 . ASP A 1 66  ? -3.815  -1.445  4.790   1.00 19.23  ? 398 ASP E OD2 1 
ATOM   503  N N   . SER A 1 67  ? -3.542  -3.127  -0.761  1.00 19.12  ? 399 SER E N   1 
ATOM   504  C CA  . SER A 1 67  ? -2.698  -3.272  -1.952  1.00 19.05  ? 399 SER E CA  1 
ATOM   505  C C   . SER A 1 67  ? -2.720  -2.072  -2.894  1.00 19.36  ? 399 SER E C   1 
ATOM   506  O O   . SER A 1 67  ? -3.741  -1.413  -3.092  1.00 19.62  ? 399 SER E O   1 
ATOM   507  C CB  . SER A 1 67  ? -2.992  -4.573  -2.688  1.00 19.35  ? 399 SER E CB  1 
ATOM   508  O OG  . SER A 1 67  ? -4.275  -4.572  -3.275  1.00 19.63  ? 399 SER E OG  1 
ATOM   509  N N   . PHE A 1 68  ? -1.545  -1.760  -3.438  1.00 19.36  ? 400 PHE E N   1 
ATOM   510  C CA  . PHE A 1 68  ? -1.262  -0.594  -4.273  1.00 19.48  ? 400 PHE E CA  1 
ATOM   511  C C   . PHE A 1 68  ? 0.079   -0.762  -5.007  1.00 19.69  ? 400 PHE E C   1 
ATOM   512  O O   . PHE A 1 68  ? 0.848   -1.669  -4.699  1.00 19.77  ? 400 PHE E O   1 
ATOM   513  C CB  . PHE A 1 68  ? -1.288  0.673   -3.409  1.00 19.44  ? 400 PHE E CB  1 
ATOM   514  C CG  . PHE A 1 68  ? -0.462  0.631   -2.142  1.00 19.23  ? 400 PHE E CG  1 
ATOM   515  C CD1 . PHE A 1 68  ? 0.885   1.007   -2.166  1.00 19.28  ? 400 PHE E CD1 1 
ATOM   516  C CD2 . PHE A 1 68  ? -1.033  0.187   -0.938  1.00 19.14  ? 400 PHE E CD2 1 
ATOM   517  C CE1 . PHE A 1 68  ? 1.656   0.936   -1.000  1.00 19.13  ? 400 PHE E CE1 1 
ATOM   518  C CE2 . PHE A 1 68  ? -0.258  0.098   0.223   1.00 18.97  ? 400 PHE E CE2 1 
ATOM   519  C CZ  . PHE A 1 68  ? 1.085   0.480   0.192   1.00 19.02  ? 400 PHE E CZ  1 
ATOM   520  N N   . VAL A 1 69  ? 0.373   0.105   -5.981  1.00 20.02  ? 401 VAL E N   1 
ATOM   521  C CA  . VAL A 1 69  ? 1.662   0.193   -6.697  1.00 19.89  ? 401 VAL E CA  1 
ATOM   522  C C   . VAL A 1 69  ? 2.420   1.440   -6.287  1.00 20.09  ? 401 VAL E C   1 
ATOM   523  O O   . VAL A 1 69  ? 1.821   2.503   -6.206  1.00 20.30  ? 401 VAL E O   1 
ATOM   524  C CB  . VAL A 1 69  ? 1.490   0.243   -8.224  1.00 20.56  ? 401 VAL E CB  1 
ATOM   525  C CG1 . VAL A 1 69  ? 2.830   0.069   -8.943  1.00 20.94  ? 401 VAL E CG1 1 
ATOM   526  C CG2 . VAL A 1 69  ? 0.573   -0.864  -8.714  1.00 20.79  ? 401 VAL E CG2 1 
ATOM   527  N N   . ILE A 1 70  ? 3.732   1.351   -6.089  1.00 20.04  ? 402 ILE E N   1 
ATOM   528  C CA  . ILE A 1 70  ? 4.622   2.501   -5.876  1.00 20.17  ? 402 ILE E CA  1 
ATOM   529  C C   . ILE A 1 70  ? 5.949   2.317   -6.610  1.00 20.47  ? 402 ILE E C   1 
ATOM   530  O O   . ILE A 1 70  ? 6.283   1.214   -7.021  1.00 20.84  ? 402 ILE E O   1 
ATOM   531  C CB  . ILE A 1 70  ? 4.855   2.775   -4.381  1.00 19.95  ? 402 ILE E CB  1 
ATOM   532  C CG1 . ILE A 1 70  ? 5.167   1.513   -3.566  1.00 20.17  ? 402 ILE E CG1 1 
ATOM   533  C CG2 . ILE A 1 70  ? 3.668   3.544   -3.801  1.00 19.99  ? 402 ILE E CG2 1 
ATOM   534  C CD1 . ILE A 1 70  ? 5.601   1.849   -2.144  1.00 19.95  ? 402 ILE E CD1 1 
ATOM   535  N N   . ARG A 1 71  ? 6.721   3.384   -6.812  1.00 20.53  ? 403 ARG E N   1 
ATOM   536  C CA  . ARG A 1 71  ? 8.079   3.249   -7.351  1.00 20.64  ? 403 ARG E CA  1 
ATOM   537  C C   . ARG A 1 71  ? 8.991   2.499   -6.387  1.00 20.52  ? 403 ARG E C   1 
ATOM   538  O O   . ARG A 1 71  ? 8.846   2.626   -5.173  1.00 20.67  ? 403 ARG E O   1 
ATOM   539  C CB  . ARG A 1 71  ? 8.697   4.615   -7.626  1.00 20.78  ? 403 ARG E CB  1 
ATOM   540  C CG  . ARG A 1 71  ? 7.863   5.553   -8.496  1.00 21.12  ? 403 ARG E CG  1 
ATOM   541  C CD  . ARG A 1 71  ? 8.748   6.599   -9.169  1.00 21.32  ? 403 ARG E CD  1 
ATOM   542  N NE  . ARG A 1 71  ? 9.602   7.306   -8.203  1.00 21.15  ? 403 ARG E NE  1 
ATOM   543  C CZ  . ARG A 1 71  ? 9.796   8.604   -8.109  1.00 21.42  ? 403 ARG E CZ  1 
ATOM   544  N NH1 . ARG A 1 71  ? 10.671  9.061   -7.273  1.00 21.74  ? 403 ARG E NH1 1 
ATOM   545  N NH2 . ARG A 1 71  ? 9.164   9.481   -8.833  1.00 21.53  ? 403 ARG E NH2 1 
ATOM   546  N N   . GLY A 1 72  ? 9.987   1.791   -6.897  1.00 20.93  ? 404 GLY E N   1 
ATOM   547  C CA  . GLY A 1 72  ? 10.955  1.061   -6.080  1.00 20.74  ? 404 GLY E CA  1 
ATOM   548  C C   . GLY A 1 72  ? 11.754  1.915   -5.085  1.00 20.61  ? 404 GLY E C   1 
ATOM   549  O O   . GLY A 1 72  ? 12.289  1.368   -4.126  1.00 20.51  ? 404 GLY E O   1 
ATOM   550  N N   . ASP A 1 73  ? 11.824  3.239   -5.248  1.00 20.82  ? 405 ASP E N   1 
ATOM   551  C CA  . ASP A 1 73  ? 12.494  4.135   -4.295  1.00 20.65  ? 405 ASP E CA  1 
ATOM   552  C C   . ASP A 1 73  ? 11.591  4.582   -3.131  1.00 20.61  ? 405 ASP E C   1 
ATOM   553  O O   . ASP A 1 73  ? 12.091  5.066   -2.117  1.00 20.50  ? 405 ASP E O   1 
ATOM   554  C CB  . ASP A 1 73  ? 13.106  5.349   -5.014  1.00 20.78  ? 405 ASP E CB  1 
ATOM   555  C CG  . ASP A 1 73  ? 12.126  6.227   -5.795  1.00 21.04  ? 405 ASP E CG  1 
ATOM   556  O OD1 . ASP A 1 73  ? 11.323  5.697   -6.589  1.00 21.05  ? 405 ASP E OD1 1 
ATOM   557  O OD2 . ASP A 1 73  ? 12.189  7.465   -5.645  1.00 21.06  ? 405 ASP E OD2 1 
ATOM   558  N N   . TRP A 1 74  ? 10.271  4.406   -3.240  1.00 20.50  ? 406 TRP E N   1 
ATOM   559  C CA  . TRP A 1 74  ? 9.301   4.724   -2.188  1.00 20.04  ? 406 TRP E CA  1 
ATOM   560  C C   . TRP A 1 74  ? 9.018   3.569   -1.224  1.00 19.94  ? 406 TRP E C   1 
ATOM   561  O O   . TRP A 1 74  ? 8.472   3.824   -0.155  1.00 19.91  ? 406 TRP E O   1 
ATOM   562  C CB  . TRP A 1 74  ? 7.991   5.194   -2.828  1.00 20.17  ? 406 TRP E CB  1 
ATOM   563  C CG  . TRP A 1 74  ? 8.018   6.502   -3.550  1.00 20.19  ? 406 TRP E CG  1 
ATOM   564  C CD1 . TRP A 1 74  ? 8.972   7.451   -3.445  1.00 20.38  ? 406 TRP E CD1 1 
ATOM   565  C CD2 . TRP A 1 74  ? 7.023   7.045   -4.462  1.00 20.43  ? 406 TRP E CD2 1 
ATOM   566  N NE1 . TRP A 1 74  ? 8.636   8.536   -4.224  1.00 20.64  ? 406 TRP E NE1 1 
ATOM   567  C CE2 . TRP A 1 74  ? 7.455   8.330   -4.895  1.00 20.54  ? 406 TRP E CE2 1 
ATOM   568  C CE3 . TRP A 1 74  ? 5.798   6.576   -4.977  1.00 20.39  ? 406 TRP E CE3 1 
ATOM   569  C CZ2 . TRP A 1 74  ? 6.730   9.101   -5.811  1.00 20.52  ? 406 TRP E CZ2 1 
ATOM   570  C CZ3 . TRP A 1 74  ? 5.064   7.335   -5.900  1.00 20.51  ? 406 TRP E CZ3 1 
ATOM   571  C CH2 . TRP A 1 74  ? 5.529   8.592   -6.319  1.00 20.77  ? 406 TRP E CH2 1 
ATOM   572  N N   . VAL A 1 75  ? 9.381   2.316   -1.521  1.00 20.06  ? 407 VAL E N   1 
ATOM   573  C CA  . VAL A 1 75  ? 9.015   1.174   -0.659  1.00 19.74  ? 407 VAL E CA  1 
ATOM   574  C C   . VAL A 1 75  ? 9.603   1.280   0.746   1.00 19.68  ? 407 VAL E C   1 
ATOM   575  O O   . VAL A 1 75  ? 9.008   0.763   1.684   1.00 19.80  ? 407 VAL E O   1 
ATOM   576  C CB  . VAL A 1 75  ? 9.332   -0.200  -1.269  1.00 50.00  ? 407 VAL E CB  1 
ATOM   577  C CG1 . VAL A 1 75  ? 8.656   -0.384  -2.629  1.00 50.00  ? 407 VAL E CG1 1 
ATOM   578  C CG2 . VAL A 1 75  ? 10.833  -0.462  -1.391  1.00 50.00  ? 407 VAL E CG2 1 
ATOM   579  N N   . ARG A 1 76  ? 10.700  2.027   0.942   1.00 19.76  ? 408 ARG E N   1 
ATOM   580  C CA  . ARG A 1 76  ? 11.260  2.303   2.277   1.00 19.61  ? 408 ARG E CA  1 
ATOM   581  C C   . ARG A 1 76  ? 10.339  3.116   3.188   1.00 19.50  ? 408 ARG E C   1 
ATOM   582  O O   . ARG A 1 76  ? 10.497  3.051   4.398   1.00 19.52  ? 408 ARG E O   1 
ATOM   583  C CB  . ARG A 1 76  ? 12.669  2.921   2.159   1.00 19.65  ? 408 ARG E CB  1 
ATOM   584  C CG  . ARG A 1 76  ? 12.756  4.405   1.759   1.00 19.94  ? 408 ARG E CG  1 
ATOM   585  C CD  . ARG A 1 76  ? 12.715  5.376   2.952   1.00 19.94  ? 408 ARG E CD  1 
ATOM   586  N NE  . ARG A 1 76  ? 12.892  6.768   2.505   1.00 20.05  ? 408 ARG E NE  1 
ATOM   587  C CZ  . ARG A 1 76  ? 12.449  7.868   3.085   1.00 20.32  ? 408 ARG E CZ  1 
ATOM   588  N NH1 . ARG A 1 76  ? 12.632  9.017   2.514   1.00 20.13  ? 408 ARG E NH1 1 
ATOM   589  N NH2 . ARG A 1 76  ? 11.806  7.871   4.216   1.00 20.36  ? 408 ARG E NH2 1 
ATOM   590  N N   . GLN A 1 77  ? 9.383   3.869   2.639   1.00 19.54  ? 409 GLN E N   1 
ATOM   591  C CA  . GLN A 1 77  ? 8.386   4.630   3.402   1.00 19.24  ? 409 GLN E CA  1 
ATOM   592  C C   . GLN A 1 77  ? 7.234   3.761   3.914   1.00 19.21  ? 409 GLN E C   1 
ATOM   593  O O   . GLN A 1 77  ? 6.498   4.192   4.796   1.00 19.25  ? 409 GLN E O   1 
ATOM   594  C CB  . GLN A 1 77  ? 7.822   5.781   2.560   1.00 19.27  ? 409 GLN E CB  1 
ATOM   595  C CG  . GLN A 1 77  ? 8.892   6.781   2.128   1.00 19.36  ? 409 GLN E CG  1 
ATOM   596  C CD  . GLN A 1 77  ? 8.333   8.014   1.436   1.00 19.55  ? 409 GLN E CD  1 
ATOM   597  O OE1 . GLN A 1 77  ? 7.262   8.518   1.739   1.00 19.73  ? 409 GLN E OE1 1 
ATOM   598  N NE2 . GLN A 1 77  ? 9.048   8.569   0.490   1.00 19.84  ? 409 GLN E NE2 1 
ATOM   599  N N   . ILE A 1 78  ? 7.056   2.546   3.395   1.00 19.38  ? 410 ILE E N   1 
ATOM   600  C CA  . ILE A 1 78  ? 6.015   1.620   3.845   1.00 19.09  ? 410 ILE E CA  1 
ATOM   601  C C   . ILE A 1 78  ? 6.557   0.806   5.027   1.00 19.10  ? 410 ILE E C   1 
ATOM   602  O O   . ILE A 1 78  ? 6.921   -0.358  4.899   1.00 19.21  ? 410 ILE E O   1 
ATOM   603  C CB  . ILE A 1 78  ? 5.459   0.762   2.686   1.00 18.96  ? 410 ILE E CB  1 
ATOM   604  C CG1 . ILE A 1 78  ? 5.212   1.544   1.380   1.00 19.16  ? 410 ILE E CG1 1 
ATOM   605  C CG2 . ILE A 1 78  ? 4.165   0.075   3.137   1.00 19.02  ? 410 ILE E CG2 1 
ATOM   606  C CD1 . ILE A 1 78  ? 4.313   2.774   1.480   1.00 19.15  ? 410 ILE E CD1 1 
ATOM   607  N N   . ALA A 1 79  ? 6.676   1.458   6.180   1.00 19.01  ? 411 ALA E N   1 
ATOM   608  C CA  . ALA A 1 79  ? 7.078   0.881   7.459   1.00 18.77  ? 411 ALA E CA  1 
ATOM   609  C C   . ALA A 1 79  ? 6.595   1.793   8.603   1.00 18.95  ? 411 ALA E C   1 
ATOM   610  O O   . ALA A 1 79  ? 6.377   2.986   8.370   1.00 19.06  ? 411 ALA E O   1 
ATOM   611  C CB  . ALA A 1 79  ? 8.603   0.726   7.467   1.00 18.82  ? 411 ALA E CB  1 
ATOM   612  N N   . PRO A 1 80  ? 6.424   1.297   9.838   1.00 18.83  ? 412 PRO E N   1 
ATOM   613  C CA  . PRO A 1 80  ? 6.041   2.135   10.963  1.00 18.87  ? 412 PRO E CA  1 
ATOM   614  C C   . PRO A 1 80  ? 7.094   3.212   11.250  1.00 19.01  ? 412 PRO E C   1 
ATOM   615  O O   . PRO A 1 80  ? 8.296   2.967   11.168  1.00 19.15  ? 412 PRO E O   1 
ATOM   616  C CB  . PRO A 1 80  ? 5.839   1.171   12.130  1.00 18.57  ? 412 PRO E CB  1 
ATOM   617  C CG  . PRO A 1 80  ? 6.755   0.008   11.791  1.00 18.41  ? 412 PRO E CG  1 
ATOM   618  C CD  . PRO A 1 80  ? 6.615   -0.071  10.280  1.00 18.62  ? 412 PRO E CD  1 
ATOM   619  N N   . GLY A 1 81  ? 6.651   4.419   11.598  1.00 19.14  ? 413 GLY E N   1 
ATOM   620  C CA  . GLY A 1 81  ? 7.523   5.521   12.027  1.00 19.27  ? 413 GLY E CA  1 
ATOM   621  C C   . GLY A 1 81  ? 8.328   6.228   10.930  1.00 19.44  ? 413 GLY E C   1 
ATOM   622  O O   . GLY A 1 81  ? 9.148   7.088   11.245  1.00 19.57  ? 413 GLY E O   1 
ATOM   623  N N   . GLN A 1 82  ? 8.113   5.895   9.654   1.00 19.58  ? 414 GLN E N   1 
ATOM   624  C CA  . GLN A 1 82  ? 8.719   6.573   8.501   1.00 19.59  ? 414 GLN E CA  1 
ATOM   625  C C   . GLN A 1 82  ? 8.077   7.932   8.184   1.00 19.80  ? 414 GLN E C   1 
ATOM   626  O O   . GLN A 1 82  ? 6.956   8.227   8.598   1.00 19.87  ? 414 GLN E O   1 
ATOM   627  C CB  . GLN A 1 82  ? 8.631   5.658   7.275   1.00 19.40  ? 414 GLN E CB  1 
ATOM   628  C CG  . GLN A 1 82  ? 9.705   4.574   7.333   1.00 19.40  ? 414 GLN E CG  1 
ATOM   629  C CD  . GLN A 1 82  ? 11.109  5.122   7.109   1.00 19.44  ? 414 GLN E CD  1 
ATOM   630  O OE1 . GLN A 1 82  ? 11.347  6.016   6.315   1.00 19.44  ? 414 GLN E OE1 1 
ATOM   631  N NE2 . GLN A 1 82  ? 12.097  4.628   7.799   1.00 19.87  ? 414 GLN E NE2 1 
ATOM   632  N N   . THR A 1 83  ? 8.782   8.742   7.394   1.00 19.79  ? 415 THR E N   1 
ATOM   633  C CA  . THR A 1 83  ? 8.338   10.047  6.912   1.00 19.83  ? 415 THR E CA  1 
ATOM   634  C C   . THR A 1 83  ? 8.718   10.275  5.444   1.00 19.81  ? 415 THR E C   1 
ATOM   635  O O   . THR A 1 83  ? 9.681   9.701   4.933   1.00 19.79  ? 415 THR E O   1 
ATOM   636  C CB  . THR A 1 83  ? 8.932   11.135  7.800   1.00 19.97  ? 415 THR E CB  1 
ATOM   637  N N   . GLY A 1 84  ? 7.934   11.112  4.770   1.00 19.85  ? 416 GLY E N   1 
ATOM   638  C CA  . GLY A 1 84  ? 7.970   11.396  3.332   1.00 19.66  ? 416 GLY E CA  1 
ATOM   639  C C   . GLY A 1 84  ? 6.554   11.620  2.793   1.00 19.77  ? 416 GLY E C   1 
ATOM   640  O O   . GLY A 1 84  ? 5.582   11.440  3.526   1.00 19.93  ? 416 GLY E O   1 
ATOM   641  N N   . LYS A 1 85  ? 6.390   12.002  1.521   1.00 19.74  ? 417 LYS E N   1 
ATOM   642  C CA  . LYS A 1 85  ? 5.061   12.313  0.949   1.00 19.54  ? 417 LYS E CA  1 
ATOM   643  C C   . LYS A 1 85  ? 4.123   11.106  0.906   1.00 19.66  ? 417 LYS E C   1 
ATOM   644  O O   . LYS A 1 85  ? 2.914   11.271  1.037   1.00 19.81  ? 417 LYS E O   1 
ATOM   645  C CB  . LYS A 1 85  ? 5.183   12.911  -0.464  1.00 19.97  ? 417 LYS E CB  1 
ATOM   646  C CG  . LYS A 1 85  ? 6.152   14.091  -0.631  1.00 20.11  ? 417 LYS E CG  1 
ATOM   647  C CD  . LYS A 1 85  ? 5.864   15.293  0.274   1.00 20.20  ? 417 LYS E CD  1 
ATOM   648  C CE  . LYS A 1 85  ? 6.954   16.347  0.051   1.00 20.59  ? 417 LYS E CE  1 
ATOM   649  N NZ  . LYS A 1 85  ? 6.930   17.414  1.076   1.00 20.91  ? 417 LYS E NZ  1 
ATOM   650  N N   . ILE A 1 86  ? 4.642   9.883   0.769   1.00 19.66  ? 418 ILE E N   1 
ATOM   651  C CA  . ILE A 1 86  ? 3.819   8.665   0.759   1.00 19.50  ? 418 ILE E CA  1 
ATOM   652  C C   . ILE A 1 86  ? 3.322   8.343   2.164   1.00 19.50  ? 418 ILE E C   1 
ATOM   653  O O   . ILE A 1 86  ? 2.117   8.242   2.371   1.00 19.52  ? 418 ILE E O   1 
ATOM   654  C CB  . ILE A 1 86  ? 4.545   7.477   0.098   1.00 19.40  ? 418 ILE E CB  1 
ATOM   655  C CG1 . ILE A 1 86  ? 5.069   7.821   -1.308  1.00 19.74  ? 418 ILE E CG1 1 
ATOM   656  C CG2 . ILE A 1 86  ? 3.644   6.242   0.048   1.00 19.34  ? 418 ILE E CG2 1 
ATOM   657  C CD1 . ILE A 1 86  ? 4.035   8.394   -2.273  1.00 20.05  ? 418 ILE E CD1 1 
ATOM   658  N N   . ALA A 1 87  ? 4.227   8.290   3.140   1.00 19.55  ? 419 ALA E N   1 
ATOM   659  C CA  . ALA A 1 87  ? 3.885   8.041   4.537   1.00 19.38  ? 419 ALA E CA  1 
ATOM   660  C C   . ALA A 1 87  ? 3.018   9.145   5.159   1.00 19.55  ? 419 ALA E C   1 
ATOM   661  O O   . ALA A 1 87  ? 2.191   8.862   6.015   1.00 19.67  ? 419 ALA E O   1 
ATOM   662  C CB  . ALA A 1 87  ? 5.179   7.852   5.322   1.00 19.61  ? 419 ALA E CB  1 
ATOM   663  N N   . ASP A 1 88  ? 3.181   10.405  4.763   1.00 19.67  ? 420 ASP E N   1 
ATOM   664  C CA  . ASP A 1 88  ? 2.400   11.507  5.313   1.00 19.68  ? 420 ASP E CA  1 
ATOM   665  C C   . ASP A 1 88  ? 1.020   11.653  4.674   1.00 19.88  ? 420 ASP E C   1 
ATOM   666  O O   . ASP A 1 88  ? 0.043   11.848  5.391   1.00 20.02  ? 420 ASP E O   1 
ATOM   667  C CB  . ASP A 1 88  ? 3.191   12.798  5.152   1.00 19.96  ? 420 ASP E CB  1 
ATOM   668  N N   . TYR A 1 89  ? 0.928   11.617  3.341   1.00 19.77  ? 421 TYR E N   1 
ATOM   669  C CA  . TYR A 1 89  ? -0.250  12.081  2.600   1.00 19.66  ? 421 TYR E CA  1 
ATOM   670  C C   . TYR A 1 89  ? -0.993  10.998  1.815   1.00 19.66  ? 421 TYR E C   1 
ATOM   671  O O   . TYR A 1 89  ? -2.073  11.276  1.306   1.00 19.84  ? 421 TYR E O   1 
ATOM   672  C CB  . TYR A 1 89  ? 0.163   13.217  1.653   1.00 19.81  ? 421 TYR E CB  1 
ATOM   673  C CG  . TYR A 1 89  ? 0.889   14.405  2.247   1.00 19.93  ? 421 TYR E CG  1 
ATOM   674  C CD1 . TYR A 1 89  ? 0.666   14.812  3.573   1.00 20.18  ? 421 TYR E CD1 1 
ATOM   675  C CD2 . TYR A 1 89  ? 1.762   15.149  1.436   1.00 20.34  ? 421 TYR E CD2 1 
ATOM   676  C CE1 . TYR A 1 89  ? 1.340   15.930  4.090   1.00 20.39  ? 421 TYR E CE1 1 
ATOM   677  C CE2 . TYR A 1 89  ? 2.419   16.281  1.941   1.00 20.44  ? 421 TYR E CE2 1 
ATOM   678  C CZ  . TYR A 1 89  ? 2.214   16.671  3.277   1.00 20.44  ? 421 TYR E CZ  1 
ATOM   679  O OH  . TYR A 1 89  ? 2.840   17.750  3.791   1.00 20.45  ? 421 TYR E OH  1 
ATOM   680  N N   . ASN A 1 90  ? -0.456  9.784   1.693   1.00 19.59  ? 422 ASN E N   1 
ATOM   681  C CA  . ASN A 1 90  ? -1.053  8.724   0.880   1.00 19.23  ? 422 ASN E CA  1 
ATOM   682  C C   . ASN A 1 90  ? -1.425  7.471   1.679   1.00 19.26  ? 422 ASN E C   1 
ATOM   683  O O   . ASN A 1 90  ? -2.562  7.015   1.596   1.00 19.51  ? 422 ASN E O   1 
ATOM   684  C CB  . ASN A 1 90  ? -0.106  8.403   -0.268  1.00 19.44  ? 422 ASN E CB  1 
ATOM   685  C CG  . ASN A 1 90  ? 0.036   9.557   -1.227  1.00 19.66  ? 422 ASN E CG  1 
ATOM   686  O OD1 . ASN A 1 90  ? -0.665  9.626   -2.212  1.00 19.93  ? 422 ASN E OD1 1 
ATOM   687  N ND2 . ASN A 1 90  ? 0.926   10.487  -0.998  1.00 19.79  ? 422 ASN E ND2 1 
ATOM   688  N N   . TYR A 1 91  ? -0.505  6.921   2.477   1.00 19.22  ? 423 TYR E N   1 
ATOM   689  C CA  . TYR A 1 91  ? -0.742  5.714   3.274   1.00 19.00  ? 423 TYR E CA  1 
ATOM   690  C C   . TYR A 1 91  ? 0.165   5.671   4.502   1.00 19.15  ? 423 TYR E C   1 
ATOM   691  O O   . TYR A 1 91  ? 1.382   5.691   4.347   1.00 19.28  ? 423 TYR E O   1 
ATOM   692  C CB  . TYR A 1 91  ? -0.503  4.475   2.402   1.00 18.98  ? 423 TYR E CB  1 
ATOM   693  C CG  . TYR A 1 91  ? -0.706  3.162   3.123   1.00 18.88  ? 423 TYR E CG  1 
ATOM   694  C CD1 . TYR A 1 91  ? -1.992  2.776   3.522   1.00 19.04  ? 423 TYR E CD1 1 
ATOM   695  C CD2 . TYR A 1 91  ? 0.382   2.321   3.391   1.00 18.98  ? 423 TYR E CD2 1 
ATOM   696  C CE1 . TYR A 1 91  ? -2.217  1.529   4.123   1.00 18.96  ? 423 TYR E CE1 1 
ATOM   697  C CE2 . TYR A 1 91  ? 0.169   1.080   4.015   1.00 18.93  ? 423 TYR E CE2 1 
ATOM   698  C CZ  . TYR A 1 91  ? -1.134  0.669   4.356   1.00 18.81  ? 423 TYR E CZ  1 
ATOM   699  O OH  . TYR A 1 91  ? -1.341  -0.549  4.904   1.00 18.98  ? 423 TYR E OH  1 
ATOM   700  N N   . LYS A 1 92  ? -0.397  5.594   5.717   1.00 19.11  ? 424 LYS E N   1 
ATOM   701  C CA  . LYS A 1 92  ? 0.363   5.615   6.975   1.00 18.86  ? 424 LYS E CA  1 
ATOM   702  C C   . LYS A 1 92  ? 0.098   4.398   7.855   1.00 18.76  ? 424 LYS E C   1 
ATOM   703  O O   . LYS A 1 92  ? -1.059  4.092   8.118   1.00 19.01  ? 424 LYS E O   1 
ATOM   704  C CB  . LYS A 1 92  ? 0.061   6.922   7.713   1.00 19.08  ? 424 LYS E CB  1 
ATOM   705  C CG  . LYS A 1 92  ? 1.116   7.193   8.786   1.00 19.19  ? 424 LYS E CG  1 
ATOM   706  C CD  . LYS A 1 92  ? 0.898   8.543   9.457   1.00 19.28  ? 424 LYS E CD  1 
ATOM   707  C CE  . LYS A 1 92  ? 1.878   8.778   10.598  1.00 19.51  ? 424 LYS E CE  1 
ATOM   708  N NZ  . LYS A 1 92  ? 3.256   9.007   10.153  1.00 19.80  ? 424 LYS E NZ  1 
ATOM   709  N N   . LEU A 1 93  ? 1.155   3.750   8.341   1.00 18.78  ? 425 LEU E N   1 
ATOM   710  C CA  . LEU A 1 93  ? 1.105   2.686   9.349   1.00 18.55  ? 425 LEU E CA  1 
ATOM   711  C C   . LEU A 1 93  ? 1.299   3.265   10.764  1.00 18.70  ? 425 LEU E C   1 
ATOM   712  O O   . LEU A 1 93  ? 2.109   4.178   10.931  1.00 19.00  ? 425 LEU E O   1 
ATOM   713  C CB  . LEU A 1 93  ? 2.206   1.653   9.058   1.00 18.44  ? 425 LEU E CB  1 
ATOM   714  C CG  . LEU A 1 93  ? 2.142   0.996   7.676   1.00 18.43  ? 425 LEU E CG  1 
ATOM   715  C CD1 . LEU A 1 93  ? 3.288   0.009   7.521   1.00 18.45  ? 425 LEU E CD1 1 
ATOM   716  C CD2 . LEU A 1 93  ? 0.840   0.246   7.485   1.00 18.67  ? 425 LEU E CD2 1 
ATOM   717  N N   . PRO A 1 94  ? 0.599   2.770   11.796  1.00 18.59  ? 426 PRO E N   1 
ATOM   718  C CA  . PRO A 1 94  ? 0.760   3.242   13.169  1.00 18.76  ? 426 PRO E CA  1 
ATOM   719  C C   . PRO A 1 94  ? 2.134   2.880   13.736  1.00 18.96  ? 426 PRO E C   1 
ATOM   720  O O   . PRO A 1 94  ? 2.769   1.945   13.265  1.00 19.08  ? 426 PRO E O   1 
ATOM   721  C CB  . PRO A 1 94  ? -0.362  2.564   13.955  1.00 18.88  ? 426 PRO E CB  1 
ATOM   722  C CG  . PRO A 1 94  ? -0.605  1.271   13.192  1.00 18.76  ? 426 PRO E CG  1 
ATOM   723  C CD  . PRO A 1 94  ? -0.328  1.656   11.745  1.00 18.72  ? 426 PRO E CD  1 
ATOM   724  N N   . ASP A 1 95  ? 2.594   3.560   14.786  1.00 19.00  ? 427 ASP E N   1 
ATOM   725  C CA  . ASP A 1 95  ? 3.829   3.177   15.477  1.00 18.99  ? 427 ASP E CA  1 
ATOM   726  C C   . ASP A 1 95  ? 3.743   1.798   16.153  1.00 19.11  ? 427 ASP E C   1 
ATOM   727  O O   . ASP A 1 95  ? 4.704   1.028   16.139  1.00 19.13  ? 427 ASP E O   1 
ATOM   728  C CB  . ASP A 1 95  ? 4.142   4.245   16.513  1.00 19.34  ? 427 ASP E CB  1 
ATOM   729  N N   . ASP A 1 96  ? 2.581   1.458   16.711  1.00 19.20  ? 428 ASP E N   1 
ATOM   730  C CA  . ASP A 1 96  ? 2.240   0.137   17.233  1.00 19.03  ? 428 ASP E CA  1 
ATOM   731  C C   . ASP A 1 96  ? 1.519   -0.700  16.172  1.00 18.95  ? 428 ASP E C   1 
ATOM   732  O O   . ASP A 1 96  ? 0.295   -0.839  16.199  1.00 19.06  ? 428 ASP E O   1 
ATOM   733  C CB  . ASP A 1 96  ? 1.382   0.319   18.483  1.00 19.36  ? 428 ASP E CB  1 
ATOM   734  N N   . PHE A 1 97  ? 2.276   -1.240  15.214  1.00 18.82  ? 429 PHE E N   1 
ATOM   735  C CA  . PHE A 1 97  ? 1.791   -2.065  14.102  1.00 18.44  ? 429 PHE E CA  1 
ATOM   736  C C   . PHE A 1 97  ? 2.138   -3.541  14.322  1.00 18.20  ? 429 PHE E C   1 
ATOM   737  O O   . PHE A 1 97  ? 3.302   -3.871  14.538  1.00 18.29  ? 429 PHE E O   1 
ATOM   738  C CB  . PHE A 1 97  ? 2.404   -1.533  12.797  1.00 18.31  ? 429 PHE E CB  1 
ATOM   739  C CG  . PHE A 1 97  ? 2.042   -2.260  11.520  1.00 17.99  ? 429 PHE E CG  1 
ATOM   740  C CD1 . PHE A 1 97  ? 0.699   -2.458  11.175  1.00 18.07  ? 429 PHE E CD1 1 
ATOM   741  C CD2 . PHE A 1 97  ? 3.049   -2.683  10.638  1.00 18.09  ? 429 PHE E CD2 1 
ATOM   742  C CE1 . PHE A 1 97  ? 0.368   -3.086  9.966   1.00 18.08  ? 429 PHE E CE1 1 
ATOM   743  C CE2 . PHE A 1 97  ? 2.714   -3.314  9.428   1.00 18.06  ? 429 PHE E CE2 1 
ATOM   744  C CZ  . PHE A 1 97  ? 1.373   -3.516  9.092   1.00 18.06  ? 429 PHE E CZ  1 
ATOM   745  N N   . THR A 1 98  ? 1.147   -4.435  14.246  1.00 18.26  ? 430 THR E N   1 
ATOM   746  C CA  . THR A 1 98  ? 1.351   -5.890  14.161  1.00 17.96  ? 430 THR E CA  1 
ATOM   747  C C   . THR A 1 98  ? 0.921   -6.350  12.778  1.00 18.12  ? 430 THR E C   1 
ATOM   748  O O   . THR A 1 98  ? -0.251  -6.248  12.428  1.00 18.44  ? 430 THR E O   1 
ATOM   749  C CB  . THR A 1 98  ? 0.551   -6.643  15.232  1.00 50.00  ? 430 THR E CB  1 
ATOM   750  O OG1 . THR A 1 98  ? 0.923   -6.214  16.523  1.00 50.00  ? 430 THR E OG1 1 
ATOM   751  C CG2 . THR A 1 98  ? 0.789   -8.150  15.189  1.00 50.00  ? 430 THR E CG2 1 
ATOM   752  N N   . GLY A 1 99  ? 1.846   -6.849  11.971  1.00 17.93  ? 431 GLY E N   1 
ATOM   753  C CA  . GLY A 1 99  ? 1.567   -7.126  10.565  1.00 18.16  ? 431 GLY E CA  1 
ATOM   754  C C   . GLY A 1 99  ? 2.824   -7.313  9.737   1.00 17.92  ? 431 GLY E C   1 
ATOM   755  O O   . GLY A 1 99  ? 3.916   -7.285  10.282  1.00 18.07  ? 431 GLY E O   1 
ATOM   756  N N   . CYS A 1 100 ? 2.687   -7.486  8.429   1.00 18.13  ? 432 CYS E N   1 
ATOM   757  C CA  . CYS A 1 100 ? 3.797   -7.636  7.493   1.00 18.01  ? 432 CYS E CA  1 
ATOM   758  C C   . CYS A 1 100 ? 3.601   -6.811  6.225   1.00 18.15  ? 432 CYS E C   1 
ATOM   759  O O   . CYS A 1 100 ? 2.499   -6.719  5.706   1.00 18.53  ? 432 CYS E O   1 
ATOM   760  C CB  . CYS A 1 100 ? 3.972   -9.095  7.090   1.00 18.20  ? 432 CYS E CB  1 
ATOM   761  S SG  . CYS A 1 100 ? 4.144   -10.321 8.404   1.00 19.04  ? 432 CYS E SG  1 
ATOM   762  N N   . VAL A 1 101 ? 4.682   -6.268  5.678   1.00 18.27  ? 433 VAL E N   1 
ATOM   763  C CA  . VAL A 1 101 ? 4.718   -5.549  4.401   1.00 18.19  ? 433 VAL E CA  1 
ATOM   764  C C   . VAL A 1 101 ? 5.416   -6.426  3.375   1.00 18.59  ? 433 VAL E C   1 
ATOM   765  O O   . VAL A 1 101 ? 6.537   -6.858  3.624   1.00 18.87  ? 433 VAL E O   1 
ATOM   766  C CB  . VAL A 1 101 ? 5.460   -4.216  4.566   1.00 18.11  ? 433 VAL E CB  1 
ATOM   767  C CG1 . VAL A 1 101 ? 5.654   -3.499  3.232   1.00 18.49  ? 433 VAL E CG1 1 
ATOM   768  C CG2 . VAL A 1 101 ? 4.711   -3.296  5.530   1.00 18.21  ? 433 VAL E CG2 1 
ATOM   769  N N   . ILE A 1 102 ? 4.784   -6.683  2.233   1.00 18.63  ? 434 ILE E N   1 
ATOM   770  C CA  . ILE A 1 102 ? 5.304   -7.520  1.143   1.00 18.70  ? 434 ILE E CA  1 
ATOM   771  C C   . ILE A 1 102 ? 5.398   -6.694  -0.136  1.00 19.02  ? 434 ILE E C   1 
ATOM   772  O O   . ILE A 1 102 ? 4.428   -6.039  -0.500  1.00 19.30  ? 434 ILE E O   1 
ATOM   773  C CB  . ILE A 1 102 ? 4.393   -8.735  0.907   1.00 18.91  ? 434 ILE E CB  1 
ATOM   774  C CG1 . ILE A 1 102 ? 4.239   -9.613  2.154   1.00 19.12  ? 434 ILE E CG1 1 
ATOM   775  C CG2 . ILE A 1 102 ? 4.949   -9.592  -0.236  1.00 19.45  ? 434 ILE E CG2 1 
ATOM   776  C CD1 . ILE A 1 102 ? 2.925   -10.381 2.192   1.00 19.52  ? 434 ILE E CD1 1 
ATOM   777  N N   . ALA A 1 103 ? 6.520   -6.734  -0.850  1.00 19.23  ? 435 ALA E N   1 
ATOM   778  C CA  . ALA A 1 103 ? 6.719   -5.984  -2.085  1.00 19.31  ? 435 ALA E CA  1 
ATOM   779  C C   . ALA A 1 103 ? 7.521   -6.776  -3.122  1.00 19.58  ? 435 ALA E C   1 
ATOM   780  O O   . ALA A 1 103 ? 8.384   -7.581  -2.771  1.00 19.84  ? 435 ALA E O   1 
ATOM   781  C CB  . ALA A 1 103 ? 7.394   -4.653  -1.755  1.00 19.31  ? 435 ALA E CB  1 
ATOM   782  N N   . TRP A 1 104 ? 7.250   -6.557  -4.409  1.00 19.82  ? 436 TRP E N   1 
ATOM   783  C CA  . TRP A 1 104 ? 7.985   -7.183  -5.514  1.00 19.99  ? 436 TRP E CA  1 
ATOM   784  C C   . TRP A 1 104 ? 8.028   -6.317  -6.775  1.00 20.23  ? 436 TRP E C   1 
ATOM   785  O O   . TRP A 1 104 ? 7.145   -5.494  -7.002  1.00 20.55  ? 436 TRP E O   1 
ATOM   786  C CB  . TRP A 1 104 ? 7.401   -8.563  -5.822  1.00 20.00  ? 436 TRP E CB  1 
ATOM   787  C CG  . TRP A 1 104 ? 6.007   -8.640  -6.361  1.00 19.95  ? 436 TRP E CG  1 
ATOM   788  C CD1 . TRP A 1 104 ? 5.688   -8.857  -7.654  1.00 20.34  ? 436 TRP E CD1 1 
ATOM   789  C CD2 . TRP A 1 104 ? 4.739   -8.589  -5.644  1.00 19.85  ? 436 TRP E CD2 1 
ATOM   790  N NE1 . TRP A 1 104 ? 4.321   -8.965  -7.784  1.00 20.36  ? 436 TRP E NE1 1 
ATOM   791  C CE2 . TRP A 1 104 ? 3.686   -8.822  -6.573  1.00 20.04  ? 436 TRP E CE2 1 
ATOM   792  C CE3 . TRP A 1 104 ? 4.371   -8.411  -4.296  1.00 19.87  ? 436 TRP E CE3 1 
ATOM   793  C CZ2 . TRP A 1 104 ? 2.343   -8.875  -6.189  1.00 20.26  ? 436 TRP E CZ2 1 
ATOM   794  C CZ3 . TRP A 1 104 ? 3.028   -8.468  -3.894  1.00 19.73  ? 436 TRP E CZ3 1 
ATOM   795  C CH2 . TRP A 1 104 ? 2.015   -8.701  -4.836  1.00 20.07  ? 436 TRP E CH2 1 
ATOM   796  N N   . ASN A 1 105 ? 9.055   -6.493  -7.609  1.00 20.48  ? 437 ASN E N   1 
ATOM   797  C CA  . ASN A 1 105 ? 9.201   -5.763  -8.864  1.00 20.92  ? 437 ASN E CA  1 
ATOM   798  C C   . ASN A 1 105 ? 8.161   -6.233  -9.891  1.00 21.28  ? 437 ASN E C   1 
ATOM   799  O O   . ASN A 1 105 ? 8.104   -7.414  -10.230 1.00 21.39  ? 437 ASN E O   1 
ATOM   800  C CB  . ASN A 1 105 ? 10.643  -5.947  -9.363  1.00 21.22  ? 437 ASN E CB  1 
ATOM   801  C CG  . ASN A 1 105 ? 10.970  -5.174  -10.628 1.00 21.60  ? 437 ASN E CG  1 
ATOM   802  O OD1 . ASN A 1 105 ? 10.177  -4.422  -11.163 1.00 22.18  ? 437 ASN E OD1 1 
ATOM   803  N ND2 . ASN A 1 105 ? 12.151  -5.340  -11.160 1.00 21.83  ? 437 ASN E ND2 1 
ATOM   804  N N   . SER A 1 106 ? 7.358   -5.310  -10.408 1.00 21.60  ? 438 SER E N   1 
ATOM   805  C CA  . SER A 1 106 ? 6.294   -5.568  -11.374 1.00 21.94  ? 438 SER E CA  1 
ATOM   806  C C   . SER A 1 106 ? 6.590   -5.049  -12.786 1.00 22.75  ? 438 SER E C   1 
ATOM   807  O O   . SER A 1 106 ? 5.711   -5.096  -13.637 1.00 23.44  ? 438 SER E O   1 
ATOM   808  C CB  . SER A 1 106 ? 4.994   -4.990  -10.835 1.00 21.64  ? 438 SER E CB  1 
ATOM   809  N N   . ASN A 1 107 ? 7.807   -4.600  -13.091 1.00 22.77  ? 439 ASN E N   1 
ATOM   810  C CA  . ASN A 1 107 ? 8.192   -4.094  -14.411 1.00 23.07  ? 439 ASN E CA  1 
ATOM   811  C C   . ASN A 1 107 ? 8.019   -5.068  -15.592 1.00 23.91  ? 439 ASN E C   1 
ATOM   812  O O   . ASN A 1 107 ? 8.154   -4.654  -16.742 1.00 24.31  ? 439 ASN E O   1 
ATOM   813  C CB  . ASN A 1 107 ? 9.649   -3.653  -14.334 1.00 23.32  ? 439 ASN E CB  1 
ATOM   814  N N   . ASN A 1 108 ? 7.748   -6.354  -15.349 1.00 23.95  ? 440 ASN E N   1 
ATOM   815  C CA  . ASN A 1 108 ? 7.288   -7.303  -16.362 1.00 24.00  ? 440 ASN E CA  1 
ATOM   816  C C   . ASN A 1 108 ? 5.763   -7.320  -16.495 1.00 23.86  ? 440 ASN E C   1 
ATOM   817  O O   . ASN A 1 108 ? 5.236   -7.293  -17.602 1.00 24.42  ? 440 ASN E O   1 
ATOM   818  C CB  . ASN A 1 108 ? 7.784   -8.693  -15.987 1.00 24.30  ? 440 ASN E CB  1 
ATOM   819  N N   . LEU A 1 109 ? 5.041   -7.334  -15.375 1.00 23.71  ? 441 LEU E N   1 
ATOM   820  C CA  . LEU A 1 109 ? 3.578   -7.348  -15.309 1.00 24.03  ? 441 LEU E CA  1 
ATOM   821  C C   . LEU A 1 109 ? 2.902   -5.987  -15.545 1.00 24.47  ? 441 LEU E C   1 
ATOM   822  O O   . LEU A 1 109 ? 1.688   -5.921  -15.733 1.00 24.98  ? 441 LEU E O   1 
ATOM   823  C CB  . LEU A 1 109 ? 3.185   -7.862  -13.933 1.00 23.85  ? 441 LEU E CB  1 
ATOM   824  N N   . ASP A 1 110 ? 3.667   -4.897  -15.530 1.00 24.41  ? 442 ASP E N   1 
ATOM   825  C CA  . ASP A 1 110 ? 3.248   -3.511  -15.740 1.00 25.07  ? 442 ASP E CA  1 
ATOM   826  C C   . ASP A 1 110 ? 4.421   -2.668  -16.269 1.00 25.54  ? 442 ASP E C   1 
ATOM   827  O O   . ASP A 1 110 ? 5.574   -3.082  -16.186 1.00 25.06  ? 442 ASP E O   1 
ATOM   828  C CB  . ASP A 1 110 ? 2.733   -2.938  -14.421 1.00 24.79  ? 442 ASP E CB  1 
ATOM   829  N N   . SER A 1 111 ? 4.146   -1.489  -16.831 1.00 25.88  ? 443 SER E N   1 
ATOM   830  C CA  . SER A 1 111 ? 5.141   -0.626  -17.493 1.00 26.00  ? 443 SER E CA  1 
ATOM   831  C C   . SER A 1 111 ? 5.903   -1.277  -18.666 1.00 26.42  ? 443 SER E C   1 
ATOM   832  O O   . SER A 1 111 ? 7.022   -0.876  -18.999 1.00 26.59  ? 443 SER E O   1 
ATOM   833  C CB  . SER A 1 111 ? 6.072   -0.012  -16.449 1.00 25.45  ? 443 SER E CB  1 
ATOM   834  N N   . LYS A 1 112 ? 5.311   -2.286  -19.307 1.00 26.58  ? 444 LYS E N   1 
ATOM   835  C CA  . LYS A 1 112 ? 5.940   -3.110  -20.345 1.00 26.95  ? 444 LYS E CA  1 
ATOM   836  C C   . LYS A 1 112 ? 5.988   -2.492  -21.754 1.00 27.40  ? 444 LYS E C   1 
ATOM   837  O O   . LYS A 1 112 ? 6.623   -3.048  -22.654 1.00 27.40  ? 444 LYS E O   1 
ATOM   838  C CB  . LYS A 1 112 ? 5.172   -4.429  -20.396 1.00 26.81  ? 444 LYS E CB  1 
ATOM   839  N N   . VAL A 1 113 ? 5.302   -1.370  -21.974 1.00 27.49  ? 445 VAL E N   1 
ATOM   840  C CA  . VAL A 1 113 ? 5.077   -0.762  -23.287 1.00 27.87  ? 445 VAL E CA  1 
ATOM   841  C C   . VAL A 1 113 ? 4.985   0.769   -23.217 1.00 28.15  ? 445 VAL E C   1 
ATOM   842  O O   . VAL A 1 113 ? 4.911   1.353   -22.132 1.00 28.26  ? 445 VAL E O   1 
ATOM   843  C CB  . VAL A 1 113 ? 3.794   -1.348  -23.871 1.00 28.06  ? 445 VAL E CB  1 
ATOM   844  N N   . GLY A 1 114 ? 5.006   1.432   -24.375 1.00 28.08  ? 446 GLY E N   1 
ATOM   845  C CA  . GLY A 1 114 ? 4.861   2.889   -24.499 1.00 28.32  ? 446 GLY E CA  1 
ATOM   846  C C   . GLY A 1 114 ? 3.519   3.433   -23.992 1.00 28.51  ? 446 GLY E C   1 
ATOM   847  O O   . GLY A 1 114 ? 2.542   2.697   -23.837 1.00 28.12  ? 446 GLY E O   1 
ATOM   848  N N   . GLY A 1 115 ? 3.466   4.736   -23.716 1.00 28.43  ? 447 GLY E N   1 
ATOM   849  C CA  . GLY A 1 115 ? 2.370   5.353   -22.963 1.00 28.15  ? 447 GLY E CA  1 
ATOM   850  C C   . GLY A 1 115 ? 2.451   5.031   -21.467 1.00 27.93  ? 447 GLY E C   1 
ATOM   851  O O   . GLY A 1 115 ? 3.545   4.854   -20.925 1.00 28.12  ? 447 GLY E O   1 
ATOM   852  N N   . ASN A 1 116 ? 1.308   4.970   -20.783 1.00 27.76  ? 448 ASN E N   1 
ATOM   853  C CA  . ASN A 1 116 ? 1.241   4.655   -19.356 1.00 27.82  ? 448 ASN E CA  1 
ATOM   854  C C   . ASN A 1 116 ? -0.197  4.261   -18.998 1.00 27.34  ? 448 ASN E C   1 
ATOM   855  O O   . ASN A 1 116 ? -1.142  4.564   -19.733 1.00 27.46  ? 448 ASN E O   1 
ATOM   856  C CB  . ASN A 1 116 ? 1.684   5.886   -18.564 1.00 28.10  ? 448 ASN E CB  1 
ATOM   857  N N   . TYR A 1 117 ? -0.390  3.610   -17.851 1.00 26.99  ? 449 TYR E N   1 
ATOM   858  C CA  . TYR A 1 117 ? -1.672  3.646   -17.120 1.00 26.22  ? 449 TYR E CA  1 
ATOM   859  C C   . TYR A 1 117 ? -1.574  4.760   -16.070 1.00 25.45  ? 449 TYR E C   1 
ATOM   860  O O   . TYR A 1 117 ? -0.483  5.084   -15.613 1.00 25.75  ? 449 TYR E O   1 
ATOM   861  C CB  . TYR A 1 117 ? -1.989  2.270   -16.516 1.00 26.14  ? 449 TYR E CB  1 
ATOM   862  C CG  . TYR A 1 117 ? -2.265  1.197   -17.557 1.00 27.05  ? 449 TYR E CG  1 
ATOM   863  C CD1 . TYR A 1 117 ? -3.565  1.020   -18.065 1.00 27.68  ? 449 TYR E CD1 1 
ATOM   864  C CD2 . TYR A 1 117 ? -1.231  0.336   -17.977 1.00 26.92  ? 449 TYR E CD2 1 
ATOM   865  C CE1 . TYR A 1 117 ? -3.845  -0.038  -18.952 1.00 27.67  ? 449 TYR E CE1 1 
ATOM   866  C CE2 . TYR A 1 117 ? -1.502  -0.710  -18.882 1.00 27.34  ? 449 TYR E CE2 1 
ATOM   867  C CZ  . TYR A 1 117 ? -2.815  -0.915  -19.349 1.00 27.89  ? 449 TYR E CZ  1 
ATOM   868  O OH  . TYR A 1 117 ? -3.079  -1.944  -20.195 1.00 28.09  ? 449 TYR E OH  1 
ATOM   869  N N   . ASN A 1 118 ? -2.687  5.388   -15.707 1.00 24.29  ? 450 ASN E N   1 
ATOM   870  C CA  . ASN A 1 118 ? -2.732  6.619   -14.918 1.00 23.51  ? 450 ASN E CA  1 
ATOM   871  C C   . ASN A 1 118 ? -2.526  6.551   -13.397 1.00 22.90  ? 450 ASN E C   1 
ATOM   872  O O   . ASN A 1 118 ? -3.407  6.919   -12.624 1.00 22.52  ? 450 ASN E O   1 
ATOM   873  C CB  . ASN A 1 118 ? -4.088  7.208   -15.276 1.00 23.70  ? 450 ASN E CB  1 
ATOM   874  N N   . TYR A 1 119 ? -1.362  6.086   -12.946 1.00 22.39  ? 451 TYR E N   1 
ATOM   875  C CA  . TYR A 1 119 ? -0.995  6.033   -11.531 1.00 21.51  ? 451 TYR E CA  1 
ATOM   876  C C   . TYR A 1 119 ? -0.726  7.419   -10.953 1.00 21.38  ? 451 TYR E C   1 
ATOM   877  O O   . TYR A 1 119 ? 0.200   8.094   -11.402 1.00 21.52  ? 451 TYR E O   1 
ATOM   878  C CB  . TYR A 1 119 ? 0.239   5.146   -11.367 1.00 21.41  ? 451 TYR E CB  1 
ATOM   879  C CG  . TYR A 1 119 ? -0.097  3.679   -11.426 1.00 21.72  ? 451 TYR E CG  1 
ATOM   880  C CD1 . TYR A 1 119 ? -0.932  3.164   -10.427 1.00 22.23  ? 451 TYR E CD1 1 
ATOM   881  C CD2 . TYR A 1 119 ? 0.361   2.851   -12.464 1.00 21.61  ? 451 TYR E CD2 1 
ATOM   882  C CE1 . TYR A 1 119 ? -1.339  1.828   -10.468 1.00 22.61  ? 451 TYR E CE1 1 
ATOM   883  C CE2 . TYR A 1 119 ? -0.042  1.505   -12.507 1.00 21.76  ? 451 TYR E CE2 1 
ATOM   884  C CZ  . TYR A 1 119 ? -0.900  0.997   -11.509 1.00 22.36  ? 451 TYR E CZ  1 
ATOM   885  O OH  . TYR A 1 119 ? -1.309  -0.293  -11.520 1.00 23.48  ? 451 TYR E OH  1 
ATOM   886  N N   . LEU A 1 120 ? -1.486  7.788   -9.914  1.00 20.96  ? 452 LEU E N   1 
ATOM   887  C CA  . LEU A 1 120 ? -1.433  9.079   -9.223  1.00 20.56  ? 452 LEU E CA  1 
ATOM   888  C C   . LEU A 1 120 ? -1.108  8.928   -7.734  1.00 20.43  ? 452 LEU E C   1 
ATOM   889  O O   . LEU A 1 120 ? -1.464  7.928   -7.116  1.00 20.46  ? 452 LEU E O   1 
ATOM   890  C CB  . LEU A 1 120 ? -2.776  9.816   -9.359  1.00 20.59  ? 452 LEU E CB  1 
ATOM   891  C CG  . LEU A 1 120 ? -3.253  10.158  -10.773 1.00 20.64  ? 452 LEU E CG  1 
ATOM   892  C CD1 . LEU A 1 120 ? -4.575  10.907  -10.693 1.00 20.33  ? 452 LEU E CD1 1 
ATOM   893  C CD2 . LEU A 1 120 ? -2.271  11.047  -11.513 1.00 21.10  ? 452 LEU E CD2 1 
ATOM   894  N N   . TYR A 1 121 ? -0.438  9.911   -7.140  1.00 20.37  ? 453 TYR E N   1 
ATOM   895  C CA  . TYR A 1 121 ? -0.255  10.069  -5.693  1.00 20.20  ? 453 TYR E CA  1 
ATOM   896  C C   . TYR A 1 121 ? -0.583  11.499  -5.294  1.00 20.42  ? 453 TYR E C   1 
ATOM   897  O O   . TYR A 1 121 ? -0.495  12.406  -6.113  1.00 20.64  ? 453 TYR E O   1 
ATOM   898  C CB  . TYR A 1 121 ? 1.161   9.698   -5.218  1.00 20.30  ? 453 TYR E CB  1 
ATOM   899  C CG  . TYR A 1 121 ? 2.276   10.691  -5.495  1.00 20.41  ? 453 TYR E CG  1 
ATOM   900  C CD1 . TYR A 1 121 ? 2.638   10.984  -6.816  1.00 20.44  ? 453 TYR E CD1 1 
ATOM   901  C CD2 . TYR A 1 121 ? 2.986   11.286  -4.435  1.00 20.75  ? 453 TYR E CD2 1 
ATOM   902  C CE1 . TYR A 1 121 ? 3.695   11.867  -7.088  1.00 20.52  ? 453 TYR E CE1 1 
ATOM   903  C CE2 . TYR A 1 121 ? 4.050   12.167  -4.700  1.00 20.83  ? 453 TYR E CE2 1 
ATOM   904  C CZ  . TYR A 1 121 ? 4.402   12.459  -6.030  1.00 20.79  ? 453 TYR E CZ  1 
ATOM   905  O OH  . TYR A 1 121 ? 5.401   13.331  -6.307  1.00 21.23  ? 453 TYR E OH  1 
ATOM   906  N N   . ARG A 1 122 ? -0.964  11.719  -4.040  1.00 20.33  ? 454 ARG E N   1 
ATOM   907  C CA  . ARG A 1 122 ? -1.156  13.042  -3.447  1.00 20.15  ? 454 ARG E CA  1 
ATOM   908  C C   . ARG A 1 122 ? 0.180   13.662  -3.065  1.00 20.37  ? 454 ARG E C   1 
ATOM   909  O O   . ARG A 1 122 ? 0.935   13.063  -2.305  1.00 20.40  ? 454 ARG E O   1 
ATOM   910  C CB  . ARG A 1 122 ? -2.076  12.876  -2.243  1.00 20.17  ? 454 ARG E CB  1 
ATOM   911  C CG  . ARG A 1 122 ? -2.507  14.218  -1.653  1.00 20.38  ? 454 ARG E CG  1 
ATOM   912  C CD  . ARG A 1 122 ? -3.481  14.016  -0.494  1.00 20.32  ? 454 ARG E CD  1 
ATOM   913  N NE  . ARG A 1 122 ? -4.664  13.249  -0.913  1.00 20.43  ? 454 ARG E NE  1 
ATOM   914  C CZ  . ARG A 1 122 ? -5.702  13.701  -1.575  1.00 20.54  ? 454 ARG E CZ  1 
ATOM   915  N NH1 . ARG A 1 122 ? -6.598  12.888  -2.026  1.00 20.85  ? 454 ARG E NH1 1 
ATOM   916  N NH2 . ARG A 1 122 ? -5.901  14.958  -1.812  1.00 20.76  ? 454 ARG E NH2 1 
ATOM   917  N N   . LEU A 1 123 ? 0.454   14.859  -3.565  1.00 20.61  ? 455 LEU E N   1 
ATOM   918  C CA  . LEU A 1 123 ? 1.700   15.587  -3.339  1.00 20.71  ? 455 LEU E CA  1 
ATOM   919  C C   . LEU A 1 123 ? 1.570   16.684  -2.274  1.00 21.01  ? 455 LEU E C   1 
ATOM   920  O O   . LEU A 1 123 ? 2.527   16.955  -1.556  1.00 21.17  ? 455 LEU E O   1 
ATOM   921  C CB  . LEU A 1 123 ? 2.148   16.139  -4.699  1.00 21.02  ? 455 LEU E CB  1 
ATOM   922  C CG  . LEU A 1 123 ? 3.446   16.958  -4.675  1.00 21.35  ? 455 LEU E CG  1 
ATOM   923  C CD1 . LEU A 1 123 ? 4.630   16.164  -4.132  1.00 21.09  ? 455 LEU E CD1 1 
ATOM   924  C CD2 . LEU A 1 123 ? 3.776   17.390  -6.098  1.00 21.53  ? 455 LEU E CD2 1 
ATOM   925  N N   . PHE A 1 124 ? 0.389   17.286  -2.134  1.00 21.13  ? 456 PHE E N   1 
ATOM   926  C CA  . PHE A 1 124 ? 0.114   18.362  -1.183  1.00 21.13  ? 456 PHE E CA  1 
ATOM   927  C C   . PHE A 1 124 ? -1.084  18.021  -0.295  1.00 21.07  ? 456 PHE E C   1 
ATOM   928  O O   . PHE A 1 124 ? -2.081  17.482  -0.779  1.00 21.21  ? 456 PHE E O   1 
ATOM   929  C CB  . PHE A 1 124 ? -0.159  19.670  -1.933  1.00 21.85  ? 456 PHE E CB  1 
ATOM   930  C CG  . PHE A 1 124 ? 0.838   20.059  -3.004  1.00 21.98  ? 456 PHE E CG  1 
ATOM   931  C CD1 . PHE A 1 124 ? 2.082   20.606  -2.649  1.00 22.12  ? 456 PHE E CD1 1 
ATOM   932  C CD2 . PHE A 1 124 ? 0.520   19.884  -4.363  1.00 22.41  ? 456 PHE E CD2 1 
ATOM   933  C CE1 . PHE A 1 124 ? 3.012   20.952  -3.642  1.00 22.56  ? 456 PHE E CE1 1 
ATOM   934  C CE2 . PHE A 1 124 ? 1.448   20.235  -5.357  1.00 23.02  ? 456 PHE E CE2 1 
ATOM   935  C CZ  . PHE A 1 124 ? 2.697   20.763  -4.998  1.00 23.10  ? 456 PHE E CZ  1 
ATOM   936  N N   . ARG A 1 125 ? -1.008  18.340  1.000   1.00 21.00  ? 457 ARG E N   1 
ATOM   937  C CA  . ARG A 1 125 ? -2.101  18.181  1.973   1.00 20.91  ? 457 ARG E CA  1 
ATOM   938  C C   . ARG A 1 125 ? -1.894  19.125  3.155   1.00 21.09  ? 457 ARG E C   1 
ATOM   939  O O   . ARG A 1 125 ? -0.755  19.381  3.535   1.00 21.25  ? 457 ARG E O   1 
ATOM   940  C CB  . ARG A 1 125 ? -2.147  16.712  2.432   1.00 20.60  ? 457 ARG E CB  1 
ATOM   941  C CG  . ARG A 1 125 ? -3.518  16.307  2.975   1.00 20.72  ? 457 ARG E CG  1 
ATOM   942  C CD  . ARG A 1 125 ? -3.536  14.822  3.330   1.00 20.25  ? 457 ARG E CD  1 
ATOM   943  N NE  . ARG A 1 125 ? -4.893  14.387  3.679   1.00 20.27  ? 457 ARG E NE  1 
ATOM   944  C CZ  . ARG A 1 125 ? -5.388  14.140  4.869   1.00 20.47  ? 457 ARG E CZ  1 
ATOM   945  N NH1 . ARG A 1 125 ? -6.585  13.663  4.945   1.00 20.60  ? 457 ARG E NH1 1 
ATOM   946  N NH2 . ARG A 1 125 ? -4.729  14.343  5.969   1.00 20.64  ? 457 ARG E NH2 1 
ATOM   947  N N   . LYS A 1 126 ? -2.967  19.606  3.785   1.00 21.44  ? 458 LYS E N   1 
ATOM   948  C CA  . LYS A 1 126 ? -2.871  20.543  4.922   1.00 21.36  ? 458 LYS E CA  1 
ATOM   949  C C   . LYS A 1 126 ? -2.358  19.929  6.234   1.00 21.12  ? 458 LYS E C   1 
ATOM   950  O O   . LYS A 1 126 ? -1.866  20.662  7.091   1.00 21.28  ? 458 LYS E O   1 
ATOM   951  C CB  . LYS A 1 126 ? -4.198  21.294  5.114   1.00 21.56  ? 458 LYS E CB  1 
ATOM   952  C CG  . LYS A 1 126 ? -5.405  20.406  5.452   1.00 22.21  ? 458 LYS E CG  1 
ATOM   953  C CD  . LYS A 1 126 ? -6.622  21.219  5.909   1.00 22.71  ? 458 LYS E CD  1 
ATOM   954  C CE  . LYS A 1 126 ? -7.052  22.267  4.880   1.00 23.55  ? 458 LYS E CE  1 
ATOM   955  N NZ  . LYS A 1 126 ? -8.256  23.004  5.327   1.00 24.00  ? 458 LYS E NZ  1 
ATOM   956  N N   . SER A 1 127 ? -2.447  18.612  6.400   1.00 20.93  ? 459 SER E N   1 
ATOM   957  C CA  . SER A 1 127 ? -1.927  17.874  7.553   1.00 20.79  ? 459 SER E CA  1 
ATOM   958  C C   . SER A 1 127 ? -1.709  16.390  7.237   1.00 20.72  ? 459 SER E C   1 
ATOM   959  O O   . SER A 1 127 ? -2.279  15.861  6.278   1.00 20.92  ? 459 SER E O   1 
ATOM   960  C CB  . SER A 1 127 ? -2.910  18.008  8.713   1.00 20.98  ? 459 SER E CB  1 
ATOM   961  N N   . ASN A 1 128 ? -0.918  15.690  8.052   1.00 20.44  ? 460 ASN E N   1 
ATOM   962  C CA  . ASN A 1 128 ? -0.669  14.256  7.907   1.00 20.27  ? 460 ASN E CA  1 
ATOM   963  C C   . ASN A 1 128 ? -1.949  13.421  8.048   1.00 20.24  ? 460 ASN E C   1 
ATOM   964  O O   . ASN A 1 128 ? -2.859  13.771  8.800   1.00 20.42  ? 460 ASN E O   1 
ATOM   965  C CB  . ASN A 1 128 ? 0.346   13.798  8.964   1.00 20.31  ? 460 ASN E CB  1 
ATOM   966  C CG  . ASN A 1 128 ? 1.751   14.326  8.771   1.00 20.52  ? 460 ASN E CG  1 
ATOM   967  O OD1 . ASN A 1 128 ? 2.125   14.834  7.727   1.00 20.62  ? 460 ASN E OD1 1 
ATOM   968  N ND2 . ASN A 1 128 ? 2.584   14.206  9.773   1.00 20.66  ? 460 ASN E ND2 1 
ATOM   969  N N   . LEU A 1 129 ? -1.993  12.274  7.373   1.00 20.11  ? 461 LEU E N   1 
ATOM   970  C CA  . LEU A 1 129 ? -2.997  11.237  7.596   1.00 19.89  ? 461 LEU E CA  1 
ATOM   971  C C   . LEU A 1 129 ? -2.898  10.668  9.015   1.00 19.94  ? 461 LEU E C   1 
ATOM   972  O O   . LEU A 1 129 ? -1.801  10.530  9.551   1.00 20.05  ? 461 LEU E O   1 
ATOM   973  C CB  . LEU A 1 129 ? -2.771  10.099  6.590   1.00 19.72  ? 461 LEU E CB  1 
ATOM   974  C CG  . LEU A 1 129 ? -3.077  10.439  5.131   1.00 19.76  ? 461 LEU E CG  1 
ATOM   975  C CD1 . LEU A 1 129 ? -2.595  9.301   4.255   1.00 19.72  ? 461 LEU E CD1 1 
ATOM   976  C CD2 . LEU A 1 129 ? -4.564  10.597  4.871   1.00 20.04  ? 461 LEU E CD2 1 
ATOM   977  N N   . LYS A 1 130 ? -4.016  10.246  9.610   1.00 19.91  ? 462 LYS E N   1 
ATOM   978  C CA  . LYS A 1 130 ? -4.001  9.270   10.708  1.00 19.73  ? 462 LYS E CA  1 
ATOM   979  C C   . LYS A 1 130 ? -3.611  7.881   10.172  1.00 19.60  ? 462 LYS E C   1 
ATOM   980  O O   . LYS A 1 130 ? -3.758  7.629   8.979   1.00 19.77  ? 462 LYS E O   1 
ATOM   981  C CB  . LYS A 1 130 ? -5.380  9.233   11.390  1.00 20.06  ? 462 LYS E CB  1 
ATOM   982  C CG  . LYS A 1 130 ? -5.790  10.533  12.102  1.00 20.53  ? 462 LYS E CG  1 
ATOM   983  C CD  . LYS A 1 130 ? -4.850  10.903  13.258  1.00 21.55  ? 462 LYS E CD  1 
ATOM   984  C CE  . LYS A 1 130 ? -5.374  12.079  14.086  1.00 22.48  ? 462 LYS E CE  1 
ATOM   985  N NZ  . LYS A 1 130 ? -6.499  11.701  14.972  1.00 23.45  ? 462 LYS E NZ  1 
ATOM   986  N N   . PRO A 1 131 ? -3.143  6.944   11.006  1.00 19.32  ? 463 PRO E N   1 
ATOM   987  C CA  . PRO A 1 131 ? -2.907  5.574   10.579  1.00 19.19  ? 463 PRO E CA  1 
ATOM   988  C C   . PRO A 1 131 ? -4.124  4.940   9.900   1.00 19.36  ? 463 PRO E C   1 
ATOM   989  O O   . PRO A 1 131 ? -5.239  5.023   10.411  1.00 19.52  ? 463 PRO E O   1 
ATOM   990  C CB  . PRO A 1 131 ? -2.514  4.831   11.845  1.00 19.15  ? 463 PRO E CB  1 
ATOM   991  C CG  . PRO A 1 131 ? -1.844  5.918   12.674  1.00 19.17  ? 463 PRO E CG  1 
ATOM   992  C CD  . PRO A 1 131 ? -2.706  7.131   12.373  1.00 19.40  ? 463 PRO E CD  1 
ATOM   993  N N   . PHE A 1 132 ? -3.917  4.320   8.739   1.00 19.33  ? 464 PHE E N   1 
ATOM   994  C CA  . PHE A 1 132 ? -4.952  3.732   7.882   1.00 19.31  ? 464 PHE E CA  1 
ATOM   995  C C   . PHE A 1 132 ? -6.094  4.668   7.449   1.00 19.55  ? 464 PHE E C   1 
ATOM   996  O O   . PHE A 1 132 ? -7.123  4.208   6.958   1.00 19.67  ? 464 PHE E O   1 
ATOM   997  C CB  . PHE A 1 132 ? -5.473  2.426   8.486   1.00 19.31  ? 464 PHE E CB  1 
ATOM   998  C CG  . PHE A 1 132 ? -4.401  1.443   8.880   1.00 19.15  ? 464 PHE E CG  1 
ATOM   999  C CD1 . PHE A 1 132 ? -3.577  0.886   7.890   1.00 19.20  ? 464 PHE E CD1 1 
ATOM   1000 C CD2 . PHE A 1 132 ? -4.242  1.061   10.222  1.00 19.05  ? 464 PHE E CD2 1 
ATOM   1001 C CE1 . PHE A 1 132 ? -2.598  -0.050  8.241   1.00 19.12  ? 464 PHE E CE1 1 
ATOM   1002 C CE2 . PHE A 1 132 ? -3.260  0.125   10.571  1.00 18.93  ? 464 PHE E CE2 1 
ATOM   1003 C CZ  . PHE A 1 132 ? -2.434  -0.425  9.581   1.00 18.99  ? 464 PHE E CZ  1 
ATOM   1004 N N   . GLU A 1 133 ? -5.942  5.983   7.578   1.00 19.56  ? 465 GLU E N   1 
ATOM   1005 C CA  . GLU A 1 133 ? -6.836  6.930   6.910   1.00 19.55  ? 465 GLU E CA  1 
ATOM   1006 C C   . GLU A 1 133 ? -6.607  6.866   5.397   1.00 19.81  ? 465 GLU E C   1 
ATOM   1007 O O   . GLU A 1 133 ? -5.469  6.800   4.941   1.00 19.86  ? 465 GLU E O   1 
ATOM   1008 C CB  . GLU A 1 133 ? -6.607  8.340   7.466   1.00 19.80  ? 465 GLU E CB  1 
ATOM   1009 C CG  . GLU A 1 133 ? -7.504  9.428   6.864   1.00 20.10  ? 465 GLU E CG  1 
ATOM   1010 C CD  . GLU A 1 133 ? -7.182  10.838  7.395   1.00 20.27  ? 465 GLU E CD  1 
ATOM   1011 O OE1 . GLU A 1 133 ? -6.474  10.968  8.413   1.00 20.31  ? 465 GLU E OE1 1 
ATOM   1012 O OE2 . GLU A 1 133 ? -7.665  11.832  6.803   1.00 20.45  ? 465 GLU E OE2 1 
ATOM   1013 N N   . ARG A 1 134 ? -7.684  6.891   4.611   1.00 19.90  ? 466 ARG E N   1 
ATOM   1014 C CA  . ARG A 1 134 ? -7.656  6.951   3.146   1.00 19.85  ? 466 ARG E CA  1 
ATOM   1015 C C   . ARG A 1 134 ? -8.236  8.282   2.689   1.00 20.16  ? 466 ARG E C   1 
ATOM   1016 O O   . ARG A 1 134 ? -9.300  8.669   3.162   1.00 20.47  ? 466 ARG E O   1 
ATOM   1017 C CB  . ARG A 1 134 ? -8.420  5.744   2.581   1.00 19.78  ? 466 ARG E CB  1 
ATOM   1018 C CG  . ARG A 1 134 ? -8.115  5.505   1.105   1.00 20.02  ? 466 ARG E CG  1 
ATOM   1019 C CD  . ARG A 1 134 ? -8.743  4.211   0.591   1.00 19.91  ? 466 ARG E CD  1 
ATOM   1020 N NE  . ARG A 1 134 ? -10.110 4.431   0.097   1.00 20.28  ? 466 ARG E NE  1 
ATOM   1021 C CZ  . ARG A 1 134 ? -10.667 3.892   -0.969  1.00 20.84  ? 466 ARG E CZ  1 
ATOM   1022 N NH1 . ARG A 1 134 ? -11.843 4.270   -1.360  1.00 20.44  ? 466 ARG E NH1 1 
ATOM   1023 N NH2 . ARG A 1 134 ? -10.080 2.972   -1.672  1.00 21.13  ? 466 ARG E NH2 1 
ATOM   1024 N N   . ASP A 1 135 ? -7.587  8.987   1.771   1.00 20.31  ? 467 ASP E N   1 
ATOM   1025 C CA  . ASP A 1 135 ? -8.083  10.280  1.285   1.00 20.41  ? 467 ASP E CA  1 
ATOM   1026 C C   . ASP A 1 135 ? -8.142  10.338  -0.244  1.00 20.65  ? 467 ASP E C   1 
ATOM   1027 O O   . ASP A 1 135 ? -7.110  10.327  -0.915  1.00 20.67  ? 467 ASP E O   1 
ATOM   1028 C CB  . ASP A 1 135 ? -7.239  11.406  1.887   1.00 20.56  ? 467 ASP E CB  1 
ATOM   1029 C CG  . ASP A 1 135 ? -7.854  12.792  1.684   1.00 20.82  ? 467 ASP E CG  1 
ATOM   1030 O OD1 . ASP A 1 135 ? -8.898  12.908  1.011   1.00 21.10  ? 467 ASP E OD1 1 
ATOM   1031 O OD2 . ASP A 1 135 ? -7.301  13.754  2.257   1.00 20.80  ? 467 ASP E OD2 1 
ATOM   1032 N N   . ILE A 1 136 ? -9.356  10.418  -0.792  1.00 20.83  ? 468 ILE E N   1 
ATOM   1033 C CA  . ILE A 1 136 ? -9.643  10.398  -2.236  1.00 20.64  ? 468 ILE E CA  1 
ATOM   1034 C C   . ILE A 1 136 ? -10.177 11.739  -2.771  1.00 21.05  ? 468 ILE E C   1 
ATOM   1035 O O   . ILE A 1 136 ? -10.489 11.840  -3.955  1.00 21.26  ? 468 ILE E O   1 
ATOM   1036 C CB  . ILE A 1 136 ? -10.557 9.207   -2.595  1.00 20.31  ? 468 ILE E CB  1 
ATOM   1037 C CG1 . ILE A 1 136 ? -12.028 9.455   -2.211  1.00 20.47  ? 468 ILE E CG1 1 
ATOM   1038 C CG2 . ILE A 1 136 ? -10.033 7.910   -1.958  1.00 20.40  ? 468 ILE E CG2 1 
ATOM   1039 C CD1 . ILE A 1 136 ? -12.970 8.334   -2.648  1.00 20.85  ? 468 ILE E CD1 1 
ATOM   1040 N N   . SER A 1 137 ? -10.296 12.777  -1.937  1.00 21.14  ? 469 SER E N   1 
ATOM   1041 C CA  . SER A 1 137 ? -10.756 14.102  -2.358  1.00 21.30  ? 469 SER E CA  1 
ATOM   1042 C C   . SER A 1 137 ? -9.739  14.820  -3.247  1.00 21.54  ? 469 SER E C   1 
ATOM   1043 O O   . SER A 1 137 ? -8.530  14.631  -3.096  1.00 21.56  ? 469 SER E O   1 
ATOM   1044 C CB  . SER A 1 137 ? -11.036 14.943  -1.119  1.00 21.63  ? 469 SER E CB  1 
ATOM   1045 N N   . THR A 1 138 ? -10.204 15.676  -4.160  1.00 22.15  ? 470 THR E N   1 
ATOM   1046 C CA  . THR A 1 138 ? -9.365  16.381  -5.157  1.00 22.47  ? 470 THR E CA  1 
ATOM   1047 C C   . THR A 1 138 ? -9.668  17.884  -5.239  1.00 22.80  ? 470 THR E C   1 
ATOM   1048 O O   . THR A 1 138 ? -9.574  18.494  -6.302  1.00 22.90  ? 470 THR E O   1 
ATOM   1049 C CB  . THR A 1 138 ? -9.429  15.711  -6.542  1.00 22.39  ? 470 THR E CB  1 
ATOM   1050 O OG1 . THR A 1 138 ? -10.743 15.750  -7.057  1.00 22.39  ? 470 THR E OG1 1 
ATOM   1051 C CG2 . THR A 1 138 ? -8.960  14.258  -6.522  1.00 22.10  ? 470 THR E CG2 1 
ATOM   1052 N N   . GLU A 1 139 ? -10.060 18.497  -4.123  1.00 22.87  ? 471 GLU E N   1 
ATOM   1053 C CA  . GLU A 1 139 ? -10.240 19.953  -4.026  1.00 23.26  ? 471 GLU E CA  1 
ATOM   1054 C C   . GLU A 1 139 ? -8.898  20.679  -4.231  1.00 23.54  ? 471 GLU E C   1 
ATOM   1055 O O   . GLU A 1 139 ? -7.843  20.139  -3.894  1.00 23.28  ? 471 GLU E O   1 
ATOM   1056 C CB  . GLU A 1 139 ? -10.838 20.335  -2.658  1.00 23.40  ? 471 GLU E CB  1 
ATOM   1057 C CG  . GLU A 1 139 ? -12.084 19.544  -2.224  1.00 23.23  ? 471 GLU E CG  1 
ATOM   1058 C CD  . GLU A 1 139 ? -13.204 19.503  -3.276  1.00 23.66  ? 471 GLU E CD  1 
ATOM   1059 O OE1 . GLU A 1 139 ? -13.517 20.551  -3.879  1.00 24.03  ? 471 GLU E OE1 1 
ATOM   1060 O OE2 . GLU A 1 139 ? -13.801 18.423  -3.484  1.00 23.54  ? 471 GLU E OE2 1 
ATOM   1061 N N   . ILE A 1 140 ? -8.912  21.906  -4.762  1.00 23.73  ? 472 ILE E N   1 
ATOM   1062 C CA  . ILE A 1 140 ? -7.688  22.703  -4.957  1.00 23.76  ? 472 ILE E CA  1 
ATOM   1063 C C   . ILE A 1 140 ? -6.987  22.984  -3.616  1.00 23.80  ? 472 ILE E C   1 
ATOM   1064 O O   . ILE A 1 140 ? -7.640  23.249  -2.605  1.00 23.99  ? 472 ILE E O   1 
ATOM   1065 C CB  . ILE A 1 140 ? -8.014  23.990  -5.758  1.00 24.15  ? 472 ILE E CB  1 
ATOM   1066 C CG1 . ILE A 1 140 ? -6.767  24.629  -6.395  1.00 24.38  ? 472 ILE E CG1 1 
ATOM   1067 C CG2 . ILE A 1 140 ? -8.724  25.052  -4.908  1.00 24.51  ? 472 ILE E CG2 1 
ATOM   1068 C CD1 . ILE A 1 140 ? -6.312  23.897  -7.660  1.00 24.35  ? 472 ILE E CD1 1 
ATOM   1069 N N   . TYR A 1 141 ? -5.655  22.942  -3.596  1.00 23.71  ? 473 TYR E N   1 
ATOM   1070 C CA  . TYR A 1 141 ? -4.835  23.238  -2.419  1.00 23.71  ? 473 TYR E CA  1 
ATOM   1071 C C   . TYR A 1 141 ? -4.188  24.625  -2.531  1.00 24.08  ? 473 TYR E C   1 
ATOM   1072 O O   . TYR A 1 141 ? -3.567  24.940  -3.545  1.00 24.31  ? 473 TYR E O   1 
ATOM   1073 C CB  . TYR A 1 141 ? -3.788  22.131  -2.257  1.00 23.34  ? 473 TYR E CB  1 
ATOM   1074 C CG  . TYR A 1 141 ? -2.714  22.448  -1.240  1.00 23.04  ? 473 TYR E CG  1 
ATOM   1075 C CD1 . TYR A 1 141 ? -3.018  22.444  0.133   1.00 22.80  ? 473 TYR E CD1 1 
ATOM   1076 C CD2 . TYR A 1 141 ? -1.417  22.782  -1.671  1.00 23.38  ? 473 TYR E CD2 1 
ATOM   1077 C CE1 . TYR A 1 141 ? -2.028  22.780  1.073   1.00 22.79  ? 473 TYR E CE1 1 
ATOM   1078 C CE2 . TYR A 1 141 ? -0.422  23.106  -0.733  1.00 23.24  ? 473 TYR E CE2 1 
ATOM   1079 C CZ  . TYR A 1 141 ? -0.729  23.119  0.638   1.00 22.94  ? 473 TYR E CZ  1 
ATOM   1080 O OH  . TYR A 1 141 ? 0.235   23.446  1.534   1.00 23.10  ? 473 TYR E OH  1 
ATOM   1081 N N   . GLN A 1 142 ? -4.322  25.457  -1.500  1.00 24.06  ? 474 GLN E N   1 
ATOM   1082 C CA  . GLN A 1 142 ? -3.697  26.778  -1.450  1.00 24.33  ? 474 GLN E CA  1 
ATOM   1083 C C   . GLN A 1 142 ? -2.238  26.715  -0.968  1.00 24.54  ? 474 GLN E C   1 
ATOM   1084 O O   . GLN A 1 142 ? -1.931  26.116  0.062   1.00 24.47  ? 474 GLN E O   1 
ATOM   1085 C CB  . GLN A 1 142 ? -4.552  27.699  -0.574  1.00 24.79  ? 474 GLN E CB  1 
ATOM   1086 C CG  . GLN A 1 142 ? -4.006  29.135  -0.544  1.00 25.32  ? 474 GLN E CG  1 
ATOM   1087 C CD  . GLN A 1 142 ? -4.823  30.064  0.339   1.00 25.51  ? 474 GLN E CD  1 
ATOM   1088 O OE1 . GLN A 1 142 ? -5.963  29.800  0.694   1.00 25.77  ? 474 GLN E OE1 1 
ATOM   1089 N NE2 . GLN A 1 142 ? -4.260  31.184  0.739   1.00 26.16  ? 474 GLN E NE2 1 
ATOM   1090 N N   . ALA A 1 143 ? -1.344  27.402  -1.678  1.00 25.21  ? 475 ALA E N   1 
ATOM   1091 C CA  . ALA A 1 143 ? 0.104   27.371  -1.474  1.00 25.17  ? 475 ALA E CA  1 
ATOM   1092 C C   . ALA A 1 143 ? 0.753   28.756  -1.676  1.00 25.79  ? 475 ALA E C   1 
ATOM   1093 O O   . ALA A 1 143 ? 1.794   28.889  -2.320  1.00 25.99  ? 475 ALA E O   1 
ATOM   1094 C CB  . ALA A 1 143 ? 0.679   26.311  -2.416  1.00 25.01  ? 475 ALA E CB  1 
ATOM   1095 N N   . GLY A 1 144 ? 0.132   29.814  -1.158  1.00 25.78  ? 476 GLY E N   1 
ATOM   1096 C CA  . GLY A 1 144 ? 0.637   31.174  -1.285  1.00 26.32  ? 476 GLY E CA  1 
ATOM   1097 C C   . GLY A 1 144 ? -0.336  32.229  -0.775  1.00 27.08  ? 476 GLY E C   1 
ATOM   1098 O O   . GLY A 1 144 ? -1.347  31.917  -0.132  1.00 26.61  ? 476 GLY E O   1 
ATOM   1099 N N   . SER A 1 145 ? -0.003  33.487  -1.064  1.00 27.84  ? 477 SER E N   1 
ATOM   1100 C CA  . SER A 1 145 ? -0.743  34.666  -0.623  1.00 28.14  ? 477 SER E CA  1 
ATOM   1101 C C   . SER A 1 145 ? -2.133  34.786  -1.261  1.00 27.66  ? 477 SER E C   1 
ATOM   1102 O O   . SER A 1 145 ? -2.273  34.755  -2.486  1.00 27.70  ? 477 SER E O   1 
ATOM   1103 C CB  . SER A 1 145 ? 0.091   35.908  -0.923  1.00 28.37  ? 477 SER E CB  1 
ATOM   1104 N N   . THR A 1 146 ? -3.143  34.999  -0.418  1.00 27.00  ? 478 THR E N   1 
ATOM   1105 C CA  . THR A 1 146 ? -4.573  35.054  -0.726  1.00 26.68  ? 478 THR E CA  1 
ATOM   1106 C C   . THR A 1 146 ? -5.198  33.728  -1.187  1.00 26.65  ? 478 THR E C   1 
ATOM   1107 O O   . THR A 1 146 ? -4.551  32.934  -1.868  1.00 26.59  ? 478 THR E O   1 
ATOM   1108 C CB  . THR A 1 146 ? -4.870  36.187  -1.706  1.00 27.26  ? 478 THR E CB  1 
ATOM   1109 N N   . PRO A 1 147 ? -6.471  33.466  -0.844  1.00 26.54  ? 479 PRO E N   1 
ATOM   1110 C CA  . PRO A 1 147 ? -7.193  32.299  -1.325  1.00 26.31  ? 479 PRO E CA  1 
ATOM   1111 C C   . PRO A 1 147 ? -7.525  32.407  -2.812  1.00 26.35  ? 479 PRO E C   1 
ATOM   1112 O O   . PRO A 1 147 ? -7.986  33.445  -3.284  1.00 26.44  ? 479 PRO E O   1 
ATOM   1113 C CB  . PRO A 1 147 ? -8.464  32.226  -0.477  1.00 26.56  ? 479 PRO E CB  1 
ATOM   1114 C CG  . PRO A 1 147 ? -8.731  33.684  -0.117  1.00 26.95  ? 479 PRO E CG  1 
ATOM   1115 C CD  . PRO A 1 147 ? -7.329  34.269  0.013   1.00 26.90  ? 479 PRO E CD  1 
ATOM   1116 N N   . CYS A 1 148 ? -7.350  31.310  -3.548  1.00 26.08  ? 480 CYS E N   1 
ATOM   1117 C CA  . CYS A 1 148 ? -7.908  31.157  -4.887  1.00 25.65  ? 480 CYS E CA  1 
ATOM   1118 C C   . CYS A 1 148 ? -9.394  30.780  -4.825  1.00 25.89  ? 480 CYS E C   1 
ATOM   1119 O O   . CYS A 1 148 ? -10.210 31.364  -5.539  1.00 26.06  ? 480 CYS E O   1 
ATOM   1120 C CB  . CYS A 1 148 ? -7.099  30.113  -5.662  1.00 25.65  ? 480 CYS E CB  1 
ATOM   1121 S SG  . CYS A 1 148 ? -6.802  28.544  -4.810  1.00 25.72  ? 480 CYS E SG  1 
ATOM   1122 N N   . ASN A 1 149 ? -9.757  29.827  -3.959  1.00 26.02  ? 481 ASN E N   1 
ATOM   1123 C CA  . ASN A 1 149 ? -11.135 29.373  -3.746  1.00 25.93  ? 481 ASN E CA  1 
ATOM   1124 C C   . ASN A 1 149 ? -11.894 28.962  -5.030  1.00 25.75  ? 481 ASN E C   1 
ATOM   1125 O O   . ASN A 1 149 ? -13.106 29.164  -5.135  1.00 25.93  ? 481 ASN E O   1 
ATOM   1126 C CB  . ASN A 1 149 ? -11.875 30.431  -2.924  1.00 26.12  ? 481 ASN E CB  1 
ATOM   1127 N N   . GLY A 1 150 ? -11.195 28.418  -6.033  1.00 25.48  ? 482 GLY E N   1 
ATOM   1128 C CA  . GLY A 1 150 ? -11.757 28.146  -7.357  1.00 25.22  ? 482 GLY E CA  1 
ATOM   1129 C C   . GLY A 1 150 ? -10.797 27.428  -8.306  1.00 25.15  ? 482 GLY E C   1 
ATOM   1130 O O   . GLY A 1 150 ? -10.217 26.402  -7.963  1.00 25.36  ? 482 GLY E O   1 
ATOM   1131 N N   . VAL A 1 151 ? -10.644 27.958  -9.515  1.00 25.34  ? 483 VAL E N   1 
ATOM   1132 C CA  . VAL A 1 151 ? -9.779  27.414  -10.555 1.00 25.36  ? 483 VAL E CA  1 
ATOM   1133 C C   . VAL A 1 151 ? -8.309  27.293  -10.139 1.00 25.66  ? 483 VAL E C   1 
ATOM   1134 O O   . VAL A 1 151 ? -7.822  28.043  -9.293  1.00 25.58  ? 483 VAL E O   1 
ATOM   1135 C CB  . VAL A 1 151 ? -9.875  28.338  -11.765 1.00 25.46  ? 483 VAL E CB  1 
ATOM   1136 N N   . GLU A 1 152 ? -7.564  26.388  -10.775 1.00 25.51  ? 484 GLU E N   1 
ATOM   1137 C CA  . GLU A 1 152 ? -6.105  26.322  -10.628 1.00 25.28  ? 484 GLU E CA  1 
ATOM   1138 C C   . GLU A 1 152 ? -5.433  27.617  -11.125 1.00 25.43  ? 484 GLU E C   1 
ATOM   1139 O O   . GLU A 1 152 ? -5.921  28.263  -12.052 1.00 25.74  ? 484 GLU E O   1 
ATOM   1140 C CB  . GLU A 1 152 ? -5.584  25.075  -11.355 1.00 25.12  ? 484 GLU E CB  1 
ATOM   1141 C CG  . GLU A 1 152 ? -4.093  24.824  -11.124 1.00 24.98  ? 484 GLU E CG  1 
ATOM   1142 C CD  . GLU A 1 152 ? -3.695  23.387  -11.482 1.00 24.53  ? 484 GLU E CD  1 
ATOM   1143 O OE1 . GLU A 1 152 ? -4.061  22.923  -12.581 1.00 24.80  ? 484 GLU E OE1 1 
ATOM   1144 O OE2 . GLU A 1 152 ? -3.007  22.723  -10.678 1.00 24.20  ? 484 GLU E OE2 1 
ATOM   1145 N N   . GLY A 1 153 ? -4.321  28.027  -10.513 1.00 25.73  ? 485 GLY E N   1 
ATOM   1146 C CA  . GLY A 1 153 ? -3.690  29.316  -10.802 1.00 26.10  ? 485 GLY E CA  1 
ATOM   1147 C C   . GLY A 1 153 ? -2.417  29.578  -10.003 1.00 26.31  ? 485 GLY E C   1 
ATOM   1148 O O   . GLY A 1 153 ? -1.806  28.658  -9.461  1.00 26.34  ? 485 GLY E O   1 
ATOM   1149 N N   . PHE A 1 154 ? -2.013  30.843  -9.910  1.00 26.60  ? 486 PHE E N   1 
ATOM   1150 C CA  . PHE A 1 154 ? -0.834  31.255  -9.150  1.00 26.64  ? 486 PHE E CA  1 
ATOM   1151 C C   . PHE A 1 154 ? -0.944  30.860  -7.673  1.00 25.92  ? 486 PHE E C   1 
ATOM   1152 O O   . PHE A 1 154 ? -1.909  31.215  -6.992  1.00 26.65  ? 486 PHE E O   1 
ATOM   1153 C CB  . PHE A 1 154 ? -0.655  32.766  -9.280  1.00 26.98  ? 486 PHE E CB  1 
ATOM   1154 N N   . ASN A 1 155 ? 0.040   30.113  -7.175  1.00 26.25  ? 487 ASN E N   1 
ATOM   1155 C CA  . ASN A 1 155 ? 0.081   29.610  -5.803  1.00 26.04  ? 487 ASN E CA  1 
ATOM   1156 C C   . ASN A 1 155 ? -1.159  28.809  -5.353  1.00 25.68  ? 487 ASN E C   1 
ATOM   1157 O O   . ASN A 1 155 ? -1.487  28.762  -4.168  1.00 25.54  ? 487 ASN E O   1 
ATOM   1158 C CB  . ASN A 1 155 ? 0.431   30.761  -4.865  1.00 26.86  ? 487 ASN E CB  1 
ATOM   1159 N N   . CYS A 1 156 ? -1.844  28.140  -6.280  1.00 25.50  ? 488 CYS E N   1 
ATOM   1160 C CA  . CYS A 1 156 ? -2.809  27.085  -5.971  1.00 25.02  ? 488 CYS E CA  1 
ATOM   1161 C C   . CYS A 1 156 ? -2.585  25.864  -6.868  1.00 24.48  ? 488 CYS E C   1 
ATOM   1162 O O   . CYS A 1 156 ? -2.351  26.009  -8.065  1.00 24.55  ? 488 CYS E O   1 
ATOM   1163 C CB  . CYS A 1 156 ? -4.239  27.612  -6.096  1.00 25.46  ? 488 CYS E CB  1 
ATOM   1164 S SG  . CYS A 1 156 ? -4.778  28.542  -4.653  1.00 25.69  ? 488 CYS E SG  1 
ATOM   1165 N N   . TYR A 1 157 ? -2.671  24.662  -6.301  1.00 23.99  ? 489 TYR E N   1 
ATOM   1166 C CA  . TYR A 1 157 ? -2.275  23.428  -6.971  1.00 23.58  ? 489 TYR E CA  1 
ATOM   1167 C C   . TYR A 1 157 ? -3.367  22.365  -6.898  1.00 23.52  ? 489 TYR E C   1 
ATOM   1168 O O   . TYR A 1 157 ? -4.002  22.184  -5.857  1.00 23.53  ? 489 TYR E O   1 
ATOM   1169 C CB  . TYR A 1 157 ? -0.981  22.895  -6.341  1.00 23.48  ? 489 TYR E CB  1 
ATOM   1170 C CG  . TYR A 1 157 ? 0.181   23.871  -6.237  1.00 23.80  ? 489 TYR E CG  1 
ATOM   1171 C CD1 . TYR A 1 157 ? 0.490   24.744  -7.298  1.00 23.97  ? 489 TYR E CD1 1 
ATOM   1172 C CD2 . TYR A 1 157 ? 0.979   23.881  -5.077  1.00 24.01  ? 489 TYR E CD2 1 
ATOM   1173 C CE1 . TYR A 1 157 ? 1.554   25.656  -7.179  1.00 24.09  ? 489 TYR E CE1 1 
ATOM   1174 C CE2 . TYR A 1 157 ? 2.059   24.773  -4.964  1.00 24.09  ? 489 TYR E CE2 1 
ATOM   1175 C CZ  . TYR A 1 157 ? 2.335   25.676  -6.006  1.00 24.09  ? 489 TYR E CZ  1 
ATOM   1176 O OH  . TYR A 1 157 ? 3.359   26.559  -5.893  1.00 24.53  ? 489 TYR E OH  1 
ATOM   1177 N N   . PHE A 1 158 ? -3.561  21.607  -7.977  1.00 23.19  ? 490 PHE E N   1 
ATOM   1178 C CA  . PHE A 1 158 ? -4.266  20.327  -7.915  1.00 22.48  ? 490 PHE E CA  1 
ATOM   1179 C C   . PHE A 1 158 ? -3.442  19.348  -7.058  1.00 22.12  ? 490 PHE E C   1 
ATOM   1180 O O   . PHE A 1 158 ? -2.220  19.307  -7.207  1.00 22.35  ? 490 PHE E O   1 
ATOM   1181 C CB  . PHE A 1 158 ? -4.484  19.825  -9.345  1.00 22.65  ? 490 PHE E CB  1 
ATOM   1182 C CG  . PHE A 1 158 ? -5.300  18.556  -9.463  1.00 22.20  ? 490 PHE E CG  1 
ATOM   1183 C CD1 . PHE A 1 158 ? -6.681  18.589  -9.215  1.00 22.32  ? 490 PHE E CD1 1 
ATOM   1184 C CD2 . PHE A 1 158 ? -4.696  17.353  -9.868  1.00 21.98  ? 490 PHE E CD2 1 
ATOM   1185 C CE1 . PHE A 1 158 ? -7.451  17.424  -9.355  1.00 22.48  ? 490 PHE E CE1 1 
ATOM   1186 C CE2 . PHE A 1 158 ? -5.471  16.192  -10.026 1.00 21.87  ? 490 PHE E CE2 1 
ATOM   1187 C CZ  . PHE A 1 158 ? -6.846  16.223  -9.756  1.00 22.12  ? 490 PHE E CZ  1 
ATOM   1188 N N   . PRO A 1 159 ? -4.040  18.591  -6.124  1.00 21.95  ? 491 PRO E N   1 
ATOM   1189 C CA  . PRO A 1 159 ? -3.273  17.886  -5.104  1.00 21.54  ? 491 PRO E CA  1 
ATOM   1190 C C   . PRO A 1 159 ? -2.589  16.613  -5.601  1.00 21.19  ? 491 PRO E C   1 
ATOM   1191 O O   . PRO A 1 159 ? -1.587  16.212  -5.017  1.00 21.19  ? 491 PRO E O   1 
ATOM   1192 C CB  . PRO A 1 159 ? -4.279  17.584  -3.996  1.00 21.53  ? 491 PRO E CB  1 
ATOM   1193 C CG  . PRO A 1 159 ? -5.606  17.469  -4.736  1.00 21.98  ? 491 PRO E CG  1 
ATOM   1194 C CD  . PRO A 1 159 ? -5.460  18.523  -5.827  1.00 22.41  ? 491 PRO E CD  1 
ATOM   1195 N N   . LEU A 1 160 ? -3.110  15.952  -6.634  1.00 21.28  ? 492 LEU E N   1 
ATOM   1196 C CA  . LEU A 1 160 ? -2.535  14.715  -7.172  1.00 21.02  ? 492 LEU E CA  1 
ATOM   1197 C C   . LEU A 1 160 ? -1.479  14.979  -8.259  1.00 21.21  ? 492 LEU E C   1 
ATOM   1198 O O   . LEU A 1 160 ? -1.579  15.946  -9.010  1.00 21.51  ? 492 LEU E O   1 
ATOM   1199 C CB  . LEU A 1 160 ? -3.633  13.787  -7.709  1.00 20.66  ? 492 LEU E CB  1 
ATOM   1200 C CG  . LEU A 1 160 ? -4.805  13.479  -6.765  1.00 20.70  ? 492 LEU E CG  1 
ATOM   1201 C CD1 . LEU A 1 160 ? -5.784  12.549  -7.465  1.00 20.50  ? 492 LEU E CD1 1 
ATOM   1202 C CD2 . LEU A 1 160 ? -4.356  12.805  -5.476  1.00 20.69  ? 492 LEU E CD2 1 
ATOM   1203 N N   . GLN A 1 161 ? -0.504  14.083  -8.400  1.00 20.93  ? 493 GLN E N   1 
ATOM   1204 C CA  . GLN A 1 161 ? 0.524   14.095  -9.447  1.00 21.00  ? 493 GLN E CA  1 
ATOM   1205 C C   . GLN A 1 161 ? 0.783   12.660  -9.940  1.00 21.15  ? 493 GLN E C   1 
ATOM   1206 O O   . GLN A 1 161 ? 0.578   11.711  -9.189  1.00 21.17  ? 493 GLN E O   1 
ATOM   1207 C CB  . GLN A 1 161 ? 1.789   14.764  -8.880  1.00 21.18  ? 493 GLN E CB  1 
ATOM   1208 C CG  . GLN A 1 161 ? 2.831   15.123  -9.952  1.00 21.47  ? 493 GLN E CG  1 
ATOM   1209 C CD  . GLN A 1 161 ? 4.210   15.434  -9.377  1.00 21.69  ? 493 GLN E CD  1 
ATOM   1210 O OE1 . GLN A 1 161 ? 4.767   14.703  -8.572  1.00 21.67  ? 493 GLN E OE1 1 
ATOM   1211 N NE2 . GLN A 1 161 ? 4.838   16.505  -9.796  1.00 21.89  ? 493 GLN E NE2 1 
ATOM   1212 N N   . SER A 1 162 ? 1.221   12.457  -11.183 1.00 21.34  ? 494 SER E N   1 
ATOM   1213 C CA  . SER A 1 162 ? 1.632   11.139  -11.682 1.00 21.53  ? 494 SER E CA  1 
ATOM   1214 C C   . SER A 1 162 ? 3.011   10.709  -11.161 1.00 21.59  ? 494 SER E C   1 
ATOM   1215 O O   . SER A 1 162 ? 3.861   11.560  -10.903 1.00 21.81  ? 494 SER E O   1 
ATOM   1216 C CB  . SER A 1 162 ? 1.633   11.171  -13.203 1.00 22.00  ? 494 SER E CB  1 
ATOM   1217 N N   . TYR A 1 163 ? 3.272   9.404   -11.015 1.00 21.80  ? 495 TYR E N   1 
ATOM   1218 C CA  . TYR A 1 163 ? 4.534   8.910   -10.409 1.00 21.88  ? 495 TYR E CA  1 
ATOM   1219 C C   . TYR A 1 163 ? 5.803   9.210   -11.205 1.00 22.65  ? 495 TYR E C   1 
ATOM   1220 O O   . TYR A 1 163 ? 6.884   9.313   -10.622 1.00 23.07  ? 495 TYR E O   1 
ATOM   1221 C CB  . TYR A 1 163 ? 4.520   7.383   -10.234 1.00 21.86  ? 495 TYR E CB  1 
ATOM   1222 C CG  . TYR A 1 163 ? 3.494   6.780   -9.311  1.00 21.38  ? 495 TYR E CG  1 
ATOM   1223 C CD1 . TYR A 1 163 ? 2.609   7.580   -8.582  1.00 21.29  ? 495 TYR E CD1 1 
ATOM   1224 C CD2 . TYR A 1 163 ? 3.415   5.382   -9.201  1.00 20.97  ? 495 TYR E CD2 1 
ATOM   1225 C CE1 . TYR A 1 163 ? 1.606   6.979   -7.830  1.00 20.70  ? 495 TYR E CE1 1 
ATOM   1226 C CE2 . TYR A 1 163 ? 2.395   4.779   -8.450  1.00 20.82  ? 495 TYR E CE2 1 
ATOM   1227 C CZ  . TYR A 1 163 ? 1.467   5.594   -7.793  1.00 20.49  ? 495 TYR E CZ  1 
ATOM   1228 O OH  . TYR A 1 163 ? 0.339   5.119   -7.234  1.00 20.43  ? 495 TYR E OH  1 
ATOM   1229 N N   . GLY A 1 164 ? 5.714   9.277   -12.531 1.00 22.76  ? 496 GLY E N   1 
ATOM   1230 C CA  . GLY A 1 164 ? 6.881   9.409   -13.397 1.00 23.25  ? 496 GLY E CA  1 
ATOM   1231 C C   . GLY A 1 164 ? 7.848   8.224   -13.293 1.00 23.77  ? 496 GLY E C   1 
ATOM   1232 O O   . GLY A 1 164 ? 9.029   8.421   -13.010 1.00 24.17  ? 496 GLY E O   1 
ATOM   1233 N N   . PHE A 1 165 ? 7.369   6.996   -13.526 1.00 23.55  ? 497 PHE E N   1 
ATOM   1234 C CA  . PHE A 1 165 ? 8.263   5.866   -13.803 1.00 24.10  ? 497 PHE E CA  1 
ATOM   1235 C C   . PHE A 1 165 ? 9.172   6.189   -15.005 1.00 25.08  ? 497 PHE E C   1 
ATOM   1236 O O   . PHE A 1 165 ? 8.766   6.918   -15.915 1.00 25.52  ? 497 PHE E O   1 
ATOM   1237 C CB  . PHE A 1 165 ? 7.472   4.599   -14.149 1.00 23.68  ? 497 PHE E CB  1 
ATOM   1238 C CG  . PHE A 1 165 ? 6.477   4.067   -13.143 1.00 23.06  ? 497 PHE E CG  1 
ATOM   1239 C CD1 . PHE A 1 165 ? 6.844   3.839   -11.809 1.00 22.98  ? 497 PHE E CD1 1 
ATOM   1240 C CD2 . PHE A 1 165 ? 5.203   3.672   -13.582 1.00 22.38  ? 497 PHE E CD2 1 
ATOM   1241 C CE1 . PHE A 1 165 ? 5.950   3.216   -10.922 1.00 22.37  ? 497 PHE E CE1 1 
ATOM   1242 C CE2 . PHE A 1 165 ? 4.303   3.061   -12.694 1.00 22.02  ? 497 PHE E CE2 1 
ATOM   1243 C CZ  . PHE A 1 165 ? 4.678   2.826   -11.365 1.00 21.81  ? 497 PHE E CZ  1 
ATOM   1244 N N   . GLN A 1 166 ? 10.370  5.613   -15.070 1.00 184.03 ? 498 GLN E N   1 
ATOM   1245 C CA  . GLN A 1 166 ? 11.172  5.669   -16.293 1.00 184.03 ? 498 GLN E CA  1 
ATOM   1246 C C   . GLN A 1 166 ? 10.491  4.890   -17.439 1.00 184.03 ? 498 GLN E C   1 
ATOM   1247 O O   . GLN A 1 166 ? 9.837   3.875   -17.174 1.00 184.03 ? 498 GLN E O   1 
ATOM   1248 C CB  . GLN A 1 166 ? 12.563  5.116   -16.017 1.00 184.03 ? 498 GLN E CB  1 
ATOM   1249 N N   . PRO A 1 167 ? 10.623  5.323   -18.708 1.00 177.31 ? 499 PRO E N   1 
ATOM   1250 C CA  . PRO A 1 167 ? 9.913   4.743   -19.850 1.00 177.31 ? 499 PRO E CA  1 
ATOM   1251 C C   . PRO A 1 167 ? 10.464  3.358   -20.223 1.00 177.31 ? 499 PRO E C   1 
ATOM   1252 O O   . PRO A 1 167 ? 11.384  3.242   -21.034 1.00 177.31 ? 499 PRO E O   1 
ATOM   1253 C CB  . PRO A 1 167 ? 10.079  5.777   -20.970 1.00 177.31 ? 499 PRO E CB  1 
ATOM   1254 C CG  . PRO A 1 167 ? 11.420  6.434   -20.656 1.00 177.31 ? 499 PRO E CG  1 
ATOM   1255 C CD  . PRO A 1 167 ? 11.413  6.470   -19.131 1.00 177.31 ? 499 PRO E CD  1 
ATOM   1256 N N   . THR A 1 168 ? 9.925   2.299   -19.609 1.00 191.53 ? 500 THR E N   1 
ATOM   1257 C CA  . THR A 1 168 ? 10.414  0.918   -19.728 1.00 191.53 ? 500 THR E CA  1 
ATOM   1258 C C   . THR A 1 168 ? 11.939  0.791   -19.513 1.00 191.53 ? 500 THR E C   1 
ATOM   1259 O O   . THR A 1 168 ? 12.617  0.020   -20.195 1.00 191.53 ? 500 THR E O   1 
ATOM   1260 C CB  . THR A 1 168 ? 9.929   0.313   -21.046 1.00 191.53 ? 500 THR E CB  1 
ATOM   1261 N N   . ASN A 1 169 ? 12.491  1.598   -18.599 1.00 189.97 ? 501 ASN E N   1 
ATOM   1262 C CA  . ASN A 1 169 ? 13.927  1.845   -18.430 1.00 189.97 ? 501 ASN E CA  1 
ATOM   1263 C C   . ASN A 1 169 ? 14.277  2.323   -17.006 1.00 189.97 ? 501 ASN E C   1 
ATOM   1264 O O   . ASN A 1 169 ? 13.495  2.148   -16.070 1.00 189.97 ? 501 ASN E O   1 
ATOM   1265 C CB  . ASN A 1 169 ? 14.330  2.887   -19.471 1.00 189.97 ? 501 ASN E CB  1 
ATOM   1266 N N   . GLY A 1 170 ? 15.453  2.931   -16.818 1.00 196.55 ? 502 GLY E N   1 
ATOM   1267 C CA  . GLY A 1 170 ? 15.941  3.417   -15.518 1.00 196.55 ? 502 GLY E CA  1 
ATOM   1268 C C   . GLY A 1 170 ? 16.598  2.319   -14.675 1.00 196.55 ? 502 GLY E C   1 
ATOM   1269 O O   . GLY A 1 170 ? 17.318  1.471   -15.206 1.00 196.55 ? 502 GLY E O   1 
ATOM   1270 N N   . VAL A 1 171 ? 16.363  2.323   -13.361 1.00 195.44 ? 503 VAL E N   1 
ATOM   1271 C CA  . VAL A 1 171 ? 16.777  1.245   -12.457 1.00 195.44 ? 503 VAL E CA  1 
ATOM   1272 C C   . VAL A 1 171 ? 15.967  1.208   -11.156 1.00 195.44 ? 503 VAL E C   1 
ATOM   1273 O O   . VAL A 1 171 ? 15.261  0.233   -10.893 1.00 195.44 ? 503 VAL E O   1 
ATOM   1274 C CB  . VAL A 1 171 ? 18.259  1.394   -12.136 1.00 195.44 ? 503 VAL E CB  1 
ATOM   1275 N N   . GLY A 1 172 ? 16.032  2.272   -10.352 1.00 195.35 ? 504 GLY E N   1 
ATOM   1276 C CA  . GLY A 1 172 ? 15.305  2.376   -9.077  1.00 195.35 ? 504 GLY E CA  1 
ATOM   1277 C C   . GLY A 1 172 ? 13.844  2.801   -9.224  1.00 195.35 ? 504 GLY E C   1 
ATOM   1278 O O   . GLY A 1 172 ? 12.981  2.303   -8.508  1.00 195.35 ? 504 GLY E O   1 
ATOM   1279 N N   . TYR A 1 173 ? 13.544  3.678   -10.185 1.00 196.71 ? 505 TYR E N   1 
ATOM   1280 C CA  . TYR A 1 173 ? 12.214  4.256   -10.429 1.00 196.71 ? 505 TYR E CA  1 
ATOM   1281 C C   . TYR A 1 173 ? 11.219  3.312   -11.133 1.00 196.71 ? 505 TYR E C   1 
ATOM   1282 O O   . TYR A 1 173 ? 10.218  3.773   -11.672 1.00 196.71 ? 505 TYR E O   1 
ATOM   1283 C CB  . TYR A 1 173 ? 12.361  5.571   -11.213 1.00 196.71 ? 505 TYR E CB  1 
ATOM   1284 C CG  . TYR A 1 173 ? 13.433  6.514   -10.697 1.00 196.71 ? 505 TYR E CG  1 
ATOM   1285 C CD1 . TYR A 1 173 ? 13.247  7.194   -9.481  1.00 196.71 ? 505 TYR E CD1 1 
ATOM   1286 C CD2 . TYR A 1 173 ? 14.633  6.678   -11.414 1.00 196.71 ? 505 TYR E CD2 1 
ATOM   1287 C CE1 . TYR A 1 173 ? 14.265  8.019   -8.969  1.00 196.71 ? 505 TYR E CE1 1 
ATOM   1288 C CE2 . TYR A 1 173 ? 15.656  7.501   -10.905 1.00 196.71 ? 505 TYR E CE2 1 
ATOM   1289 C CZ  . TYR A 1 173 ? 15.475  8.165   -9.675  1.00 196.71 ? 505 TYR E CZ  1 
ATOM   1290 O OH  . TYR A 1 173 ? 16.473  8.932   -9.163  1.00 196.71 ? 505 TYR E OH  1 
ATOM   1291 N N   . GLN A 1 174 ? 11.483  2.007   -11.184 1.00 23.30  ? 506 GLN E N   1 
ATOM   1292 C CA  . GLN A 1 174 ? 10.575  1.007   -11.749 1.00 22.70  ? 506 GLN E CA  1 
ATOM   1293 C C   . GLN A 1 174 ? 9.380   0.695   -10.822 1.00 22.20  ? 506 GLN E C   1 
ATOM   1294 O O   . GLN A 1 174 ? 9.439   0.993   -9.630  1.00 22.00  ? 506 GLN E O   1 
ATOM   1295 C CB  . GLN A 1 174 ? 11.381  -0.255  -12.031 1.00 22.93  ? 506 GLN E CB  1 
ATOM   1296 N N   . PRO A 1 175 ? 8.286   0.088   -11.309 1.00 21.98  ? 507 PRO E N   1 
ATOM   1297 C CA  . PRO A 1 175 ? 7.094   -0.195  -10.510 1.00 21.60  ? 507 PRO E CA  1 
ATOM   1298 C C   . PRO A 1 175 ? 7.257   -1.382  -9.558  1.00 21.34  ? 507 PRO E C   1 
ATOM   1299 O O   . PRO A 1 175 ? 7.604   -2.477  -9.991  1.00 21.65  ? 507 PRO E O   1 
ATOM   1300 C CB  . PRO A 1 175 ? 5.976   -0.493  -11.513 1.00 22.21  ? 507 PRO E CB  1 
ATOM   1301 C CG  . PRO A 1 175 ? 6.527   -0.018  -12.849 1.00 22.70  ? 507 PRO E CG  1 
ATOM   1302 C CD  . PRO A 1 175 ? 8.022   -0.216  -12.695 1.00 22.58  ? 507 PRO E CD  1 
ATOM   1303 N N   . TYR A 1 176 ? 6.938   -1.208  -8.278  1.00 20.91  ? 508 TYR E N   1 
ATOM   1304 C CA  . TYR A 1 176 ? 6.866   -2.268  -7.273  1.00 20.47  ? 508 TYR E CA  1 
ATOM   1305 C C   . TYR A 1 176 ? 5.432   -2.396  -6.765  1.00 20.29  ? 508 TYR E C   1 
ATOM   1306 O O   . TYR A 1 176 ? 4.861   -1.437  -6.250  1.00 20.53  ? 508 TYR E O   1 
ATOM   1307 C CB  . TYR A 1 176 ? 7.814   -1.982  -6.099  1.00 20.38  ? 508 TYR E CB  1 
ATOM   1308 C CG  . TYR A 1 176 ? 9.265   -2.378  -6.308  1.00 20.67  ? 508 TYR E CG  1 
ATOM   1309 C CD1 . TYR A 1 176 ? 10.004  -1.872  -7.389  1.00 21.07  ? 508 TYR E CD1 1 
ATOM   1310 C CD2 . TYR A 1 176 ? 9.892   -3.241  -5.393  1.00 20.54  ? 508 TYR E CD2 1 
ATOM   1311 C CE1 . TYR A 1 176 ? 11.345  -2.243  -7.578  1.00 21.00  ? 508 TYR E CE1 1 
ATOM   1312 C CE2 . TYR A 1 176 ? 11.239  -3.604  -5.567  1.00 20.58  ? 508 TYR E CE2 1 
ATOM   1313 C CZ  . TYR A 1 176 ? 11.968  -3.108  -6.665  1.00 20.63  ? 508 TYR E CZ  1 
ATOM   1314 O OH  . TYR A 1 176 ? 13.267  -3.448  -6.845  1.00 20.84  ? 508 TYR E OH  1 
ATOM   1315 N N   . ARG A 1 177 ? 4.831   -3.579  -6.890  1.00 20.00  ? 509 ARG E N   1 
ATOM   1316 C CA  . ARG A 1 177 ? 3.535   -3.882  -6.283  1.00 19.71  ? 509 ARG E CA  1 
ATOM   1317 C C   . ARG A 1 177 ? 3.739   -4.138  -4.800  1.00 19.70  ? 509 ARG E C   1 
ATOM   1318 O O   . ARG A 1 177 ? 4.747   -4.726  -4.422  1.00 19.77  ? 509 ARG E O   1 
ATOM   1319 C CB  . ARG A 1 177 ? 2.889   -5.085  -6.974  1.00 20.20  ? 509 ARG E CB  1 
ATOM   1320 C CG  . ARG A 1 177 ? 2.256   -4.689  -8.310  1.00 20.66  ? 509 ARG E CG  1 
ATOM   1321 C CD  . ARG A 1 177 ? 1.579   -5.863  -9.009  1.00 21.09  ? 509 ARG E CD  1 
ATOM   1322 N NE  . ARG A 1 177 ? 0.927   -5.461  -10.269 1.00 21.83  ? 509 ARG E NE  1 
ATOM   1323 C CZ  . ARG A 1 177 ? -0.093  -6.050  -10.864 1.00 22.17  ? 509 ARG E CZ  1 
ATOM   1324 N NH1 . ARG A 1 177 ? -0.580  -5.567  -11.962 1.00 21.98  ? 509 ARG E NH1 1 
ATOM   1325 N NH2 . ARG A 1 177 ? -0.659  -7.110  -10.374 1.00 22.57  ? 509 ARG E NH2 1 
ATOM   1326 N N   . VAL A 1 178 ? 2.798   -3.708  -3.967  1.00 19.53  ? 510 VAL E N   1 
ATOM   1327 C CA  . VAL A 1 178 ? 2.838   -3.851  -2.507  1.00 19.11  ? 510 VAL E CA  1 
ATOM   1328 C C   . VAL A 1 178 ? 1.546   -4.478  -2.007  1.00 19.09  ? 510 VAL E C   1 
ATOM   1329 O O   . VAL A 1 178 ? 0.466   -4.070  -2.424  1.00 19.32  ? 510 VAL E O   1 
ATOM   1330 C CB  . VAL A 1 178 ? 3.079   -2.493  -1.821  1.00 19.14  ? 510 VAL E CB  1 
ATOM   1331 C CG1 . VAL A 1 178 ? 3.098   -2.612  -0.305  1.00 19.04  ? 510 VAL E CG1 1 
ATOM   1332 C CG2 . VAL A 1 178 ? 4.408   -1.867  -2.225  1.00 19.36  ? 510 VAL E CG2 1 
ATOM   1333 N N   . VAL A 1 179 ? 1.654   -5.437  -1.087  1.00 19.03  ? 511 VAL E N   1 
ATOM   1334 C CA  . VAL A 1 179 ? 0.552   -5.941  -0.262  1.00 18.79  ? 511 VAL E CA  1 
ATOM   1335 C C   . VAL A 1 179 ? 0.953   -5.803  1.199   1.00 18.63  ? 511 VAL E C   1 
ATOM   1336 O O   . VAL A 1 179 ? 2.003   -6.295  1.592   1.00 18.94  ? 511 VAL E O   1 
ATOM   1337 C CB  . VAL A 1 179 ? 0.185   -7.395  -0.593  1.00 19.17  ? 511 VAL E CB  1 
ATOM   1338 C CG1 . VAL A 1 179 ? -0.915  -7.916  0.324   1.00 19.20  ? 511 VAL E CG1 1 
ATOM   1339 C CG2 . VAL A 1 179 ? -0.316  -7.536  -2.027  1.00 19.69  ? 511 VAL E CG2 1 
ATOM   1340 N N   . VAL A 1 180 ? 0.148   -5.134  2.014   1.00 18.54  ? 512 VAL E N   1 
ATOM   1341 C CA  . VAL A 1 180 ? 0.383   -4.974  3.448   1.00 18.28  ? 512 VAL E CA  1 
ATOM   1342 C C   . VAL A 1 180 ? -0.638  -5.801  4.196   1.00 18.53  ? 512 VAL E C   1 
ATOM   1343 O O   . VAL A 1 180 ? -1.822  -5.538  4.070   1.00 18.98  ? 512 VAL E O   1 
ATOM   1344 C CB  . VAL A 1 180 ? 0.285   -3.504  3.867   1.00 18.18  ? 512 VAL E CB  1 
ATOM   1345 C CG1 . VAL A 1 180 ? 0.495   -3.354  5.373   1.00 18.44  ? 512 VAL E CG1 1 
ATOM   1346 C CG2 . VAL A 1 180 ? 1.330   -2.666  3.132   1.00 18.44  ? 512 VAL E CG2 1 
ATOM   1347 N N   . LEU A 1 181 ? -0.205  -6.773  4.992   1.00 18.39  ? 513 LEU E N   1 
ATOM   1348 C CA  . LEU A 1 181 ? -1.062  -7.621  5.812   1.00 18.32  ? 513 LEU E CA  1 
ATOM   1349 C C   . LEU A 1 181 ? -1.072  -7.070  7.232   1.00 18.36  ? 513 LEU E C   1 
ATOM   1350 O O   . LEU A 1 181 ? -0.025  -6.942  7.848   1.00 18.51  ? 513 LEU E O   1 
ATOM   1351 C CB  . LEU A 1 181 ? -0.521  -9.059  5.834   1.00 18.44  ? 513 LEU E CB  1 
ATOM   1352 C CG  . LEU A 1 181 ? -0.446  -9.786  4.488   1.00 18.76  ? 513 LEU E CG  1 
ATOM   1353 C CD1 . LEU A 1 181 ? 0.216   -11.144 4.680   1.00 19.14  ? 513 LEU E CD1 1 
ATOM   1354 C CD2 . LEU A 1 181 ? -1.825  -10.015 3.896   1.00 19.08  ? 513 LEU E CD2 1 
ATOM   1355 N N   . SER A 1 182 ? -2.234  -6.750  7.777   1.00 18.57  ? 514 SER E N   1 
ATOM   1356 C CA  . SER A 1 182 ? -2.387  -6.211  9.126   1.00 18.33  ? 514 SER E CA  1 
ATOM   1357 C C   . SER A 1 182 ? -3.263  -7.127  9.968   1.00 18.84  ? 514 SER E C   1 
ATOM   1358 O O   . SER A 1 182 ? -4.343  -7.520  9.526   1.00 19.32  ? 514 SER E O   1 
ATOM   1359 C CB  . SER A 1 182 ? -2.996  -4.823  9.034   1.00 18.63  ? 514 SER E CB  1 
ATOM   1360 N N   . PHE A 1 183 ? -2.807  -7.501  11.159  1.00 18.80  ? 515 PHE E N   1 
ATOM   1361 C CA  . PHE A 1 183 ? -3.438  -8.545  11.962  1.00 18.81  ? 515 PHE E CA  1 
ATOM   1362 C C   . PHE A 1 183 ? -4.035  -8.003  13.261  1.00 19.29  ? 515 PHE E C   1 
ATOM   1363 O O   . PHE A 1 183 ? -3.353  -7.350  14.048  1.00 19.32  ? 515 PHE E O   1 
ATOM   1364 C CB  . PHE A 1 183 ? -2.414  -9.639  12.253  1.00 18.82  ? 515 PHE E CB  1 
ATOM   1365 C CG  . PHE A 1 183 ? -1.688  -10.224 11.059  1.00 18.60  ? 515 PHE E CG  1 
ATOM   1366 C CD1 . PHE A 1 183 ? -2.388  -10.600 9.905   1.00 18.49  ? 515 PHE E CD1 1 
ATOM   1367 C CD2 . PHE A 1 183 ? -0.300  -10.412 11.110  1.00 18.75  ? 515 PHE E CD2 1 
ATOM   1368 C CE1 . PHE A 1 183 ? -1.713  -11.155 8.809   1.00 18.57  ? 515 PHE E CE1 1 
ATOM   1369 C CE2 . PHE A 1 183 ? 0.381   -10.937 10.005  1.00 18.78  ? 515 PHE E CE2 1 
ATOM   1370 C CZ  . PHE A 1 183 ? -0.323  -11.317 8.857   1.00 18.71  ? 515 PHE E CZ  1 
ATOM   1371 N N   . GLU A 1 184 ? -5.310  -8.286  13.511  1.00 19.78  ? 516 GLU E N   1 
ATOM   1372 C CA  . GLU A 1 184 ? -5.991  -7.907  14.748  1.00 20.21  ? 516 GLU E CA  1 
ATOM   1373 C C   . GLU A 1 184 ? -5.827  -8.950  15.853  1.00 20.22  ? 516 GLU E C   1 
ATOM   1374 O O   . GLU A 1 184 ? -5.821  -10.150 15.584  1.00 20.33  ? 516 GLU E O   1 
ATOM   1375 C CB  . GLU A 1 184 ? -7.473  -7.712  14.447  1.00 20.52  ? 516 GLU E CB  1 
ATOM   1376 N N   . LEU A 1 185 ? -5.771  -8.502  17.109  1.00 20.46  ? 517 LEU E N   1 
ATOM   1377 C CA  . LEU A 1 185 ? -5.722  -9.343  18.316  1.00 20.86  ? 517 LEU E CA  1 
ATOM   1378 C C   . LEU A 1 185 ? -6.728  -8.871  19.386  1.00 21.22  ? 517 LEU E C   1 
ATOM   1379 O O   . LEU A 1 185 ? -6.470  -8.938  20.585  1.00 21.26  ? 517 LEU E O   1 
ATOM   1380 C CB  . LEU A 1 185 ? -4.270  -9.462  18.831  1.00 50.00  ? 517 LEU E CB  1 
ATOM   1381 C CG  . LEU A 1 185 ? -3.296  -10.172 17.872  1.00 50.00  ? 517 LEU E CG  1 
ATOM   1382 C CD1 . LEU A 1 185 ? -1.865  -10.005 18.357  1.00 50.00  ? 517 LEU E CD1 1 
ATOM   1383 C CD2 . LEU A 1 185 ? -3.572  -11.669 17.788  1.00 50.00  ? 517 LEU E CD2 1 
ATOM   1384 N N   . LEU A 1 186 ? -7.886  -8.366  18.954  1.00 21.46  ? 518 LEU E N   1 
ATOM   1385 C CA  . LEU A 1 186 ? -9.015  -8.028  19.824  1.00 21.52  ? 518 LEU E CA  1 
ATOM   1386 C C   . LEU A 1 186 ? -9.669  -9.277  20.434  1.00 21.77  ? 518 LEU E C   1 
ATOM   1387 O O   . LEU A 1 186 ? -9.855  -10.275 19.737  1.00 21.92  ? 518 LEU E O   1 
ATOM   1388 C CB  . LEU A 1 186 ? -10.042 -7.235  19.024  1.00 21.46  ? 518 LEU E CB  1 
ATOM   1389 N N   . HIS A 1 187 ? -10.019 -9.229  21.723  1.00 22.00  ? 519 HIS E N   1 
ATOM   1390 C CA  . HIS A 1 187 ? -10.562 -10.345 22.506  1.00 21.96  ? 519 HIS E CA  1 
ATOM   1391 C C   . HIS A 1 187 ? -12.005 -10.713 22.126  1.00 21.82  ? 519 HIS E C   1 
ATOM   1392 O O   . HIS A 1 187 ? -12.962 -10.457 22.862  1.00 21.77  ? 519 HIS E O   1 
ATOM   1393 C CB  . HIS A 1 187 ? -10.438 -10.018 23.992  1.00 22.26  ? 519 HIS E CB  1 
ATOM   1394 N N   . ALA A 1 188 ? -12.137 -11.321 20.952  1.00 21.92  ? 520 ALA E N   1 
ATOM   1395 C CA  . ALA A 1 188 ? -13.341 -11.845 20.319  1.00 21.46  ? 520 ALA E CA  1 
ATOM   1396 C C   . ALA A 1 188 ? -12.974 -13.104 19.501  1.00 21.38  ? 520 ALA E C   1 
ATOM   1397 O O   . ALA A 1 188 ? -11.789 -13.337 19.259  1.00 21.69  ? 520 ALA E O   1 
ATOM   1398 C CB  . ALA A 1 188 ? -13.941 -10.738 19.442  1.00 21.64  ? 520 ALA E CB  1 
ATOM   1399 N N   . PRO A 1 189 ? -13.930 -13.942 19.079  1.00 21.27  ? 521 PRO E N   1 
ATOM   1400 C CA  . PRO A 1 189 ? -13.643 -15.225 18.444  1.00 21.52  ? 521 PRO E CA  1 
ATOM   1401 C C   . PRO A 1 189 ? -12.763 -15.120 17.199  1.00 21.27  ? 521 PRO E C   1 
ATOM   1402 O O   . PRO A 1 189 ? -13.027 -14.311 16.313  1.00 21.08  ? 521 PRO E O   1 
ATOM   1403 C CB  . PRO A 1 189 ? -15.001 -15.837 18.116  1.00 21.45  ? 521 PRO E CB  1 
ATOM   1404 C CG  . PRO A 1 189 ? -15.918 -15.222 19.166  1.00 21.68  ? 521 PRO E CG  1 
ATOM   1405 C CD  . PRO A 1 189 ? -15.350 -13.823 19.335  1.00 21.29  ? 521 PRO E CD  1 
ATOM   1406 N N   . ALA A 1 190 ? -11.707 -15.930 17.124  1.00 21.00  ? 522 ALA E N   1 
ATOM   1407 C CA  . ALA A 1 190 ? -10.675 -15.810 16.105  1.00 20.33  ? 522 ALA E CA  1 
ATOM   1408 C C   . ALA A 1 190 ? -11.178 -16.266 14.726  1.00 20.35  ? 522 ALA E C   1 
ATOM   1409 O O   . ALA A 1 190 ? -11.394 -17.454 14.502  1.00 20.76  ? 522 ALA E O   1 
ATOM   1410 C CB  . ALA A 1 190 ? -9.448  -16.592 16.559  1.00 20.10  ? 522 ALA E CB  1 
ATOM   1411 N N   . THR A 1 191 ? -11.367 -15.329 13.797  1.00 20.27  ? 523 THR E N   1 
ATOM   1412 C CA  . THR A 1 191 ? -11.932 -15.588 12.474  1.00 20.18  ? 523 THR E CA  1 
ATOM   1413 C C   . THR A 1 191 ? -10.965 -16.170 11.441  1.00 19.97  ? 523 THR E C   1 
ATOM   1414 O O   . THR A 1 191 ? -11.428 -16.723 10.449  1.00 20.24  ? 523 THR E O   1 
ATOM   1415 C CB  . THR A 1 191 ? -12.492 -14.278 11.936  1.00 20.58  ? 523 THR E CB  1 
ATOM   1416 N N   . VAL A 1 192 ? -9.647  -16.055 11.627  1.00 19.77  ? 524 VAL E N   1 
ATOM   1417 C CA  . VAL A 1 192 ? -8.622  -16.589 10.713  1.00 19.41  ? 524 VAL E CA  1 
ATOM   1418 C C   . VAL A 1 192 ? -7.576  -17.358 11.505  1.00 19.59  ? 524 VAL E C   1 
ATOM   1419 O O   . VAL A 1 192 ? -7.142  -16.884 12.553  1.00 19.71  ? 524 VAL E O   1 
ATOM   1420 C CB  . VAL A 1 192 ? -7.953  -15.463 9.913   1.00 19.54  ? 524 VAL E CB  1 
ATOM   1421 C CG1 . VAL A 1 192 ? -6.870  -15.972 8.966   1.00 19.54  ? 524 VAL E CG1 1 
ATOM   1422 C CG2 . VAL A 1 192 ? -8.964  -14.711 9.061   1.00 20.09  ? 524 VAL E CG2 1 
ATOM   1423 N N   . CYS A 1 193 ? -7.142  -18.516 11.007  1.00 19.56  ? 525 CYS E N   1 
ATOM   1424 C CA  . CYS A 1 193 ? -6.162  -19.394 11.656  1.00 19.35  ? 525 CYS E CA  1 
ATOM   1425 C C   . CYS A 1 193 ? -5.215  -20.055 10.646  1.00 19.29  ? 525 CYS E C   1 
ATOM   1426 O O   . CYS A 1 193 ? -5.547  -20.169 9.473   1.00 19.83  ? 525 CYS E O   1 
ATOM   1427 C CB  . CYS A 1 193 ? -6.908  -20.467 12.451  1.00 19.84  ? 525 CYS E CB  1 
ATOM   1428 S SG  . CYS A 1 193 ? -7.634  -19.978 14.047  1.00 20.22  ? 525 CYS E SG  1 
ATOM   1429 N N   . GLY A 1 194 ? -4.043  -20.506 11.099  1.00 19.41  ? 526 GLY E N   1 
ATOM   1430 C CA  . GLY A 1 194 ? -3.025  -21.224 10.308  1.00 19.76  ? 526 GLY E CA  1 
ATOM   1431 C C   . GLY A 1 194 ? -3.173  -22.740 10.285  1.00 19.61  ? 526 GLY E C   1 
ATOM   1432 O O   . GLY A 1 194 ? -2.742  -23.365 9.297   1.00 19.72  ? 526 GLY E O   1 
HETATM 1433 C C1  . NAG B 2 .   ? -0.697  -16.442 -7.481  1.00 23.27  ? 601 NAG E C1  1 
HETATM 1434 C C2  . NAG B 2 .   ? -0.946  -17.327 -6.235  1.00 23.40  ? 601 NAG E C2  1 
HETATM 1435 C C3  . NAG B 2 .   ? 0.101   -18.457 -6.183  1.00 23.59  ? 601 NAG E C3  1 
HETATM 1436 C C4  . NAG B 2 .   ? 0.143   -19.254 -7.493  1.00 23.69  ? 601 NAG E C4  1 
HETATM 1437 C C5  . NAG B 2 .   ? 0.377   -18.333 -8.699  1.00 23.77  ? 601 NAG E C5  1 
HETATM 1438 C C6  . NAG B 2 .   ? 0.331   -19.057 -10.053 1.00 24.02  ? 601 NAG E C6  1 
HETATM 1439 C C7  . NAG B 2 .   ? -1.447  -16.861 -3.861  1.00 23.34  ? 601 NAG E C7  1 
HETATM 1440 C C8  . NAG B 2 .   ? -1.266  -15.896 -2.689  1.00 22.31  ? 601 NAG E C8  1 
HETATM 1441 N N2  . NAG B 2 .   ? -0.876  -16.517 -5.013  1.00 23.33  ? 601 NAG E N2  1 
HETATM 1442 O O3  . NAG B 2 .   ? -0.184  -19.388 -5.100  1.00 23.65  ? 601 NAG E O3  1 
HETATM 1443 O O4  . NAG B 2 .   ? 1.241   -20.186 -7.390  1.00 23.85  ? 601 NAG E O4  1 
HETATM 1444 O O5  . NAG B 2 .   ? -0.649  -17.266 -8.688  1.00 23.55  ? 601 NAG E O5  1 
HETATM 1445 O O6  . NAG B 2 .   ? -0.981  -19.598 -10.294 1.00 24.18  ? 601 NAG E O6  1 
HETATM 1446 O O7  . NAG B 2 .   ? -2.066  -17.916 -3.747  1.00 23.11  ? 601 NAG E O7  1 
# 
